data_6PTK
#
_entry.id   6PTK
#
_cell.length_a   124.830
_cell.length_b   110.680
_cell.length_c   175.900
_cell.angle_alpha   90.000
_cell.angle_beta   105.380
_cell.angle_gamma   90.000
#
_symmetry.space_group_name_H-M   'C 1 2 1'
#
loop_
_entity.id
_entity.type
_entity.pdbx_description
1 polymer 'exo-2S-iota carrageenan S1 sulfatase'
2 non-polymer 'SULFATE ION'
3 non-polymer 3,6-anhydro-D-galactose
4 non-polymer 4-O-sulfo-beta-D-galactopyranose
5 non-polymer 1,2-ETHANEDIOL
6 non-polymer GLYCEROL
7 non-polymer 'CALCIUM ION'
8 water water
#
_entity_poly.entity_id   1
_entity_poly.type   'polypeptide(L)'
_entity_poly.pdbx_seq_one_letter_code
;MGSSHHHHHHSSGLVPRGSHMASIKKPNVLILLFDDMRFDTFSYRNGPVSTPNIDALANEGTRFDQAMTSTGLASPSRAA
MFTGRWGHKTGLDDNVGLYHSRLSELSLSEGSVIKRATSIGYDVSYVGKWHLGAQGPALRGANFMWGHDKDEERNGRPFT
PYQTQKNVARMNAGERDKNGEKHDYYKTLPGTYADTVTAKEVNEGKLMLQNAAKSDKPFFGIVSFEQPHPPYRVPEPYAS
MYDYKDIKLPKNFGIKRKHKPMAQDDIWWPWHDVSHMSETDWRKAHSFYYGAIAMIDHAVGELINTAKEEGLYDDLHIIL
VGDQGSMLGEHNLYDKGPYAYDELMRMPLIIRDPSLEPKIINRQVSMLDIAPTLRQWMTLPLDGDEDGRSLLPLMKQGDS
ADAGKDDISLYAYEWYNGGWFGIRAIRTPEMKFVWNPGDSRDELYDLKNDPYEITNQIDNPKYKKQLTDLVHKMAGELNR
IDDPSLTKFNHHMKAFL
;
_entity_poly.pdbx_strand_id   A,B,C,D
#
# COMPACT_ATOMS: atom_id res chain seq x y z
N LYS A 26 -23.27 -4.39 -9.51
CA LYS A 26 -23.57 -5.79 -9.58
C LYS A 26 -23.27 -6.29 -11.00
N PRO A 27 -22.12 -6.94 -11.20
CA PRO A 27 -21.72 -7.40 -12.52
C PRO A 27 -22.61 -8.54 -13.04
N ASN A 28 -22.73 -8.60 -14.36
CA ASN A 28 -23.34 -9.78 -15.01
C ASN A 28 -22.36 -10.96 -14.97
N VAL A 29 -22.88 -12.14 -14.68
CA VAL A 29 -22.09 -13.38 -14.50
C VAL A 29 -22.66 -14.50 -15.36
N LEU A 30 -21.80 -15.20 -16.07
CA LEU A 30 -22.16 -16.40 -16.84
C LEU A 30 -21.24 -17.54 -16.42
N ILE A 31 -21.83 -18.66 -16.01
CA ILE A 31 -21.09 -19.90 -15.76
C ILE A 31 -21.41 -20.87 -16.90
N LEU A 32 -20.37 -21.42 -17.48
CA LEU A 32 -20.44 -22.53 -18.46
C LEU A 32 -19.84 -23.75 -17.77
N LEU A 33 -20.69 -24.69 -17.41
CA LEU A 33 -20.33 -25.87 -16.60
C LEU A 33 -20.46 -27.10 -17.48
N PHE A 34 -19.46 -27.99 -17.42
CA PHE A 34 -19.42 -29.23 -18.20
C PHE A 34 -19.27 -30.43 -17.26
N ASP A 35 -19.72 -31.56 -17.71
CA ASP A 35 -19.89 -32.81 -16.94
C ASP A 35 -18.77 -33.78 -17.33
N ASP A 36 -17.74 -33.92 -16.49
CA ASP A 36 -16.63 -34.89 -16.69
C ASP A 36 -15.65 -34.37 -17.74
N MET A 37 -15.50 -33.06 -17.85
CA MET A 37 -14.55 -32.44 -18.79
C MET A 37 -13.17 -32.37 -18.14
N ARG A 38 -12.20 -33.09 -18.72
CA ARG A 38 -10.81 -33.13 -18.22
C ARG A 38 -10.09 -31.79 -18.38
N PHE A 39 -9.02 -31.61 -17.60
CA PHE A 39 -8.21 -30.38 -17.60
C PHE A 39 -7.37 -30.28 -18.88
N ASP A 40 -7.07 -31.39 -19.53
CA ASP A 40 -5.84 -31.49 -20.38
C ASP A 40 -6.13 -31.57 -21.89
N THR A 41 -7.38 -31.59 -22.35
CA THR A 41 -7.67 -31.93 -23.77
C THR A 41 -7.42 -30.75 -24.70
N PHE A 42 -7.58 -29.53 -24.20
CA PHE A 42 -7.66 -28.27 -24.95
C PHE A 42 -6.30 -27.92 -25.57
N SER A 43 -6.36 -27.25 -26.70
CA SER A 43 -5.10 -26.83 -27.40
C SER A 43 -4.37 -25.78 -26.56
N TYR A 44 -5.04 -24.95 -25.74
CA TYR A 44 -4.31 -23.96 -24.89
C TYR A 44 -3.49 -24.69 -23.83
N ARG A 45 -3.81 -25.94 -23.50
CA ARG A 45 -3.01 -26.77 -22.54
C ARG A 45 -2.09 -27.71 -23.32
N ASN A 46 -1.84 -27.46 -24.62
CA ASN A 46 -1.00 -28.31 -25.51
C ASN A 46 -1.63 -29.68 -25.66
N GLY A 47 -2.95 -29.77 -25.54
CA GLY A 47 -3.67 -31.03 -25.68
C GLY A 47 -3.98 -31.30 -27.15
N PRO A 48 -4.55 -32.49 -27.41
CA PRO A 48 -4.72 -32.97 -28.78
C PRO A 48 -5.92 -32.42 -29.57
N VAL A 49 -6.81 -31.66 -28.93
CA VAL A 49 -8.04 -31.14 -29.61
C VAL A 49 -7.91 -29.64 -29.79
N SER A 50 -8.06 -29.21 -31.03
CA SER A 50 -8.16 -27.78 -31.39
C SER A 50 -9.45 -27.20 -30.79
N THR A 51 -9.30 -26.28 -29.85
CA THR A 51 -10.43 -25.64 -29.11
C THR A 51 -10.27 -24.12 -29.18
N PRO A 52 -10.45 -23.51 -30.37
CA PRO A 52 -10.15 -22.09 -30.50
C PRO A 52 -11.02 -21.15 -29.65
N ASN A 53 -12.31 -21.50 -29.42
CA ASN A 53 -13.21 -20.64 -28.64
C ASN A 53 -12.82 -20.69 -27.16
N ILE A 54 -12.56 -21.87 -26.66
CA ILE A 54 -12.10 -22.01 -25.23
C ILE A 54 -10.73 -21.37 -25.09
N ASP A 55 -9.83 -21.60 -26.07
CA ASP A 55 -8.48 -20.99 -26.02
C ASP A 55 -8.62 -19.48 -25.93
N ALA A 56 -9.52 -18.88 -26.72
CA ALA A 56 -9.67 -17.41 -26.73
C ALA A 56 -10.11 -16.93 -25.34
N LEU A 57 -11.03 -17.66 -24.71
CA LEU A 57 -11.49 -17.29 -23.37
C LEU A 57 -10.33 -17.42 -22.38
N ALA A 58 -9.56 -18.51 -22.47
CA ALA A 58 -8.38 -18.76 -21.62
C ALA A 58 -7.40 -17.58 -21.77
N ASN A 59 -7.23 -17.10 -23.00
CA ASN A 59 -6.22 -16.05 -23.29
C ASN A 59 -6.70 -14.70 -22.79
N GLU A 60 -8.02 -14.51 -22.67
CA GLU A 60 -8.63 -13.22 -22.26
C GLU A 60 -8.81 -13.20 -20.73
N GLY A 61 -8.85 -14.36 -20.08
CA GLY A 61 -9.22 -14.44 -18.66
C GLY A 61 -8.07 -14.89 -17.79
N THR A 62 -8.39 -15.46 -16.63
CA THR A 62 -7.41 -16.05 -15.71
C THR A 62 -7.42 -17.57 -15.87
N ARG A 63 -6.31 -18.14 -16.30
CA ARG A 63 -6.16 -19.62 -16.41
C ARG A 63 -5.80 -20.18 -15.04
N PHE A 64 -6.68 -21.02 -14.46
CA PHE A 64 -6.33 -21.82 -13.26
C PHE A 64 -5.89 -23.19 -13.74
N ASP A 65 -4.61 -23.30 -14.06
CA ASP A 65 -4.04 -24.51 -14.70
C ASP A 65 -3.82 -25.63 -13.68
N GLN A 66 -3.98 -25.39 -12.39
CA GLN A 66 -3.80 -26.42 -11.35
C GLN A 66 -5.06 -26.42 -10.47
N ALA A 67 -6.22 -26.24 -11.10
CA ALA A 67 -7.51 -26.36 -10.42
C ALA A 67 -7.82 -27.83 -10.13
N MET A 68 -8.42 -28.07 -8.98
CA MET A 68 -8.77 -29.41 -8.47
C MET A 68 -10.23 -29.40 -8.07
N THR A 69 -10.97 -30.41 -8.48
CA THR A 69 -12.36 -30.58 -7.98
C THR A 69 -12.30 -31.01 -6.50
N SER A 70 -13.43 -30.93 -5.85
CA SER A 70 -13.67 -31.36 -4.45
C SER A 70 -13.91 -32.88 -4.40
N THR A 71 -14.59 -33.44 -5.40
CA THR A 71 -14.90 -34.87 -5.52
C THR A 71 -15.08 -35.21 -6.99
N GLY A 72 -14.56 -36.37 -7.43
CA GLY A 72 -14.80 -36.87 -8.79
C GLY A 72 -16.17 -37.48 -8.95
N LEU A 73 -17.23 -36.79 -8.55
CA LEU A 73 -18.62 -37.25 -8.66
C LEU A 73 -19.53 -36.03 -8.78
N ALA A 74 -20.62 -36.10 -9.56
CA ALA A 74 -21.39 -34.89 -9.91
C ALA A 74 -22.01 -34.18 -8.69
N SER A 75 -22.95 -34.81 -7.99
CA SER A 75 -23.78 -34.04 -7.04
C SER A 75 -22.86 -33.47 -5.96
N PRO A 76 -21.90 -34.23 -5.38
CA PRO A 76 -21.05 -33.65 -4.33
C PRO A 76 -20.26 -32.45 -4.87
N SER A 77 -19.70 -32.57 -6.08
CA SER A 77 -18.88 -31.49 -6.65
C SER A 77 -19.75 -30.24 -6.88
N ARG A 78 -20.97 -30.43 -7.36
CA ARG A 78 -21.90 -29.30 -7.73
C ARG A 78 -22.43 -28.67 -6.46
N ALA A 79 -22.77 -29.47 -5.43
CA ALA A 79 -23.17 -28.89 -4.13
C ALA A 79 -22.04 -28.04 -3.57
N ALA A 80 -20.80 -28.52 -3.62
CA ALA A 80 -19.63 -27.78 -3.13
C ALA A 80 -19.47 -26.50 -3.96
N MET A 81 -19.57 -26.63 -5.29
CA MET A 81 -19.39 -25.48 -6.20
C MET A 81 -20.42 -24.38 -5.85
N PHE A 82 -21.68 -24.75 -5.76
CA PHE A 82 -22.78 -23.75 -5.64
C PHE A 82 -23.01 -23.31 -4.20
N THR A 83 -22.60 -24.08 -3.17
CA THR A 83 -22.83 -23.64 -1.76
C THR A 83 -21.56 -23.04 -1.17
N GLY A 84 -20.37 -23.49 -1.61
CA GLY A 84 -19.07 -23.10 -1.05
C GLY A 84 -18.77 -23.86 0.24
N ARG A 85 -19.51 -24.94 0.52
CA ARG A 85 -19.20 -25.80 1.68
C ARG A 85 -19.06 -27.26 1.26
N TRP A 86 -18.25 -27.98 2.04
CA TRP A 86 -18.05 -29.43 1.88
C TRP A 86 -19.32 -30.20 2.23
N GLY A 87 -19.42 -31.41 1.70
CA GLY A 87 -20.57 -32.29 1.79
C GLY A 87 -20.95 -32.59 3.24
N HIS A 88 -19.98 -32.73 4.16
CA HIS A 88 -20.37 -33.08 5.57
C HIS A 88 -21.15 -31.91 6.16
N LYS A 89 -21.04 -30.70 5.60
CA LYS A 89 -21.76 -29.53 6.14
C LYS A 89 -23.12 -29.36 5.48
N THR A 90 -23.28 -29.67 4.22
CA THR A 90 -24.58 -29.51 3.49
C THR A 90 -25.40 -30.79 3.53
N GLY A 91 -24.76 -31.92 3.86
CA GLY A 91 -25.34 -33.27 3.83
C GLY A 91 -25.29 -33.86 2.40
N LEU A 92 -24.77 -33.10 1.43
CA LEU A 92 -24.82 -33.55 0.02
C LEU A 92 -23.46 -34.17 -0.32
N ASP A 93 -23.31 -35.45 0.03
CA ASP A 93 -22.00 -36.14 -0.01
C ASP A 93 -22.03 -37.40 -0.87
N ASP A 94 -23.06 -37.54 -1.71
CA ASP A 94 -23.17 -38.62 -2.69
C ASP A 94 -23.93 -38.04 -3.87
N ASN A 95 -23.86 -38.70 -5.01
CA ASN A 95 -24.84 -38.44 -6.09
C ASN A 95 -26.26 -38.56 -5.54
N VAL A 96 -27.18 -37.81 -6.16
CA VAL A 96 -28.62 -37.99 -5.90
C VAL A 96 -29.27 -38.83 -7.00
N GLY A 97 -30.31 -39.56 -6.61
CA GLY A 97 -31.25 -40.19 -7.54
C GLY A 97 -30.66 -41.34 -8.34
N LEU A 98 -29.65 -42.05 -7.82
CA LEU A 98 -29.01 -43.18 -8.56
C LEU A 98 -28.85 -44.37 -7.61
N TYR A 99 -29.12 -45.57 -8.09
CA TYR A 99 -28.77 -46.82 -7.37
C TYR A 99 -27.32 -46.71 -6.91
N HIS A 100 -27.01 -46.97 -5.63
CA HIS A 100 -27.90 -47.17 -4.50
C HIS A 100 -27.62 -46.11 -3.44
N SER A 101 -27.51 -44.87 -3.87
CA SER A 101 -27.39 -43.68 -2.99
C SER A 101 -28.64 -43.54 -2.11
N ARG A 102 -28.45 -43.04 -0.90
CA ARG A 102 -29.55 -42.77 0.04
C ARG A 102 -30.16 -41.38 -0.25
N LEU A 103 -29.57 -40.57 -1.13
CA LEU A 103 -29.92 -39.14 -1.28
C LEU A 103 -30.78 -38.88 -2.51
N SER A 104 -31.70 -37.90 -2.37
CA SER A 104 -32.62 -37.44 -3.42
CA SER A 104 -32.58 -37.46 -3.48
C SER A 104 -32.35 -35.98 -3.81
N GLU A 105 -32.02 -35.13 -2.85
CA GLU A 105 -31.88 -33.69 -3.19
C GLU A 105 -31.01 -32.97 -2.18
N LEU A 106 -30.37 -31.91 -2.63
CA LEU A 106 -29.78 -30.89 -1.72
C LEU A 106 -30.92 -30.24 -0.96
N SER A 107 -30.78 -30.16 0.36
CA SER A 107 -31.79 -29.54 1.24
C SER A 107 -32.18 -28.17 0.72
N LEU A 108 -33.47 -27.83 0.77
CA LEU A 108 -33.89 -26.48 0.31
C LEU A 108 -33.37 -25.40 1.25
N SER A 109 -32.93 -25.74 2.46
CA SER A 109 -32.26 -24.80 3.36
C SER A 109 -30.92 -24.32 2.77
N GLU A 110 -30.35 -25.08 1.84
CA GLU A 110 -29.12 -24.70 1.12
C GLU A 110 -29.53 -23.95 -0.15
N GLY A 111 -29.73 -22.66 -0.04
CA GLY A 111 -30.21 -21.80 -1.13
C GLY A 111 -29.16 -21.67 -2.23
N SER A 112 -27.89 -21.86 -1.89
CA SER A 112 -26.71 -21.73 -2.81
C SER A 112 -26.55 -20.30 -3.30
N VAL A 113 -25.53 -20.09 -4.12
CA VAL A 113 -25.32 -18.79 -4.81
C VAL A 113 -26.59 -18.42 -5.60
N ILE A 114 -27.40 -19.38 -6.06
CA ILE A 114 -28.64 -19.07 -6.83
C ILE A 114 -29.57 -18.20 -5.97
N LYS A 115 -29.93 -18.68 -4.78
CA LYS A 115 -30.88 -17.92 -3.93
C LYS A 115 -30.21 -16.66 -3.41
N ARG A 116 -28.93 -16.73 -3.03
CA ARG A 116 -28.19 -15.57 -2.50
C ARG A 116 -28.23 -14.44 -3.53
N ALA A 117 -27.97 -14.73 -4.79
CA ALA A 117 -27.97 -13.75 -5.90
C ALA A 117 -29.40 -13.19 -6.10
N THR A 118 -30.41 -14.06 -6.05
CA THR A 118 -31.81 -13.66 -6.19
C THR A 118 -32.12 -12.66 -5.07
N SER A 119 -31.58 -12.88 -3.87
CA SER A 119 -31.95 -12.09 -2.68
C SER A 119 -31.45 -10.64 -2.79
N ILE A 120 -30.47 -10.36 -3.63
CA ILE A 120 -29.96 -8.97 -3.81
C ILE A 120 -30.32 -8.46 -5.20
N GLY A 121 -31.26 -9.09 -5.89
CA GLY A 121 -31.93 -8.50 -7.07
C GLY A 121 -31.38 -9.00 -8.40
N TYR A 122 -30.58 -10.07 -8.41
CA TYR A 122 -30.17 -10.71 -9.69
C TYR A 122 -31.35 -11.49 -10.24
N ASP A 123 -31.50 -11.44 -11.56
CA ASP A 123 -32.28 -12.44 -12.31
C ASP A 123 -31.36 -13.62 -12.59
N VAL A 124 -31.64 -14.74 -11.96
CA VAL A 124 -30.85 -15.98 -12.13
C VAL A 124 -31.59 -16.90 -13.11
N SER A 125 -30.86 -17.45 -14.08
CA SER A 125 -31.39 -18.45 -15.02
C SER A 125 -30.47 -19.68 -15.03
N TYR A 126 -31.06 -20.85 -15.23
CA TYR A 126 -30.39 -22.15 -15.23
C TYR A 126 -30.85 -22.95 -16.46
N VAL A 127 -29.87 -23.53 -17.15
CA VAL A 127 -30.11 -24.50 -18.25
C VAL A 127 -29.26 -25.73 -18.02
N GLY A 128 -29.87 -26.89 -18.16
CA GLY A 128 -29.15 -28.16 -18.37
C GLY A 128 -29.05 -28.97 -17.11
N LYS A 129 -27.92 -29.64 -16.95
CA LYS A 129 -27.73 -30.65 -15.88
C LYS A 129 -27.66 -29.92 -14.53
N TRP A 130 -28.44 -30.39 -13.57
CA TRP A 130 -28.50 -29.87 -12.19
C TRP A 130 -28.02 -30.96 -11.25
N HIS A 131 -28.77 -32.06 -11.14
CA HIS A 131 -28.34 -33.26 -10.39
C HIS A 131 -28.16 -32.88 -8.91
N LEU A 132 -29.01 -32.02 -8.37
CA LEU A 132 -29.06 -31.69 -6.93
C LEU A 132 -30.50 -31.73 -6.42
N GLY A 133 -31.37 -32.41 -7.17
CA GLY A 133 -32.78 -32.66 -6.80
C GLY A 133 -33.74 -32.01 -7.79
N ALA A 134 -34.83 -32.69 -8.07
CA ALA A 134 -35.89 -32.23 -9.01
C ALA A 134 -36.26 -30.79 -8.67
N GLN A 135 -36.38 -29.95 -9.72
CA GLN A 135 -36.88 -28.54 -9.66
C GLN A 135 -35.93 -27.64 -8.88
N GLY A 136 -34.75 -28.12 -8.47
CA GLY A 136 -33.92 -27.36 -7.51
C GLY A 136 -33.66 -25.92 -7.85
N PRO A 137 -33.26 -25.56 -9.11
CA PRO A 137 -32.93 -24.18 -9.39
C PRO A 137 -34.17 -23.27 -9.26
N ALA A 138 -35.32 -23.79 -9.69
CA ALA A 138 -36.59 -23.03 -9.65
C ALA A 138 -36.99 -22.83 -8.18
N LEU A 139 -36.88 -23.86 -7.36
CA LEU A 139 -37.22 -23.76 -5.91
C LEU A 139 -36.33 -22.71 -5.23
N ARG A 140 -35.16 -22.38 -5.79
CA ARG A 140 -34.23 -21.40 -5.16
C ARG A 140 -34.31 -20.05 -5.88
N GLY A 141 -35.31 -19.84 -6.75
CA GLY A 141 -35.60 -18.51 -7.31
C GLY A 141 -35.08 -18.31 -8.72
N ALA A 142 -34.43 -19.28 -9.34
CA ALA A 142 -33.96 -19.14 -10.74
C ALA A 142 -35.12 -19.41 -11.70
N ASN A 143 -34.98 -18.85 -12.90
CA ASN A 143 -35.73 -19.32 -14.08
C ASN A 143 -35.03 -20.58 -14.60
N PHE A 144 -35.58 -21.74 -14.28
CA PHE A 144 -35.05 -23.04 -14.74
C PHE A 144 -35.62 -23.26 -16.13
N MET A 145 -34.92 -22.75 -17.12
CA MET A 145 -35.47 -22.57 -18.49
C MET A 145 -35.66 -23.93 -19.13
N TRP A 146 -34.74 -24.87 -18.91
CA TRP A 146 -34.75 -26.15 -19.63
C TRP A 146 -33.77 -27.08 -18.94
N GLY A 147 -34.17 -28.32 -18.76
CA GLY A 147 -33.22 -29.35 -18.29
C GLY A 147 -33.92 -30.52 -17.69
N HIS A 148 -33.19 -31.63 -17.58
CA HIS A 148 -33.72 -32.92 -17.09
C HIS A 148 -34.58 -32.72 -15.84
N ASP A 149 -34.12 -31.93 -14.88
CA ASP A 149 -34.75 -31.89 -13.54
C ASP A 149 -35.89 -30.87 -13.48
N LYS A 150 -36.20 -30.19 -14.59
CA LYS A 150 -37.16 -29.05 -14.53
C LYS A 150 -38.55 -29.56 -14.17
N ASP A 151 -39.04 -30.61 -14.80
CA ASP A 151 -40.48 -30.92 -14.57
C ASP A 151 -40.63 -32.23 -13.81
N GLU A 152 -39.59 -32.69 -13.13
CA GLU A 152 -39.63 -33.95 -12.37
C GLU A 152 -40.24 -33.76 -10.98
N GLU A 153 -41.00 -34.74 -10.51
CA GLU A 153 -41.48 -34.77 -9.11
C GLU A 153 -40.27 -35.02 -8.21
N ARG A 154 -40.29 -34.49 -7.00
CA ARG A 154 -39.26 -34.75 -5.98
C ARG A 154 -39.45 -36.14 -5.37
N ASN A 155 -38.40 -36.59 -4.66
CA ASN A 155 -38.39 -37.85 -3.86
C ASN A 155 -38.64 -39.09 -4.74
N GLY A 156 -38.21 -39.06 -5.99
CA GLY A 156 -38.35 -40.20 -6.90
C GLY A 156 -37.42 -41.34 -6.51
N ARG A 157 -37.70 -42.53 -7.04
CA ARG A 157 -36.86 -43.72 -6.73
C ARG A 157 -35.54 -43.57 -7.46
N PRO A 158 -34.42 -44.01 -6.84
CA PRO A 158 -33.13 -44.01 -7.53
C PRO A 158 -33.19 -44.74 -8.87
N PHE A 159 -32.63 -44.09 -9.90
CA PHE A 159 -32.44 -44.71 -11.22
C PHE A 159 -31.50 -45.91 -11.06
N THR A 160 -31.98 -47.09 -11.42
CA THR A 160 -31.23 -48.36 -11.26
C THR A 160 -30.87 -48.88 -12.65
N PRO A 161 -29.58 -49.09 -12.93
CA PRO A 161 -29.11 -49.28 -14.32
C PRO A 161 -29.28 -50.72 -14.85
N TYR A 162 -30.51 -51.20 -14.87
CA TYR A 162 -30.90 -52.52 -15.43
C TYR A 162 -30.50 -52.62 -16.90
N GLN A 163 -30.70 -51.56 -17.68
CA GLN A 163 -30.38 -51.58 -19.13
C GLN A 163 -28.87 -51.63 -19.30
N THR A 164 -28.11 -50.78 -18.62
CA THR A 164 -26.63 -50.78 -18.74
C THR A 164 -26.11 -52.18 -18.34
N GLN A 165 -26.67 -52.75 -17.28
CA GLN A 165 -26.26 -54.07 -16.77
C GLN A 165 -26.42 -55.10 -17.89
N LYS A 166 -27.58 -55.08 -18.54
CA LYS A 166 -27.92 -56.06 -19.61
C LYS A 166 -26.94 -55.84 -20.78
N ASN A 167 -26.65 -54.59 -21.15
CA ASN A 167 -25.82 -54.28 -22.34
C ASN A 167 -24.37 -54.62 -22.05
N VAL A 168 -23.89 -54.43 -20.81
CA VAL A 168 -22.48 -54.80 -20.51
C VAL A 168 -22.40 -56.33 -20.54
N ALA A 169 -23.43 -57.06 -20.11
CA ALA A 169 -23.43 -58.53 -20.20
C ALA A 169 -23.31 -58.94 -21.70
N ARG A 170 -24.02 -58.24 -22.58
CA ARG A 170 -23.92 -58.45 -24.06
C ARG A 170 -22.46 -58.23 -24.49
N MET A 171 -21.81 -57.16 -24.02
CA MET A 171 -20.41 -56.87 -24.42
C MET A 171 -19.52 -58.04 -23.96
N ASN A 172 -19.75 -58.54 -22.77
CA ASN A 172 -18.93 -59.65 -22.21
C ASN A 172 -19.19 -60.94 -22.98
N ALA A 173 -20.33 -61.04 -23.64
CA ALA A 173 -20.70 -62.23 -24.43
C ALA A 173 -20.15 -62.09 -25.85
N GLY A 174 -19.47 -61.00 -26.17
CA GLY A 174 -18.82 -60.76 -27.46
C GLY A 174 -19.73 -60.10 -28.48
N GLU A 175 -20.88 -59.56 -28.05
CA GLU A 175 -21.74 -58.73 -28.94
C GLU A 175 -21.19 -57.30 -29.02
N ARG A 176 -21.56 -56.61 -30.09
CA ARG A 176 -21.26 -55.18 -30.30
C ARG A 176 -22.54 -54.50 -30.79
N ASP A 177 -22.53 -53.19 -30.77
CA ASP A 177 -23.67 -52.36 -31.21
C ASP A 177 -23.42 -51.93 -32.68
N LYS A 178 -24.21 -50.99 -33.15
CA LYS A 178 -24.15 -50.49 -34.55
C LYS A 178 -22.71 -50.15 -34.92
N ASN A 179 -22.27 -50.61 -36.11
CA ASN A 179 -20.95 -50.26 -36.70
C ASN A 179 -19.82 -50.78 -35.80
N GLY A 180 -20.10 -51.79 -34.97
CA GLY A 180 -19.08 -52.41 -34.11
C GLY A 180 -18.76 -51.55 -32.93
N GLU A 181 -19.57 -50.53 -32.66
CA GLU A 181 -19.34 -49.67 -31.49
C GLU A 181 -19.79 -50.39 -30.22
N LYS A 182 -19.44 -49.83 -29.06
CA LYS A 182 -19.94 -50.31 -27.76
C LYS A 182 -20.60 -49.12 -27.09
N HIS A 183 -21.92 -49.06 -27.20
CA HIS A 183 -22.70 -47.82 -26.90
C HIS A 183 -22.73 -47.49 -25.40
N ASP A 184 -22.25 -48.35 -24.52
CA ASP A 184 -22.05 -47.99 -23.08
C ASP A 184 -20.70 -47.27 -22.90
N TYR A 185 -19.89 -47.10 -23.96
CA TYR A 185 -18.53 -46.53 -23.92
C TYR A 185 -18.38 -45.41 -24.95
N TYR A 186 -18.80 -45.65 -26.19
CA TYR A 186 -18.66 -44.66 -27.28
C TYR A 186 -19.77 -44.92 -28.30
N LYS A 187 -20.27 -43.84 -28.88
CA LYS A 187 -21.46 -43.97 -29.74
C LYS A 187 -21.49 -42.84 -30.77
N THR A 188 -21.69 -43.19 -32.02
CA THR A 188 -22.05 -42.18 -33.05
C THR A 188 -23.54 -41.85 -32.90
N LEU A 189 -23.88 -40.59 -32.59
CA LEU A 189 -25.28 -40.14 -32.54
C LEU A 189 -25.75 -39.96 -33.97
N PRO A 190 -27.00 -40.32 -34.26
CA PRO A 190 -27.57 -40.01 -35.59
C PRO A 190 -27.83 -38.53 -35.71
N GLY A 191 -27.93 -38.07 -36.94
CA GLY A 191 -28.23 -36.66 -37.19
C GLY A 191 -27.03 -35.79 -37.16
N THR A 192 -27.22 -34.55 -36.75
CA THR A 192 -26.17 -33.51 -36.76
C THR A 192 -26.10 -32.84 -35.40
N TYR A 193 -25.14 -31.93 -35.26
CA TYR A 193 -25.04 -31.09 -34.05
C TYR A 193 -26.40 -30.50 -33.69
N ALA A 194 -27.14 -30.01 -34.69
CA ALA A 194 -28.40 -29.28 -34.45
C ALA A 194 -29.42 -30.14 -33.70
N ASP A 195 -29.35 -31.47 -33.78
CA ASP A 195 -30.28 -32.41 -33.14
C ASP A 195 -29.91 -32.69 -31.69
N THR A 196 -28.73 -32.29 -31.25
CA THR A 196 -28.17 -32.76 -29.95
C THR A 196 -28.80 -32.02 -28.77
N VAL A 197 -28.78 -32.68 -27.61
CA VAL A 197 -29.01 -32.02 -26.30
C VAL A 197 -28.11 -30.79 -26.18
N THR A 198 -26.84 -30.89 -26.54
CA THR A 198 -25.88 -29.76 -26.43
C THR A 198 -26.44 -28.55 -27.22
N ALA A 199 -26.90 -28.77 -28.45
CA ALA A 199 -27.43 -27.64 -29.27
C ALA A 199 -28.70 -27.06 -28.62
N LYS A 200 -29.53 -27.88 -28.01
CA LYS A 200 -30.75 -27.40 -27.34
C LYS A 200 -30.34 -26.51 -26.16
N GLU A 201 -29.34 -26.97 -25.39
CA GLU A 201 -28.83 -26.20 -24.24
C GLU A 201 -28.21 -24.90 -24.73
N VAL A 202 -27.44 -24.94 -25.80
CA VAL A 202 -26.91 -23.70 -26.41
C VAL A 202 -28.10 -22.75 -26.75
N ASN A 203 -29.12 -23.27 -27.43
CA ASN A 203 -30.27 -22.46 -27.93
C ASN A 203 -30.96 -21.79 -26.73
N GLU A 204 -31.14 -22.50 -25.63
CA GLU A 204 -31.72 -21.94 -24.39
C GLU A 204 -30.75 -20.94 -23.77
N GLY A 205 -29.44 -21.19 -23.81
CA GLY A 205 -28.43 -20.23 -23.36
C GLY A 205 -28.49 -18.94 -24.17
N LYS A 206 -28.72 -19.06 -25.48
CA LYS A 206 -28.81 -17.87 -26.35
C LYS A 206 -30.03 -17.06 -25.95
N LEU A 207 -31.16 -17.73 -25.75
CA LEU A 207 -32.41 -17.08 -25.31
C LEU A 207 -32.15 -16.38 -23.98
N MET A 208 -31.45 -17.07 -23.06
CA MET A 208 -31.12 -16.49 -21.73
C MET A 208 -30.35 -15.17 -21.92
N LEU A 209 -29.35 -15.19 -22.76
CA LEU A 209 -28.51 -13.98 -23.03
C LEU A 209 -29.33 -12.87 -23.70
N GLN A 210 -30.15 -13.24 -24.69
CA GLN A 210 -31.01 -12.26 -25.41
C GLN A 210 -31.97 -11.60 -24.43
N ASN A 211 -32.61 -12.41 -23.56
CA ASN A 211 -33.54 -11.91 -22.53
C ASN A 211 -32.76 -11.01 -21.56
N ALA A 212 -31.57 -11.40 -21.13
CA ALA A 212 -30.81 -10.64 -20.12
C ALA A 212 -30.52 -9.24 -20.67
N ALA A 213 -30.21 -9.15 -21.97
CA ALA A 213 -29.81 -7.88 -22.61
C ALA A 213 -30.98 -6.88 -22.60
N LYS A 214 -32.22 -7.34 -22.46
CA LYS A 214 -33.43 -6.47 -22.49
C LYS A 214 -33.87 -6.15 -21.07
N SER A 215 -33.19 -6.65 -20.04
CA SER A 215 -33.58 -6.43 -18.63
C SER A 215 -32.67 -5.35 -18.02
N ASP A 216 -33.21 -4.54 -17.12
CA ASP A 216 -32.40 -3.57 -16.33
C ASP A 216 -31.73 -4.32 -15.16
N LYS A 217 -32.22 -5.53 -14.80
CA LYS A 217 -31.70 -6.27 -13.61
C LYS A 217 -30.36 -6.93 -13.94
N PRO A 218 -29.46 -7.03 -12.96
CA PRO A 218 -28.22 -7.75 -13.16
C PRO A 218 -28.54 -9.22 -13.42
N PHE A 219 -27.71 -9.88 -14.22
CA PHE A 219 -27.92 -11.23 -14.76
C PHE A 219 -26.94 -12.21 -14.14
N PHE A 220 -27.41 -13.39 -13.74
CA PHE A 220 -26.55 -14.53 -13.35
C PHE A 220 -27.08 -15.74 -14.08
N GLY A 221 -26.34 -16.20 -15.07
CA GLY A 221 -26.78 -17.33 -15.89
C GLY A 221 -25.85 -18.51 -15.76
N ILE A 222 -26.45 -19.69 -15.69
CA ILE A 222 -25.70 -20.96 -15.60
C ILE A 222 -26.17 -21.84 -16.74
N VAL A 223 -25.24 -22.25 -17.59
CA VAL A 223 -25.53 -23.23 -18.67
C VAL A 223 -24.65 -24.43 -18.40
N SER A 224 -25.28 -25.54 -18.09
CA SER A 224 -24.66 -26.77 -17.56
C SER A 224 -24.89 -27.91 -18.55
N PHE A 225 -23.83 -28.35 -19.21
CA PHE A 225 -23.88 -29.39 -20.27
C PHE A 225 -23.62 -30.78 -19.73
N GLU A 226 -24.42 -31.76 -20.15
CA GLU A 226 -24.16 -33.19 -19.84
C GLU A 226 -22.87 -33.62 -20.52
N GLN A 227 -22.54 -33.05 -21.68
CA GLN A 227 -21.25 -33.39 -22.33
C GLN A 227 -20.08 -32.93 -21.46
N PRO A 228 -18.92 -33.64 -21.48
CA PRO A 228 -18.69 -34.88 -22.22
C PRO A 228 -18.83 -36.16 -21.40
N HIS A 229 -19.84 -36.22 -20.53
CA HIS A 229 -20.10 -37.41 -19.69
C HIS A 229 -20.30 -38.63 -20.61
N PRO A 230 -19.76 -39.80 -20.22
CA PRO A 230 -19.95 -41.01 -21.01
C PRO A 230 -21.37 -41.51 -21.01
N PRO A 231 -21.76 -42.41 -21.95
CA PRO A 231 -20.89 -42.88 -23.02
C PRO A 231 -20.49 -41.74 -23.95
N TYR A 232 -19.26 -41.76 -24.43
CA TYR A 232 -18.68 -40.65 -25.21
C TYR A 232 -19.36 -40.65 -26.57
N ARG A 233 -20.22 -39.65 -26.78
CA ARG A 233 -21.18 -39.71 -27.90
C ARG A 233 -21.20 -38.36 -28.62
N VAL A 234 -21.18 -38.41 -29.94
CA VAL A 234 -21.22 -37.19 -30.78
C VAL A 234 -21.82 -37.62 -32.11
N PRO A 235 -22.44 -36.68 -32.83
CA PRO A 235 -22.84 -36.98 -34.19
C PRO A 235 -21.60 -36.76 -35.07
N GLU A 236 -21.72 -37.14 -36.34
CA GLU A 236 -20.81 -36.67 -37.39
C GLU A 236 -20.93 -35.16 -37.47
N PRO A 237 -19.87 -34.44 -37.85
CA PRO A 237 -18.56 -35.03 -38.18
C PRO A 237 -17.65 -35.24 -36.94
N TYR A 238 -18.11 -34.82 -35.77
CA TYR A 238 -17.30 -34.93 -34.52
C TYR A 238 -16.94 -36.40 -34.23
N ALA A 239 -17.81 -37.35 -34.57
CA ALA A 239 -17.62 -38.79 -34.25
C ALA A 239 -16.37 -39.34 -34.97
N SER A 240 -16.01 -38.79 -36.10
CA SER A 240 -14.91 -39.34 -36.94
C SER A 240 -13.78 -38.32 -37.10
N MET A 241 -13.81 -37.19 -36.39
CA MET A 241 -12.82 -36.12 -36.67
C MET A 241 -11.43 -36.47 -36.10
N TYR A 242 -11.35 -37.28 -35.03
CA TYR A 242 -10.05 -37.77 -34.46
C TYR A 242 -9.96 -39.25 -34.76
N ASP A 243 -8.96 -39.63 -35.56
CA ASP A 243 -8.79 -41.05 -35.97
C ASP A 243 -8.29 -41.84 -34.75
N TYR A 244 -8.99 -42.90 -34.40
CA TYR A 244 -8.65 -43.74 -33.23
C TYR A 244 -7.24 -44.31 -33.40
N LYS A 245 -6.82 -44.55 -34.65
CA LYS A 245 -5.49 -45.17 -34.92
C LYS A 245 -4.36 -44.21 -34.52
N ASP A 246 -4.60 -42.89 -34.45
CA ASP A 246 -3.55 -41.87 -34.23
C ASP A 246 -3.57 -41.36 -32.79
N ILE A 247 -4.46 -41.88 -31.94
CA ILE A 247 -4.51 -41.47 -30.52
C ILE A 247 -3.19 -41.83 -29.82
N LYS A 248 -2.56 -40.88 -29.16
CA LYS A 248 -1.39 -41.13 -28.26
C LYS A 248 -1.95 -41.58 -26.92
N LEU A 249 -1.61 -42.79 -26.48
CA LEU A 249 -2.05 -43.33 -25.18
C LEU A 249 -0.97 -43.04 -24.15
N PRO A 250 -1.35 -42.61 -22.92
CA PRO A 250 -0.38 -42.20 -21.92
C PRO A 250 0.33 -43.37 -21.23
N LYS A 251 1.37 -43.05 -20.44
CA LYS A 251 2.24 -44.07 -19.81
C LYS A 251 1.40 -44.95 -18.86
N ASN A 252 0.34 -44.42 -18.25
CA ASN A 252 -0.45 -45.23 -17.29
C ASN A 252 -1.64 -45.92 -17.95
N PHE A 253 -1.79 -45.83 -19.29
CA PHE A 253 -2.86 -46.52 -20.01
C PHE A 253 -2.71 -48.04 -19.94
N GLY A 254 -3.79 -48.71 -19.55
CA GLY A 254 -4.00 -50.16 -19.72
C GLY A 254 -3.09 -51.00 -18.86
N ILE A 255 -2.47 -50.41 -17.84
CA ILE A 255 -1.54 -51.13 -16.94
C ILE A 255 -2.35 -51.98 -15.95
N LYS A 256 -1.70 -53.00 -15.39
CA LYS A 256 -2.25 -53.76 -14.24
C LYS A 256 -1.99 -52.88 -13.00
N ARG A 257 -3.01 -52.61 -12.19
CA ARG A 257 -2.80 -51.78 -10.98
C ARG A 257 -1.98 -52.60 -9.98
N LYS A 258 -0.87 -52.03 -9.53
CA LYS A 258 0.02 -52.71 -8.54
C LYS A 258 -0.16 -52.05 -7.17
N HIS A 259 -0.58 -52.84 -6.18
CA HIS A 259 -0.63 -52.40 -4.75
C HIS A 259 -1.53 -51.17 -4.66
N LYS A 260 -2.68 -51.22 -5.36
CA LYS A 260 -3.71 -50.16 -5.25
C LYS A 260 -4.88 -50.69 -4.41
N PRO A 261 -5.67 -49.76 -3.84
CA PRO A 261 -6.81 -50.14 -3.01
C PRO A 261 -7.86 -50.97 -3.76
N MET A 262 -8.60 -51.80 -3.01
CA MET A 262 -9.58 -52.74 -3.58
C MET A 262 -10.73 -51.95 -4.24
N ALA A 263 -11.05 -50.73 -3.79
CA ALA A 263 -12.21 -50.04 -4.41
C ALA A 263 -11.89 -49.72 -5.88
N GLN A 264 -10.63 -49.70 -6.30
CA GLN A 264 -10.31 -49.52 -7.74
C GLN A 264 -10.62 -50.77 -8.56
N ASP A 265 -10.85 -51.91 -7.92
CA ASP A 265 -11.09 -53.19 -8.63
C ASP A 265 -12.58 -53.41 -8.90
N ASP A 266 -13.46 -52.92 -8.03
CA ASP A 266 -14.85 -53.42 -7.96
C ASP A 266 -15.69 -52.74 -9.05
N ILE A 267 -16.70 -53.46 -9.52
CA ILE A 267 -17.55 -52.99 -10.67
C ILE A 267 -18.71 -52.22 -10.04
N TRP A 268 -18.47 -50.96 -9.67
CA TRP A 268 -19.48 -50.19 -8.92
C TRP A 268 -20.71 -49.92 -9.81
N TRP A 269 -20.45 -49.29 -10.96
CA TRP A 269 -21.47 -49.08 -12.01
C TRP A 269 -21.26 -50.17 -13.04
N PRO A 270 -22.30 -50.68 -13.74
CA PRO A 270 -22.09 -51.87 -14.55
C PRO A 270 -21.05 -51.71 -15.65
N TRP A 271 -20.86 -50.52 -16.18
CA TRP A 271 -19.90 -50.31 -17.28
C TRP A 271 -18.46 -50.29 -16.78
N HIS A 272 -18.22 -50.34 -15.46
CA HIS A 272 -16.84 -50.38 -14.94
C HIS A 272 -16.19 -51.74 -15.21
N ASP A 273 -16.97 -52.76 -15.61
CA ASP A 273 -16.36 -54.01 -16.14
C ASP A 273 -15.79 -53.70 -17.53
N VAL A 274 -14.47 -53.50 -17.61
CA VAL A 274 -13.76 -53.15 -18.88
C VAL A 274 -12.96 -54.35 -19.37
N SER A 275 -13.25 -55.54 -18.84
CA SER A 275 -12.54 -56.80 -19.19
C SER A 275 -12.73 -57.10 -20.70
N HIS A 276 -13.82 -56.64 -21.31
CA HIS A 276 -14.15 -56.89 -22.74
C HIS A 276 -13.53 -55.85 -23.67
N MET A 277 -12.90 -54.80 -23.15
CA MET A 277 -12.44 -53.66 -23.96
C MET A 277 -11.14 -54.03 -24.67
N SER A 278 -11.14 -53.96 -26.00
CA SER A 278 -9.90 -54.08 -26.81
C SER A 278 -9.14 -52.77 -26.81
N GLU A 279 -7.90 -52.77 -27.26
CA GLU A 279 -7.16 -51.51 -27.45
C GLU A 279 -7.97 -50.61 -28.40
N THR A 280 -8.55 -51.16 -29.46
CA THR A 280 -9.37 -50.39 -30.42
C THR A 280 -10.53 -49.71 -29.67
N ASP A 281 -11.22 -50.45 -28.84
CA ASP A 281 -12.32 -49.88 -28.00
C ASP A 281 -11.80 -48.71 -27.17
N TRP A 282 -10.67 -48.86 -26.50
CA TRP A 282 -10.14 -47.74 -25.69
C TRP A 282 -9.73 -46.56 -26.56
N ARG A 283 -9.15 -46.81 -27.73
CA ARG A 283 -8.72 -45.74 -28.65
C ARG A 283 -9.98 -44.98 -29.11
N LYS A 284 -11.04 -45.72 -29.43
CA LYS A 284 -12.31 -45.09 -29.84
C LYS A 284 -12.90 -44.31 -28.66
N ALA A 285 -12.78 -44.79 -27.42
CA ALA A 285 -13.26 -43.99 -26.26
C ALA A 285 -12.59 -42.63 -26.32
N HIS A 286 -11.28 -42.60 -26.61
CA HIS A 286 -10.52 -41.34 -26.74
C HIS A 286 -11.04 -40.53 -27.93
N SER A 287 -11.18 -41.15 -29.10
CA SER A 287 -11.50 -40.35 -30.31
C SER A 287 -12.90 -39.75 -30.18
N PHE A 288 -13.84 -40.45 -29.56
CA PHE A 288 -15.19 -39.92 -29.32
C PHE A 288 -15.16 -38.85 -28.23
N TYR A 289 -14.37 -39.04 -27.17
CA TYR A 289 -14.19 -37.97 -26.15
C TYR A 289 -13.63 -36.72 -26.79
N TYR A 290 -12.63 -36.86 -27.64
CA TYR A 290 -12.01 -35.70 -28.32
C TYR A 290 -13.04 -35.00 -29.23
N GLY A 291 -13.86 -35.78 -29.93
CA GLY A 291 -14.95 -35.24 -30.76
C GLY A 291 -15.94 -34.46 -29.91
N ALA A 292 -16.25 -34.98 -28.72
CA ALA A 292 -17.15 -34.29 -27.76
C ALA A 292 -16.52 -32.96 -27.33
N ILE A 293 -15.23 -32.94 -27.01
CA ILE A 293 -14.55 -31.66 -26.63
C ILE A 293 -14.61 -30.69 -27.83
N ALA A 294 -14.41 -31.17 -29.05
CA ALA A 294 -14.51 -30.30 -30.25
C ALA A 294 -15.93 -29.72 -30.36
N MET A 295 -16.94 -30.52 -30.07
CA MET A 295 -18.34 -30.05 -30.15
C MET A 295 -18.60 -29.05 -29.03
N ILE A 296 -18.01 -29.28 -27.85
CA ILE A 296 -18.14 -28.32 -26.72
C ILE A 296 -17.50 -27.01 -27.16
N ASP A 297 -16.36 -27.05 -27.83
CA ASP A 297 -15.71 -25.80 -28.25
C ASP A 297 -16.67 -24.99 -29.14
N HIS A 298 -17.35 -25.66 -30.06
CA HIS A 298 -18.36 -25.05 -30.96
C HIS A 298 -19.47 -24.40 -30.13
N ALA A 299 -20.01 -25.12 -29.14
CA ALA A 299 -21.07 -24.65 -28.24
C ALA A 299 -20.61 -23.39 -27.51
N VAL A 300 -19.37 -23.39 -26.98
CA VAL A 300 -18.84 -22.22 -26.25
C VAL A 300 -18.77 -21.03 -27.21
N GLY A 301 -18.27 -21.26 -28.42
CA GLY A 301 -18.21 -20.18 -29.42
C GLY A 301 -19.60 -19.60 -29.68
N GLU A 302 -20.62 -20.46 -29.76
CA GLU A 302 -21.98 -20.00 -30.09
C GLU A 302 -22.47 -19.08 -28.96
N LEU A 303 -22.22 -19.45 -27.71
CA LEU A 303 -22.70 -18.62 -26.57
C LEU A 303 -21.88 -17.33 -26.46
N ILE A 304 -20.57 -17.38 -26.66
CA ILE A 304 -19.71 -16.18 -26.56
C ILE A 304 -20.11 -15.21 -27.69
N ASN A 305 -20.32 -15.75 -28.89
CA ASN A 305 -20.74 -14.89 -30.05
C ASN A 305 -22.08 -14.23 -29.71
N THR A 306 -23.02 -14.95 -29.08
CA THR A 306 -24.33 -14.37 -28.73
C THR A 306 -24.11 -13.28 -27.68
N ALA A 307 -23.25 -13.51 -26.70
CA ALA A 307 -22.98 -12.48 -25.66
C ALA A 307 -22.44 -11.23 -26.37
N LYS A 308 -21.56 -11.40 -27.34
CA LYS A 308 -20.97 -10.26 -28.10
C LYS A 308 -22.07 -9.54 -28.89
N GLU A 309 -22.89 -10.28 -29.63
CA GLU A 309 -23.96 -9.71 -30.47
C GLU A 309 -24.96 -8.96 -29.59
N GLU A 310 -25.22 -9.41 -28.36
CA GLU A 310 -26.22 -8.77 -27.47
C GLU A 310 -25.61 -7.65 -26.65
N GLY A 311 -24.32 -7.36 -26.80
CA GLY A 311 -23.70 -6.22 -26.09
C GLY A 311 -23.43 -6.54 -24.61
N LEU A 312 -23.38 -7.82 -24.23
CA LEU A 312 -23.12 -8.24 -22.83
C LEU A 312 -21.65 -8.62 -22.63
N TYR A 313 -20.95 -9.01 -23.69
CA TYR A 313 -19.63 -9.68 -23.52
C TYR A 313 -18.64 -8.76 -22.83
N ASP A 314 -18.60 -7.46 -23.16
CA ASP A 314 -17.49 -6.60 -22.70
C ASP A 314 -17.42 -6.54 -21.18
N ASP A 315 -18.54 -6.62 -20.48
CA ASP A 315 -18.60 -6.51 -19.00
C ASP A 315 -18.99 -7.87 -18.37
N LEU A 316 -19.00 -8.94 -19.14
CA LEU A 316 -19.49 -10.26 -18.66
C LEU A 316 -18.37 -10.94 -17.87
N HIS A 317 -18.67 -11.32 -16.63
CA HIS A 317 -17.77 -12.06 -15.72
C HIS A 317 -18.05 -13.54 -15.93
N ILE A 318 -17.08 -14.30 -16.45
CA ILE A 318 -17.35 -15.68 -16.97
C ILE A 318 -16.56 -16.70 -16.15
N ILE A 319 -17.19 -17.83 -15.84
CA ILE A 319 -16.49 -19.02 -15.31
C ILE A 319 -16.76 -20.16 -16.27
N LEU A 320 -15.70 -20.84 -16.70
CA LEU A 320 -15.83 -22.09 -17.46
C LEU A 320 -15.17 -23.14 -16.62
N VAL A 321 -15.87 -24.22 -16.32
CA VAL A 321 -15.32 -25.21 -15.38
C VAL A 321 -15.91 -26.56 -15.71
N GLY A 322 -15.15 -27.63 -15.45
CA GLY A 322 -15.67 -29.00 -15.52
C GLY A 322 -15.90 -29.52 -14.09
N ASP A 323 -16.94 -30.33 -13.85
CA ASP A 323 -17.23 -30.71 -12.44
C ASP A 323 -16.13 -31.65 -11.91
N GLN A 324 -15.53 -32.43 -12.80
CA GLN A 324 -14.37 -33.32 -12.57
C GLN A 324 -13.91 -33.82 -13.93
N GLY A 325 -12.84 -34.60 -13.96
CA GLY A 325 -12.39 -35.22 -15.22
C GLY A 325 -13.10 -36.50 -15.53
N SER A 326 -12.38 -37.39 -16.20
CA SER A 326 -12.91 -38.65 -16.74
C SER A 326 -11.72 -39.55 -17.02
N MET A 327 -11.87 -40.82 -16.64
CA MET A 327 -10.83 -41.85 -16.89
C MET A 327 -11.06 -42.50 -18.27
N LEU A 328 -10.03 -42.44 -19.12
CA LEU A 328 -10.01 -43.04 -20.48
C LEU A 328 -9.00 -44.21 -20.50
N GLY A 329 -8.97 -45.04 -19.46
CA GLY A 329 -8.17 -46.27 -19.41
C GLY A 329 -6.88 -46.12 -18.63
N GLU A 330 -6.57 -44.94 -18.10
CA GLU A 330 -5.45 -44.76 -17.13
C GLU A 330 -5.71 -45.73 -15.98
N HIS A 331 -4.71 -46.53 -15.61
CA HIS A 331 -4.85 -47.50 -14.51
C HIS A 331 -5.93 -48.53 -14.85
N ASN A 332 -6.24 -48.67 -16.16
CA ASN A 332 -7.27 -49.58 -16.68
C ASN A 332 -8.67 -49.21 -16.12
N LEU A 333 -8.89 -47.92 -15.85
CA LEU A 333 -10.18 -47.43 -15.32
C LEU A 333 -10.91 -46.62 -16.38
N TYR A 334 -12.23 -46.70 -16.34
CA TYR A 334 -13.12 -45.98 -17.27
C TYR A 334 -14.07 -45.12 -16.45
N ASP A 335 -14.37 -43.91 -16.94
CA ASP A 335 -15.39 -43.01 -16.36
C ASP A 335 -14.86 -42.36 -15.06
N LYS A 336 -15.26 -42.91 -13.94
CA LYS A 336 -14.95 -42.39 -12.61
C LYS A 336 -15.36 -43.47 -11.63
N GLY A 337 -14.93 -43.21 -10.39
CA GLY A 337 -15.15 -44.08 -9.23
C GLY A 337 -14.48 -43.54 -7.99
N PRO A 338 -14.47 -44.32 -6.89
CA PRO A 338 -13.90 -43.83 -5.65
C PRO A 338 -12.38 -43.93 -5.64
N TYR A 339 -11.74 -42.90 -6.18
CA TYR A 339 -10.28 -42.78 -6.29
C TYR A 339 -9.89 -41.32 -6.53
N ALA A 340 -8.59 -41.05 -6.60
CA ALA A 340 -8.11 -39.65 -6.51
C ALA A 340 -7.09 -39.33 -7.60
N TYR A 341 -7.00 -40.17 -8.62
CA TYR A 341 -6.04 -39.95 -9.74
C TYR A 341 -6.26 -38.60 -10.39
N ASP A 342 -5.17 -37.99 -10.82
CA ASP A 342 -5.16 -36.62 -11.40
C ASP A 342 -6.14 -36.52 -12.57
N GLU A 343 -6.28 -37.54 -13.41
CA GLU A 343 -7.15 -37.42 -14.60
C GLU A 343 -8.59 -37.11 -14.17
N LEU A 344 -9.01 -37.60 -13.00
CA LEU A 344 -10.35 -37.33 -12.44
C LEU A 344 -10.34 -36.10 -11.53
N MET A 345 -9.33 -35.98 -10.65
CA MET A 345 -9.27 -34.93 -9.62
C MET A 345 -9.05 -33.54 -10.24
N ARG A 346 -8.20 -33.44 -11.27
CA ARG A 346 -7.92 -32.13 -11.89
C ARG A 346 -9.14 -31.70 -12.69
N MET A 347 -9.40 -30.40 -12.69
CA MET A 347 -10.51 -29.85 -13.50
C MET A 347 -10.01 -28.64 -14.26
N PRO A 348 -10.60 -28.41 -15.45
CA PRO A 348 -10.33 -27.20 -16.19
C PRO A 348 -11.05 -26.05 -15.47
N LEU A 349 -10.43 -24.90 -15.43
CA LEU A 349 -11.05 -23.68 -14.85
C LEU A 349 -10.46 -22.45 -15.52
N ILE A 350 -11.34 -21.63 -16.06
CA ILE A 350 -11.00 -20.29 -16.58
C ILE A 350 -11.96 -19.34 -15.90
N ILE A 351 -11.44 -18.27 -15.30
CA ILE A 351 -12.31 -17.21 -14.75
C ILE A 351 -11.92 -15.89 -15.42
N ARG A 352 -12.86 -15.31 -16.15
CA ARG A 352 -12.62 -14.09 -16.94
C ARG A 352 -13.32 -12.93 -16.25
N ASP A 353 -12.51 -12.01 -15.74
CA ASP A 353 -12.95 -10.75 -15.17
C ASP A 353 -12.52 -9.67 -16.17
N PRO A 354 -13.47 -8.99 -16.82
CA PRO A 354 -13.12 -8.07 -17.92
C PRO A 354 -12.28 -6.89 -17.44
N SER A 355 -12.21 -6.64 -16.14
CA SER A 355 -11.43 -5.50 -15.58
C SER A 355 -9.97 -5.88 -15.36
N LEU A 356 -9.56 -7.13 -15.54
CA LEU A 356 -8.21 -7.62 -15.17
C LEU A 356 -7.43 -8.05 -16.39
N GLU A 357 -6.10 -7.87 -16.33
CA GLU A 357 -5.16 -8.41 -17.33
C GLU A 357 -5.14 -9.92 -17.17
N PRO A 358 -5.06 -10.67 -18.28
CA PRO A 358 -4.97 -12.12 -18.21
C PRO A 358 -3.70 -12.58 -17.49
N LYS A 359 -3.82 -13.66 -16.70
CA LYS A 359 -2.66 -14.30 -16.04
C LYS A 359 -2.88 -15.80 -16.01
N ILE A 360 -1.79 -16.54 -15.92
CA ILE A 360 -1.78 -18.00 -15.72
C ILE A 360 -1.44 -18.23 -14.25
N ILE A 361 -2.32 -18.95 -13.56
CA ILE A 361 -2.14 -19.29 -12.12
C ILE A 361 -1.74 -20.75 -12.04
N ASN A 362 -0.59 -21.03 -11.45
CA ASN A 362 -0.09 -22.41 -11.24
C ASN A 362 -0.21 -22.82 -9.78
N ARG A 363 -0.60 -21.92 -8.89
CA ARG A 363 -0.99 -22.31 -7.51
C ARG A 363 -2.20 -23.22 -7.60
N GLN A 364 -2.27 -24.25 -6.75
CA GLN A 364 -3.48 -25.09 -6.75
C GLN A 364 -4.68 -24.28 -6.25
N VAL A 365 -5.83 -24.52 -6.86
CA VAL A 365 -7.12 -23.98 -6.38
C VAL A 365 -8.13 -25.12 -6.39
N SER A 366 -9.29 -24.89 -5.80
CA SER A 366 -10.31 -25.90 -5.48
C SER A 366 -11.68 -25.50 -5.98
N MET A 367 -12.53 -26.47 -6.21
CA MET A 367 -13.96 -26.23 -6.46
C MET A 367 -14.56 -25.41 -5.31
N LEU A 368 -14.03 -25.50 -4.09
CA LEU A 368 -14.59 -24.73 -2.95
C LEU A 368 -14.30 -23.23 -3.12
N ASP A 369 -13.48 -22.83 -4.10
CA ASP A 369 -13.07 -21.43 -4.29
C ASP A 369 -14.02 -20.71 -5.27
N ILE A 370 -14.94 -21.46 -5.89
CA ILE A 370 -15.86 -20.83 -6.89
C ILE A 370 -16.89 -19.96 -6.18
N ALA A 371 -17.61 -20.46 -5.16
CA ALA A 371 -18.64 -19.67 -4.47
C ALA A 371 -18.05 -18.38 -3.89
N PRO A 372 -16.90 -18.39 -3.17
CA PRO A 372 -16.36 -17.15 -2.63
C PRO A 372 -15.95 -16.14 -3.72
N THR A 373 -15.50 -16.65 -4.87
CA THR A 373 -15.15 -15.76 -6.03
C THR A 373 -16.44 -15.09 -6.52
N LEU A 374 -17.51 -15.86 -6.69
CA LEU A 374 -18.83 -15.29 -7.06
C LEU A 374 -19.29 -14.32 -5.97
N ARG A 375 -19.09 -14.68 -4.70
CA ARG A 375 -19.53 -13.83 -3.56
C ARG A 375 -18.83 -12.48 -3.66
N GLN A 376 -17.54 -12.45 -3.91
CA GLN A 376 -16.77 -11.19 -4.03
C GLN A 376 -17.23 -10.41 -5.28
N TRP A 377 -17.32 -11.04 -6.45
CA TRP A 377 -17.81 -10.38 -7.68
C TRP A 377 -19.15 -9.69 -7.42
N MET A 378 -20.11 -10.41 -6.83
CA MET A 378 -21.53 -10.04 -6.85
C MET A 378 -21.95 -9.39 -5.52
N THR A 379 -21.03 -9.29 -4.56
CA THR A 379 -21.33 -8.88 -3.16
C THR A 379 -22.49 -9.73 -2.66
N LEU A 380 -22.41 -11.06 -2.83
CA LEU A 380 -23.47 -11.94 -2.30
C LEU A 380 -23.44 -11.89 -0.77
N PRO A 381 -24.59 -11.92 -0.11
CA PRO A 381 -24.65 -12.14 1.33
C PRO A 381 -24.01 -13.50 1.63
N LEU A 382 -23.39 -13.61 2.80
CA LEU A 382 -22.86 -14.90 3.28
C LEU A 382 -23.99 -15.68 3.94
N ASP A 383 -24.20 -16.93 3.55
CA ASP A 383 -25.30 -17.76 4.14
C ASP A 383 -24.70 -18.75 5.13
N GLY A 384 -23.42 -18.64 5.41
CA GLY A 384 -22.72 -19.59 6.28
C GLY A 384 -21.25 -19.62 5.97
N ASP A 385 -20.59 -20.70 6.36
CA ASP A 385 -19.13 -20.86 6.18
C ASP A 385 -18.76 -20.75 4.68
N GLU A 386 -17.56 -20.27 4.41
CA GLU A 386 -16.86 -20.44 3.12
C GLU A 386 -15.66 -21.35 3.37
N ASP A 387 -15.72 -22.60 2.92
CA ASP A 387 -14.62 -23.56 3.09
C ASP A 387 -13.48 -23.27 2.14
N GLY A 388 -13.70 -22.48 1.09
CA GLY A 388 -12.64 -22.06 0.16
C GLY A 388 -12.31 -20.60 0.32
N ARG A 389 -11.61 -20.04 -0.66
CA ARG A 389 -11.17 -18.64 -0.63
C ARG A 389 -11.50 -17.99 -1.98
N SER A 390 -11.76 -16.70 -1.96
CA SER A 390 -11.95 -15.93 -3.22
C SER A 390 -10.67 -16.01 -4.06
N LEU A 391 -10.82 -16.17 -5.37
CA LEU A 391 -9.67 -16.24 -6.30
C LEU A 391 -9.33 -14.85 -6.82
N LEU A 392 -10.04 -13.81 -6.43
CA LEU A 392 -9.75 -12.46 -7.00
C LEU A 392 -8.31 -12.06 -6.73
N PRO A 393 -7.75 -12.21 -5.51
CA PRO A 393 -6.35 -11.86 -5.29
C PRO A 393 -5.40 -12.52 -6.30
N LEU A 394 -5.57 -13.82 -6.53
CA LEU A 394 -4.74 -14.51 -7.54
C LEU A 394 -5.01 -13.93 -8.94
N MET A 395 -6.26 -13.62 -9.27
CA MET A 395 -6.63 -13.12 -10.64
C MET A 395 -5.96 -11.76 -10.84
N LYS A 396 -5.85 -10.98 -9.76
CA LYS A 396 -5.27 -9.62 -9.81
C LYS A 396 -3.74 -9.72 -9.85
N GLN A 397 -3.14 -10.50 -8.97
CA GLN A 397 -1.68 -10.39 -8.69
C GLN A 397 -0.87 -11.52 -9.32
N GLY A 398 -1.53 -12.62 -9.71
CA GLY A 398 -0.83 -13.85 -10.10
C GLY A 398 -0.43 -14.66 -8.86
N ASP A 399 0.37 -15.70 -9.07
CA ASP A 399 0.79 -16.69 -8.05
C ASP A 399 1.32 -15.97 -6.79
N SER A 400 1.96 -14.82 -6.92
CA SER A 400 2.54 -14.12 -5.73
C SER A 400 1.47 -13.78 -4.69
N ALA A 401 0.17 -13.73 -5.03
CA ALA A 401 -0.89 -13.52 -4.02
C ALA A 401 -0.77 -14.57 -2.91
N ASP A 402 -0.25 -15.76 -3.20
CA ASP A 402 -0.18 -16.89 -2.23
C ASP A 402 1.24 -17.03 -1.68
N ALA A 403 2.12 -16.05 -1.90
CA ALA A 403 3.47 -16.04 -1.28
C ALA A 403 3.38 -16.45 0.19
N GLY A 404 4.19 -17.42 0.61
CA GLY A 404 4.25 -17.81 2.03
C GLY A 404 3.15 -18.79 2.44
N LYS A 405 2.17 -19.11 1.58
CA LYS A 405 1.12 -20.12 1.93
C LYS A 405 1.56 -21.49 1.39
N ASP A 406 1.21 -22.59 2.07
CA ASP A 406 1.46 -23.95 1.56
C ASP A 406 0.60 -24.12 0.30
N ASP A 407 1.17 -24.73 -0.73
CA ASP A 407 0.46 -24.99 -1.99
C ASP A 407 -0.18 -26.37 -1.86
N ILE A 408 -1.40 -26.43 -1.33
CA ILE A 408 -2.09 -27.73 -1.16
C ILE A 408 -3.47 -27.69 -1.81
N SER A 409 -3.99 -28.87 -2.10
CA SER A 409 -5.42 -29.05 -2.38
C SER A 409 -5.93 -30.24 -1.60
N LEU A 410 -7.19 -30.18 -1.24
CA LEU A 410 -7.90 -31.24 -0.48
C LEU A 410 -9.01 -31.80 -1.37
N TYR A 411 -9.10 -33.12 -1.42
CA TYR A 411 -10.12 -33.84 -2.21
C TYR A 411 -10.79 -34.87 -1.34
N ALA A 412 -12.10 -35.03 -1.47
CA ALA A 412 -12.85 -36.03 -0.72
C ALA A 412 -13.58 -36.97 -1.68
N TYR A 413 -13.73 -38.22 -1.27
CA TYR A 413 -14.60 -39.18 -1.97
C TYR A 413 -15.35 -40.00 -0.94
N GLU A 414 -16.31 -39.34 -0.32
CA GLU A 414 -17.06 -39.91 0.81
C GLU A 414 -17.84 -41.13 0.36
N TRP A 415 -18.51 -41.03 -0.79
CA TRP A 415 -19.46 -42.02 -1.32
C TRP A 415 -19.28 -42.14 -2.84
N TYR A 416 -19.51 -43.33 -3.37
CA TYR A 416 -19.78 -43.54 -4.80
C TYR A 416 -21.11 -44.28 -4.96
N ASN A 417 -22.19 -43.54 -5.24
CA ASN A 417 -23.50 -44.09 -5.62
C ASN A 417 -23.89 -45.18 -4.63
N GLY A 418 -23.84 -44.85 -3.34
CA GLY A 418 -24.35 -45.77 -2.30
C GLY A 418 -23.26 -46.60 -1.65
N GLY A 419 -22.05 -46.65 -2.21
CA GLY A 419 -20.88 -47.23 -1.53
C GLY A 419 -20.21 -46.16 -0.69
N TRP A 420 -19.94 -46.44 0.57
CA TRP A 420 -19.20 -45.52 1.46
C TRP A 420 -17.68 -45.82 1.40
N PHE A 421 -16.87 -44.79 1.20
CA PHE A 421 -15.39 -44.94 1.13
C PHE A 421 -14.67 -43.99 2.09
N GLY A 422 -15.21 -42.79 2.41
CA GLY A 422 -14.56 -41.86 3.33
C GLY A 422 -13.20 -41.35 2.83
N ILE A 423 -12.94 -41.40 1.52
CA ILE A 423 -11.58 -41.10 0.99
C ILE A 423 -11.24 -39.63 1.20
N ARG A 424 -10.00 -39.35 1.61
CA ARG A 424 -9.44 -37.98 1.61
C ARG A 424 -8.09 -38.02 0.92
N ALA A 425 -7.82 -37.02 0.09
CA ALA A 425 -6.49 -36.88 -0.54
C ALA A 425 -5.98 -35.47 -0.27
N ILE A 426 -4.68 -35.36 -0.02
CA ILE A 426 -3.99 -34.06 0.04
C ILE A 426 -2.94 -34.07 -1.05
N ARG A 427 -2.90 -33.00 -1.83
CA ARG A 427 -2.05 -32.94 -3.04
C ARG A 427 -1.20 -31.67 -2.93
N THR A 428 0.10 -31.86 -3.09
CA THR A 428 1.07 -30.75 -3.26
C THR A 428 1.59 -30.82 -4.67
N PRO A 429 2.40 -29.84 -5.12
CA PRO A 429 2.98 -29.93 -6.46
C PRO A 429 3.82 -31.19 -6.64
N GLU A 430 4.38 -31.75 -5.56
CA GLU A 430 5.32 -32.88 -5.68
C GLU A 430 4.77 -34.21 -5.19
N MET A 431 3.73 -34.21 -4.37
CA MET A 431 3.31 -35.46 -3.69
C MET A 431 1.78 -35.51 -3.60
N LYS A 432 1.25 -36.71 -3.48
CA LYS A 432 -0.17 -36.91 -3.13
C LYS A 432 -0.28 -38.04 -2.12
N PHE A 433 -1.01 -37.79 -1.05
CA PHE A 433 -1.35 -38.81 -0.05
C PHE A 433 -2.86 -39.03 -0.07
N VAL A 434 -3.27 -40.28 -0.21
CA VAL A 434 -4.70 -40.65 -0.24
C VAL A 434 -4.96 -41.60 0.93
N TRP A 435 -5.85 -41.19 1.80
CA TRP A 435 -6.34 -42.00 2.95
C TRP A 435 -7.60 -42.72 2.51
N ASN A 436 -7.59 -44.04 2.62
CA ASN A 436 -8.69 -44.93 2.23
C ASN A 436 -9.17 -45.64 3.50
N PRO A 437 -9.99 -44.99 4.35
CA PRO A 437 -10.32 -45.55 5.65
C PRO A 437 -11.24 -46.78 5.63
N GLY A 438 -11.83 -47.11 4.46
CA GLY A 438 -12.59 -48.35 4.30
C GLY A 438 -11.73 -49.49 3.78
N ASP A 439 -10.43 -49.31 3.79
CA ASP A 439 -9.43 -50.28 3.27
C ASP A 439 -8.29 -50.30 4.30
N SER A 440 -7.36 -51.22 4.11
CA SER A 440 -6.08 -51.25 4.84
C SER A 440 -4.98 -50.55 4.04
N ARG A 441 -5.21 -50.29 2.76
CA ARG A 441 -4.20 -49.72 1.82
C ARG A 441 -4.48 -48.25 1.54
N ASP A 442 -3.61 -47.38 2.00
CA ASP A 442 -3.54 -45.97 1.58
C ASP A 442 -2.70 -45.86 0.30
N GLU A 443 -2.65 -44.66 -0.27
CA GLU A 443 -1.81 -44.39 -1.46
C GLU A 443 -0.86 -43.24 -1.16
N LEU A 444 0.33 -43.32 -1.72
CA LEU A 444 1.30 -42.22 -1.65
C LEU A 444 2.00 -42.15 -3.01
N TYR A 445 1.86 -41.03 -3.69
CA TYR A 445 2.46 -40.86 -5.03
C TYR A 445 3.46 -39.72 -4.97
N ASP A 446 4.61 -39.96 -5.62
CA ASP A 446 5.63 -38.93 -5.88
C ASP A 446 5.33 -38.35 -7.25
N LEU A 447 4.66 -37.21 -7.32
CA LEU A 447 4.19 -36.63 -8.59
C LEU A 447 5.38 -36.06 -9.38
N LYS A 448 6.48 -35.75 -8.71
CA LYS A 448 7.69 -35.25 -9.41
C LYS A 448 8.30 -36.40 -10.23
N ASN A 449 8.51 -37.56 -9.65
CA ASN A 449 9.20 -38.70 -10.32
C ASN A 449 8.19 -39.65 -10.97
N ASP A 450 6.91 -39.56 -10.57
CA ASP A 450 5.87 -40.53 -11.01
C ASP A 450 4.57 -39.75 -11.23
N PRO A 451 4.55 -38.79 -12.16
CA PRO A 451 3.34 -37.98 -12.37
C PRO A 451 2.15 -38.81 -12.85
N TYR A 452 2.36 -40.01 -13.37
CA TYR A 452 1.30 -40.92 -13.81
C TYR A 452 0.74 -41.76 -12.64
N GLU A 453 1.26 -41.61 -11.43
CA GLU A 453 0.71 -42.23 -10.19
C GLU A 453 0.66 -43.76 -10.35
N ILE A 454 1.69 -44.35 -10.96
CA ILE A 454 1.76 -45.81 -11.20
C ILE A 454 2.21 -46.51 -9.93
N THR A 455 3.13 -45.92 -9.16
CA THR A 455 3.79 -46.65 -8.06
C THR A 455 3.31 -46.15 -6.71
N ASN A 456 2.60 -46.99 -5.99
CA ASN A 456 2.18 -46.65 -4.61
C ASN A 456 3.38 -46.77 -3.65
N GLN A 457 3.83 -45.66 -3.09
CA GLN A 457 5.03 -45.61 -2.19
C GLN A 457 4.64 -45.65 -0.72
N ILE A 458 3.39 -46.01 -0.39
CA ILE A 458 2.85 -45.95 1.01
C ILE A 458 3.74 -46.76 2.00
N ASP A 459 4.34 -47.86 1.50
CA ASP A 459 5.16 -48.79 2.34
C ASP A 459 6.66 -48.50 2.16
N ASN A 460 7.05 -47.48 1.42
CA ASN A 460 8.47 -47.23 1.11
C ASN A 460 9.05 -46.31 2.18
N PRO A 461 9.96 -46.83 3.04
CA PRO A 461 10.54 -46.00 4.10
C PRO A 461 11.29 -44.79 3.59
N LYS A 462 11.73 -44.77 2.32
CA LYS A 462 12.40 -43.58 1.77
C LYS A 462 11.43 -42.39 1.77
N TYR A 463 10.13 -42.63 1.89
CA TYR A 463 9.14 -41.54 1.84
C TYR A 463 8.56 -41.26 3.22
N LYS A 464 9.26 -41.63 4.29
CA LYS A 464 8.74 -41.42 5.68
C LYS A 464 8.55 -39.92 5.94
N LYS A 465 9.50 -39.05 5.53
CA LYS A 465 9.41 -37.59 5.80
C LYS A 465 8.20 -37.03 5.04
N GLN A 466 8.07 -37.38 3.77
CA GLN A 466 6.97 -36.88 2.92
C GLN A 466 5.62 -37.32 3.51
N LEU A 467 5.50 -38.59 3.91
CA LEU A 467 4.21 -39.08 4.42
C LEU A 467 3.89 -38.36 5.73
N THR A 468 4.88 -38.18 6.60
CA THR A 468 4.65 -37.48 7.89
C THR A 468 4.11 -36.06 7.65
N ASP A 469 4.73 -35.31 6.74
CA ASP A 469 4.36 -33.93 6.39
C ASP A 469 2.93 -33.93 5.83
N LEU A 470 2.61 -34.86 4.95
CA LEU A 470 1.27 -34.88 4.29
C LEU A 470 0.20 -35.24 5.33
N VAL A 471 0.52 -36.15 6.23
CA VAL A 471 -0.43 -36.58 7.30
C VAL A 471 -0.70 -35.36 8.18
N HIS A 472 0.31 -34.58 8.56
CA HIS A 472 0.14 -33.36 9.37
C HIS A 472 -0.74 -32.35 8.62
N LYS A 473 -0.50 -32.18 7.32
CA LYS A 473 -1.27 -31.21 6.51
C LYS A 473 -2.72 -31.68 6.42
N MET A 474 -2.94 -32.98 6.22
CA MET A 474 -4.30 -33.55 6.14
C MET A 474 -5.02 -33.32 7.48
N ALA A 475 -4.36 -33.60 8.61
CA ALA A 475 -4.99 -33.41 9.93
C ALA A 475 -5.41 -31.94 10.09
N GLY A 476 -4.52 -31.01 9.71
CA GLY A 476 -4.84 -29.59 9.82
C GLY A 476 -6.04 -29.20 8.98
N GLU A 477 -6.14 -29.72 7.76
CA GLU A 477 -7.28 -29.42 6.87
C GLU A 477 -8.55 -29.99 7.48
N LEU A 478 -8.53 -31.26 7.94
CA LEU A 478 -9.75 -31.86 8.50
C LEU A 478 -10.22 -31.04 9.71
N ASN A 479 -9.27 -30.53 10.52
CA ASN A 479 -9.62 -29.69 11.68
C ASN A 479 -10.26 -28.39 11.20
N ARG A 480 -9.65 -27.76 10.19
CA ARG A 480 -10.10 -26.45 9.69
C ARG A 480 -11.55 -26.55 9.21
N ILE A 481 -11.91 -27.60 8.48
CA ILE A 481 -13.26 -27.72 7.86
C ILE A 481 -14.20 -28.48 8.82
N ASP A 482 -13.72 -28.90 9.99
CA ASP A 482 -14.58 -29.58 11.02
C ASP A 482 -15.14 -30.89 10.44
N ASP A 483 -14.28 -31.64 9.77
CA ASP A 483 -14.62 -32.98 9.23
C ASP A 483 -14.60 -33.96 10.40
N PRO A 484 -15.72 -34.60 10.75
CA PRO A 484 -15.76 -35.50 11.89
C PRO A 484 -14.90 -36.76 11.70
N SER A 485 -14.38 -37.00 10.50
CA SER A 485 -13.50 -38.19 10.29
C SER A 485 -12.09 -37.93 10.85
N LEU A 486 -11.79 -36.74 11.34
CA LEU A 486 -10.49 -36.43 11.97
C LEU A 486 -10.26 -37.45 13.11
N THR A 487 -11.30 -37.87 13.86
CA THR A 487 -11.08 -38.81 14.99
C THR A 487 -10.51 -40.12 14.46
N LYS A 488 -11.15 -40.67 13.41
CA LYS A 488 -10.65 -41.92 12.80
C LYS A 488 -9.26 -41.70 12.21
N PHE A 489 -9.04 -40.57 11.55
CA PHE A 489 -7.76 -40.22 10.95
C PHE A 489 -6.63 -40.31 11.99
N ASN A 490 -6.87 -39.70 13.16
CA ASN A 490 -5.85 -39.67 14.24
C ASN A 490 -5.56 -41.11 14.71
N HIS A 491 -6.52 -42.02 14.69
CA HIS A 491 -6.26 -43.44 15.02
C HIS A 491 -5.44 -44.06 13.89
N HIS A 492 -5.92 -43.98 12.64
CA HIS A 492 -5.25 -44.64 11.52
C HIS A 492 -3.82 -44.15 11.36
N MET A 493 -3.57 -42.88 11.59
CA MET A 493 -2.24 -42.27 11.28
C MET A 493 -1.43 -42.02 12.56
N LYS A 494 -1.76 -42.70 13.64
CA LYS A 494 -1.16 -42.40 14.97
C LYS A 494 0.38 -42.49 14.90
N ALA A 495 0.93 -43.39 14.10
CA ALA A 495 2.40 -43.58 13.98
C ALA A 495 3.04 -42.33 13.43
N PHE A 496 2.31 -41.45 12.72
CA PHE A 496 2.90 -40.30 12.02
C PHE A 496 2.53 -38.98 12.69
N LEU A 497 1.81 -39.00 13.81
CA LEU A 497 1.38 -37.78 14.54
C LEU A 497 2.20 -37.69 15.82
N LYS B 26 7.49 -14.86 14.07
CA LYS B 26 6.44 -15.07 15.09
C LYS B 26 6.57 -13.97 16.13
N PRO B 27 5.71 -12.94 16.08
CA PRO B 27 5.80 -11.83 17.02
C PRO B 27 5.45 -12.26 18.44
N ASN B 28 6.01 -11.57 19.39
CA ASN B 28 5.59 -11.67 20.81
C ASN B 28 4.29 -10.92 20.98
N VAL B 29 3.38 -11.52 21.75
CA VAL B 29 2.03 -10.97 21.99
C VAL B 29 1.74 -10.93 23.48
N LEU B 30 1.21 -9.79 23.93
CA LEU B 30 0.72 -9.63 25.32
C LEU B 30 -0.74 -9.15 25.23
N ILE B 31 -1.62 -9.88 25.91
CA ILE B 31 -3.02 -9.45 26.11
C ILE B 31 -3.20 -9.03 27.56
N LEU B 32 -3.70 -7.82 27.76
CA LEU B 32 -4.13 -7.28 29.06
C LEU B 32 -5.65 -7.21 29.03
N LEU B 33 -6.28 -8.10 29.77
CA LEU B 33 -7.73 -8.30 29.78
C LEU B 33 -8.26 -7.87 31.13
N PHE B 34 -9.34 -7.12 31.12
CA PHE B 34 -9.97 -6.61 32.36
C PHE B 34 -11.44 -7.02 32.37
N ASP B 35 -11.96 -7.13 33.57
CA ASP B 35 -13.32 -7.69 33.83
C ASP B 35 -14.28 -6.55 34.12
N ASP B 36 -15.16 -6.23 33.17
CA ASP B 36 -16.25 -5.21 33.33
C ASP B 36 -15.69 -3.79 33.26
N MET B 37 -14.63 -3.60 32.49
CA MET B 37 -13.99 -2.29 32.29
C MET B 37 -14.69 -1.57 31.15
N ARG B 38 -15.33 -0.45 31.45
CA ARG B 38 -16.10 0.38 30.49
C ARG B 38 -15.19 1.04 29.46
N PHE B 39 -15.81 1.43 28.34
CA PHE B 39 -15.08 2.07 27.21
C PHE B 39 -14.70 3.51 27.56
N ASP B 40 -15.38 4.17 28.48
CA ASP B 40 -15.49 5.65 28.51
C ASP B 40 -14.77 6.29 29.71
N THR B 41 -14.14 5.55 30.61
CA THR B 41 -13.65 6.13 31.91
C THR B 41 -12.32 6.90 31.72
N PHE B 42 -11.54 6.47 30.73
CA PHE B 42 -10.15 6.90 30.49
C PHE B 42 -10.08 8.37 30.05
N SER B 43 -9.00 9.02 30.43
CA SER B 43 -8.78 10.41 30.01
C SER B 43 -8.57 10.50 28.48
N TYR B 44 -8.05 9.50 27.79
CA TYR B 44 -7.93 9.56 26.31
C TYR B 44 -9.30 9.56 25.65
N ARG B 45 -10.36 9.12 26.33
CA ARG B 45 -11.75 9.19 25.83
C ARG B 45 -12.48 10.37 26.45
N ASN B 46 -11.76 11.34 27.03
CA ASN B 46 -12.32 12.54 27.70
C ASN B 46 -13.14 12.10 28.93
N GLY B 47 -12.78 10.99 29.54
CA GLY B 47 -13.45 10.49 30.74
C GLY B 47 -12.87 11.11 32.01
N PRO B 48 -13.47 10.80 33.16
CA PRO B 48 -13.15 11.47 34.42
C PRO B 48 -11.91 10.99 35.17
N VAL B 49 -11.29 9.90 34.73
CA VAL B 49 -10.12 9.31 35.45
C VAL B 49 -8.87 9.57 34.62
N SER B 50 -7.89 10.20 35.25
CA SER B 50 -6.56 10.39 34.63
C SER B 50 -5.88 9.01 34.54
N THR B 51 -5.68 8.54 33.31
CA THR B 51 -5.12 7.20 33.01
C THR B 51 -3.94 7.37 32.06
N PRO B 52 -2.81 7.92 32.56
CA PRO B 52 -1.73 8.24 31.65
C PRO B 52 -1.06 7.02 30.99
N ASN B 53 -1.01 5.88 31.66
CA ASN B 53 -0.37 4.67 31.10
C ASN B 53 -1.24 4.12 29.98
N ILE B 54 -2.54 4.00 30.22
CA ILE B 54 -3.43 3.50 29.14
C ILE B 54 -3.47 4.53 28.02
N ASP B 55 -3.51 5.83 28.35
CA ASP B 55 -3.53 6.88 27.30
C ASP B 55 -2.28 6.74 26.42
N ALA B 56 -1.12 6.50 27.02
CA ALA B 56 0.15 6.36 26.26
C ALA B 56 0.04 5.18 25.30
N LEU B 57 -0.52 4.07 25.76
CA LEU B 57 -0.67 2.89 24.90
C LEU B 57 -1.64 3.23 23.76
N ALA B 58 -2.76 3.89 24.07
CA ALA B 58 -3.76 4.34 23.07
C ALA B 58 -3.06 5.21 22.02
N ASN B 59 -2.15 6.08 22.45
CA ASN B 59 -1.52 7.07 21.53
C ASN B 59 -0.46 6.38 20.67
N GLU B 60 0.09 5.25 21.13
CA GLU B 60 1.15 4.49 20.43
C GLU B 60 0.52 3.42 19.55
N GLY B 61 -0.75 3.06 19.75
CA GLY B 61 -1.34 1.87 19.11
C GLY B 61 -2.50 2.26 18.23
N THR B 62 -3.40 1.31 17.96
CA THR B 62 -4.62 1.53 17.19
C THR B 62 -5.79 1.60 18.18
N ARG B 63 -6.46 2.74 18.25
CA ARG B 63 -7.64 2.96 19.11
C ARG B 63 -8.87 2.44 18.39
N PHE B 64 -9.51 1.39 18.93
CA PHE B 64 -10.83 0.96 18.41
C PHE B 64 -11.88 1.59 19.32
N ASP B 65 -12.27 2.82 19.00
CA ASP B 65 -13.11 3.64 19.87
C ASP B 65 -14.57 3.21 19.76
N GLN B 66 -14.93 2.32 18.82
CA GLN B 66 -16.32 1.83 18.66
C GLN B 66 -16.28 0.30 18.70
N ALA B 67 -15.46 -0.24 19.58
CA ALA B 67 -15.44 -1.70 19.83
C ALA B 67 -16.68 -2.10 20.64
N MET B 68 -17.20 -3.28 20.32
CA MET B 68 -18.42 -3.85 20.92
C MET B 68 -18.07 -5.27 21.38
N THR B 69 -18.44 -5.62 22.62
CA THR B 69 -18.34 -7.02 23.05
C THR B 69 -19.40 -7.85 22.31
N SER B 70 -19.27 -9.16 22.40
CA SER B 70 -20.20 -10.16 21.84
C SER B 70 -21.38 -10.40 22.81
N THR B 71 -21.13 -10.32 24.12
CA THR B 71 -22.13 -10.49 25.18
C THR B 71 -21.64 -9.76 26.44
N GLY B 72 -22.53 -9.08 27.16
CA GLY B 72 -22.21 -8.45 28.46
C GLY B 72 -22.16 -9.46 29.60
N LEU B 73 -21.40 -10.53 29.43
CA LEU B 73 -21.25 -11.60 30.45
C LEU B 73 -19.90 -12.27 30.24
N ALA B 74 -19.22 -12.66 31.31
CA ALA B 74 -17.78 -13.07 31.22
C ALA B 74 -17.58 -14.31 30.33
N SER B 75 -18.07 -15.48 30.72
CA SER B 75 -17.64 -16.73 30.03
C SER B 75 -17.99 -16.63 28.54
N PRO B 76 -19.19 -16.18 28.16
CA PRO B 76 -19.53 -16.14 26.72
C PRO B 76 -18.57 -15.18 25.97
N SER B 77 -18.32 -14.02 26.55
CA SER B 77 -17.44 -13.01 25.89
C SER B 77 -16.04 -13.59 25.72
N ARG B 78 -15.53 -14.32 26.73
CA ARG B 78 -14.15 -14.81 26.76
C ARG B 78 -14.04 -16.03 25.83
N ALA B 79 -15.04 -16.91 25.79
CA ALA B 79 -15.05 -18.01 24.82
C ALA B 79 -15.01 -17.43 23.39
N ALA B 80 -15.78 -16.39 23.11
CA ALA B 80 -15.82 -15.75 21.78
C ALA B 80 -14.43 -15.15 21.50
N MET B 81 -13.90 -14.46 22.49
CA MET B 81 -12.57 -13.79 22.34
C MET B 81 -11.52 -14.81 21.98
N PHE B 82 -11.45 -15.92 22.72
CA PHE B 82 -10.32 -16.87 22.61
C PHE B 82 -10.56 -17.90 21.52
N THR B 83 -11.80 -18.19 21.10
CA THR B 83 -12.03 -19.20 20.04
C THR B 83 -12.26 -18.56 18.66
N GLY B 84 -12.83 -17.35 18.65
CA GLY B 84 -13.27 -16.62 17.44
C GLY B 84 -14.57 -17.17 16.88
N ARG B 85 -15.31 -17.90 17.71
CA ARG B 85 -16.67 -18.38 17.32
C ARG B 85 -17.70 -18.00 18.37
N TRP B 86 -18.93 -17.76 17.91
CA TRP B 86 -20.09 -17.49 18.75
C TRP B 86 -20.44 -18.71 19.61
N GLY B 87 -21.09 -18.44 20.74
CA GLY B 87 -21.47 -19.44 21.77
C GLY B 87 -22.30 -20.58 21.21
N HIS B 88 -23.16 -20.38 20.22
CA HIS B 88 -23.98 -21.51 19.72
C HIS B 88 -23.07 -22.53 19.05
N LYS B 89 -21.89 -22.14 18.59
CA LYS B 89 -20.94 -23.04 17.90
C LYS B 89 -20.02 -23.76 18.88
N THR B 90 -19.62 -23.13 19.96
CA THR B 90 -18.69 -23.75 20.97
C THR B 90 -19.49 -24.41 22.09
N GLY B 91 -20.77 -24.06 22.22
CA GLY B 91 -21.65 -24.44 23.33
C GLY B 91 -21.42 -23.57 24.56
N LEU B 92 -20.56 -22.56 24.49
CA LEU B 92 -20.22 -21.76 25.69
C LEU B 92 -21.01 -20.45 25.63
N ASP B 93 -22.29 -20.54 26.01
CA ASP B 93 -23.29 -19.47 25.80
C ASP B 93 -23.86 -18.93 27.11
N ASP B 94 -23.21 -19.26 28.24
CA ASP B 94 -23.57 -18.77 29.58
C ASP B 94 -22.28 -18.72 30.38
N ASN B 95 -22.29 -17.99 31.49
CA ASN B 95 -21.24 -18.11 32.50
C ASN B 95 -21.10 -19.58 32.92
N VAL B 96 -19.89 -19.97 33.27
CA VAL B 96 -19.69 -21.29 33.90
C VAL B 96 -19.61 -21.14 35.43
N GLY B 97 -20.03 -22.20 36.12
CA GLY B 97 -19.73 -22.37 37.54
C GLY B 97 -20.50 -21.42 38.45
N LEU B 98 -21.69 -20.95 38.07
CA LEU B 98 -22.47 -19.95 38.84
C LEU B 98 -23.94 -20.38 38.87
N TYR B 99 -24.58 -20.29 40.01
CA TYR B 99 -26.06 -20.45 40.12
C TYR B 99 -26.70 -19.56 39.06
N HIS B 100 -27.64 -20.06 38.25
CA HIS B 100 -28.03 -21.45 38.06
C HIS B 100 -27.75 -21.87 36.61
N SER B 101 -26.59 -21.51 36.10
CA SER B 101 -26.09 -21.93 34.79
C SER B 101 -25.97 -23.46 34.72
N ARG B 102 -26.22 -24.01 33.55
CA ARG B 102 -26.06 -25.46 33.29
C ARG B 102 -24.61 -25.80 32.98
N LEU B 103 -23.74 -24.81 32.76
CA LEU B 103 -22.38 -25.03 32.20
C LEU B 103 -21.30 -25.03 33.29
N SER B 104 -20.28 -25.85 33.05
CA SER B 104 -19.07 -25.99 33.89
C SER B 104 -17.82 -25.53 33.14
N GLU B 105 -17.67 -25.83 31.86
CA GLU B 105 -16.39 -25.54 31.19
C GLU B 105 -16.58 -25.42 29.68
N LEU B 106 -15.72 -24.63 29.06
CA LEU B 106 -15.50 -24.74 27.60
C LEU B 106 -14.91 -26.12 27.29
N SER B 107 -15.52 -26.81 26.33
CA SER B 107 -15.09 -28.15 25.86
C SER B 107 -13.58 -28.15 25.61
N LEU B 108 -12.87 -29.22 26.01
CA LEU B 108 -11.43 -29.26 25.70
C LEU B 108 -11.19 -29.43 24.19
N SER B 109 -12.21 -29.82 23.40
CA SER B 109 -12.09 -29.82 21.92
C SER B 109 -11.89 -28.40 21.39
N GLU B 110 -12.28 -27.39 22.16
CA GLU B 110 -12.04 -25.97 21.81
C GLU B 110 -10.69 -25.58 22.39
N GLY B 111 -9.62 -25.79 21.62
CA GLY B 111 -8.26 -25.52 22.10
C GLY B 111 -8.01 -24.04 22.25
N SER B 112 -8.73 -23.22 21.48
CA SER B 112 -8.63 -21.74 21.47
C SER B 112 -7.29 -21.31 20.85
N VAL B 113 -7.09 -20.00 20.75
CA VAL B 113 -5.79 -19.41 20.35
C VAL B 113 -4.68 -19.94 21.27
N ILE B 114 -4.98 -20.32 22.52
CA ILE B 114 -3.91 -20.84 23.42
C ILE B 114 -3.29 -22.11 22.83
N LYS B 115 -4.10 -23.12 22.49
CA LYS B 115 -3.55 -24.40 21.96
C LYS B 115 -3.01 -24.17 20.55
N ARG B 116 -3.69 -23.34 19.76
CA ARG B 116 -3.26 -23.08 18.37
C ARG B 116 -1.85 -22.47 18.39
N ALA B 117 -1.60 -21.51 19.28
CA ALA B 117 -0.27 -20.84 19.41
C ALA B 117 0.77 -21.86 19.90
N THR B 118 0.40 -22.67 20.88
CA THR B 118 1.30 -23.72 21.43
C THR B 118 1.68 -24.64 20.28
N SER B 119 0.75 -24.93 19.36
CA SER B 119 0.96 -25.95 18.30
C SER B 119 2.05 -25.49 17.32
N ILE B 120 2.31 -24.20 17.20
CA ILE B 120 3.35 -23.68 16.26
C ILE B 120 4.54 -23.14 17.03
N GLY B 121 4.69 -23.48 18.31
CA GLY B 121 5.95 -23.31 19.06
C GLY B 121 5.97 -22.06 19.94
N TYR B 122 4.82 -21.41 20.19
CA TYR B 122 4.77 -20.32 21.17
C TYR B 122 4.81 -20.92 22.56
N ASP B 123 5.51 -20.23 23.45
CA ASP B 123 5.35 -20.43 24.91
C ASP B 123 4.20 -19.53 25.36
N VAL B 124 3.08 -20.15 25.73
CA VAL B 124 1.87 -19.43 26.16
C VAL B 124 1.83 -19.44 27.69
N SER B 125 1.56 -18.28 28.28
CA SER B 125 1.40 -18.12 29.73
C SER B 125 0.11 -17.38 30.03
N TYR B 126 -0.54 -17.75 31.11
CA TYR B 126 -1.84 -17.21 31.53
C TYR B 126 -1.74 -16.84 33.01
N VAL B 127 -2.22 -15.65 33.34
CA VAL B 127 -2.39 -15.20 34.75
C VAL B 127 -3.80 -14.64 34.93
N GLY B 128 -4.47 -15.05 36.01
CA GLY B 128 -5.63 -14.33 36.54
C GLY B 128 -6.94 -15.00 36.13
N LYS B 129 -7.95 -14.17 35.89
CA LYS B 129 -9.32 -14.66 35.69
C LYS B 129 -9.40 -15.43 34.36
N TRP B 130 -9.97 -16.63 34.38
CA TRP B 130 -10.16 -17.48 33.19
C TRP B 130 -11.66 -17.66 32.99
N HIS B 131 -12.33 -18.31 33.94
CA HIS B 131 -13.81 -18.40 33.96
C HIS B 131 -14.27 -19.13 32.68
N LEU B 132 -13.53 -20.16 32.25
CA LEU B 132 -13.92 -21.05 31.14
C LEU B 132 -13.72 -22.51 31.51
N GLY B 133 -13.59 -22.77 32.81
CA GLY B 133 -13.47 -24.14 33.34
C GLY B 133 -12.17 -24.29 34.10
N ALA B 134 -12.21 -25.01 35.22
CA ALA B 134 -11.03 -25.32 36.05
C ALA B 134 -9.88 -25.78 35.16
N GLN B 135 -8.67 -25.27 35.44
CA GLN B 135 -7.39 -25.72 34.82
C GLN B 135 -7.34 -25.44 33.31
N GLY B 136 -8.31 -24.73 32.75
CA GLY B 136 -8.47 -24.66 31.29
C GLY B 136 -7.21 -24.22 30.55
N PRO B 137 -6.49 -23.15 30.95
CA PRO B 137 -5.32 -22.72 30.18
C PRO B 137 -4.23 -23.79 30.15
N ALA B 138 -4.07 -24.47 31.28
CA ALA B 138 -3.04 -25.50 31.43
C ALA B 138 -3.42 -26.69 30.55
N LEU B 139 -4.69 -27.08 30.55
CA LEU B 139 -5.12 -28.24 29.73
C LEU B 139 -4.91 -27.95 28.23
N ARG B 140 -4.81 -26.67 27.85
CA ARG B 140 -4.62 -26.27 26.43
C ARG B 140 -3.16 -25.91 26.16
N GLY B 141 -2.24 -26.21 27.07
CA GLY B 141 -0.80 -26.10 26.76
C GLY B 141 -0.14 -24.87 27.35
N ALA B 142 -0.87 -23.96 27.98
CA ALA B 142 -0.27 -22.76 28.60
C ALA B 142 0.36 -23.11 29.94
N ASN B 143 1.35 -22.32 30.33
CA ASN B 143 1.80 -22.19 31.74
C ASN B 143 0.79 -21.31 32.49
N PHE B 144 -0.13 -21.94 33.20
CA PHE B 144 -1.17 -21.26 34.00
C PHE B 144 -0.47 -20.86 35.30
N MET B 145 0.14 -19.68 35.29
CA MET B 145 1.13 -19.31 36.34
C MET B 145 0.42 -19.14 37.67
N TRP B 146 -0.77 -18.53 37.65
CA TRP B 146 -1.48 -18.12 38.88
C TRP B 146 -2.90 -17.78 38.49
N GLY B 147 -3.86 -18.18 39.30
CA GLY B 147 -5.24 -17.68 39.12
C GLY B 147 -6.23 -18.60 39.78
N HIS B 148 -7.42 -18.07 39.99
CA HIS B 148 -8.51 -18.76 40.73
C HIS B 148 -8.67 -20.20 40.20
N ASP B 149 -8.67 -20.39 38.89
CA ASP B 149 -9.02 -21.69 38.27
C ASP B 149 -7.83 -22.65 38.20
N LYS B 150 -6.64 -22.23 38.64
CA LYS B 150 -5.43 -23.05 38.40
C LYS B 150 -5.50 -24.40 39.10
N ASP B 151 -5.87 -24.46 40.36
CA ASP B 151 -5.71 -25.76 41.06
C ASP B 151 -7.06 -26.38 41.40
N GLU B 152 -8.12 -25.94 40.71
CA GLU B 152 -9.48 -26.42 41.01
C GLU B 152 -9.80 -27.74 40.30
N GLU B 153 -10.65 -28.54 40.90
CA GLU B 153 -11.23 -29.73 40.27
C GLU B 153 -12.24 -29.26 39.23
N ARG B 154 -12.34 -30.00 38.14
CA ARG B 154 -13.37 -29.76 37.11
C ARG B 154 -14.73 -30.25 37.59
N ASN B 155 -15.80 -29.81 36.93
CA ASN B 155 -17.19 -30.29 37.17
C ASN B 155 -17.65 -30.01 38.61
N GLY B 156 -17.19 -28.93 39.20
CA GLY B 156 -17.62 -28.52 40.54
C GLY B 156 -19.05 -28.00 40.54
N ARG B 157 -19.66 -27.92 41.73
CA ARG B 157 -21.05 -27.40 41.86
C ARG B 157 -21.03 -25.90 41.62
N PRO B 158 -22.07 -25.34 40.98
CA PRO B 158 -22.16 -23.91 40.74
C PRO B 158 -22.08 -23.11 42.05
N PHE B 159 -21.29 -22.04 42.03
CA PHE B 159 -21.23 -21.06 43.13
C PHE B 159 -22.59 -20.40 43.26
N THR B 160 -23.20 -20.52 44.43
CA THR B 160 -24.56 -20.02 44.68
C THR B 160 -24.45 -18.91 45.72
N PRO B 161 -24.95 -17.69 45.41
CA PRO B 161 -24.60 -16.49 46.17
C PRO B 161 -25.38 -16.26 47.49
N TYR B 162 -25.32 -17.24 48.37
CA TYR B 162 -25.97 -17.20 49.71
C TYR B 162 -25.48 -15.99 50.51
N GLN B 163 -24.18 -15.68 50.45
CA GLN B 163 -23.61 -14.55 51.23
C GLN B 163 -24.17 -13.23 50.67
N THR B 164 -24.11 -13.03 49.36
CA THR B 164 -24.62 -11.80 48.73
C THR B 164 -26.10 -11.65 49.07
N GLN B 165 -26.86 -12.74 48.98
CA GLN B 165 -28.32 -12.71 49.27
C GLN B 165 -28.53 -12.20 50.69
N LYS B 166 -27.78 -12.75 51.63
CA LYS B 166 -27.92 -12.39 53.07
C LYS B 166 -27.60 -10.91 53.26
N ASN B 167 -26.54 -10.43 52.61
CA ASN B 167 -26.03 -9.05 52.84
C ASN B 167 -26.94 -8.04 52.13
N VAL B 168 -27.49 -8.39 50.97
CA VAL B 168 -28.45 -7.47 50.31
C VAL B 168 -29.73 -7.39 51.17
N ALA B 169 -30.13 -8.49 51.82
CA ALA B 169 -31.28 -8.45 52.75
C ALA B 169 -30.96 -7.46 53.89
N ARG B 170 -29.73 -7.50 54.42
CA ARG B 170 -29.27 -6.54 55.45
C ARG B 170 -29.40 -5.12 54.91
N MET B 171 -28.99 -4.86 53.65
CA MET B 171 -29.10 -3.50 53.11
C MET B 171 -30.56 -3.07 53.06
N ASN B 172 -31.45 -3.97 52.68
CA ASN B 172 -32.89 -3.65 52.57
C ASN B 172 -33.49 -3.44 53.96
N ALA B 173 -32.87 -3.97 55.00
CA ALA B 173 -33.33 -3.83 56.39
C ALA B 173 -32.75 -2.54 56.98
N GLY B 174 -31.95 -1.78 56.23
CA GLY B 174 -31.43 -0.47 56.65
C GLY B 174 -30.07 -0.58 57.31
N GLU B 175 -29.40 -1.73 57.25
CA GLU B 175 -28.03 -1.89 57.76
C GLU B 175 -27.02 -1.39 56.73
N ARG B 176 -25.83 -1.04 57.23
CA ARG B 176 -24.69 -0.69 56.37
C ARG B 176 -23.48 -1.47 56.86
N ASP B 177 -22.42 -1.44 56.06
CA ASP B 177 -21.16 -2.11 56.43
C ASP B 177 -20.21 -1.07 57.01
N LYS B 178 -18.95 -1.46 57.22
CA LYS B 178 -17.92 -0.57 57.81
C LYS B 178 -17.92 0.80 57.12
N ASN B 179 -17.90 1.86 57.94
CA ASN B 179 -17.79 3.27 57.48
C ASN B 179 -19.01 3.66 56.64
N GLY B 180 -20.12 2.97 56.85
CA GLY B 180 -21.36 3.31 56.15
C GLY B 180 -21.34 2.87 54.70
N GLU B 181 -20.38 2.02 54.34
CA GLU B 181 -20.30 1.51 52.96
C GLU B 181 -21.36 0.42 52.76
N LYS B 182 -21.54 0.01 51.51
CA LYS B 182 -22.40 -1.17 51.16
C LYS B 182 -21.54 -2.13 50.36
N HIS B 183 -20.98 -3.13 51.03
CA HIS B 183 -19.88 -3.95 50.48
C HIS B 183 -20.31 -4.87 49.32
N ASP B 184 -21.60 -4.95 48.99
CA ASP B 184 -22.03 -5.63 47.75
C ASP B 184 -21.97 -4.67 46.56
N TYR B 185 -21.57 -3.41 46.77
CA TYR B 185 -21.58 -2.33 45.73
C TYR B 185 -20.25 -1.59 45.70
N TYR B 186 -19.73 -1.20 46.86
CA TYR B 186 -18.43 -0.47 46.95
C TYR B 186 -17.82 -0.75 48.31
N LYS B 187 -16.51 -0.81 48.34
CA LYS B 187 -15.79 -1.28 49.54
C LYS B 187 -14.38 -0.75 49.57
N THR B 188 -13.99 -0.22 50.73
CA THR B 188 -12.56 0.09 50.96
C THR B 188 -11.85 -1.21 51.39
N LEU B 189 -10.85 -1.65 50.65
CA LEU B 189 -10.01 -2.80 51.03
C LEU B 189 -9.02 -2.35 52.09
N PRO B 190 -8.66 -3.25 53.02
CA PRO B 190 -7.55 -2.99 53.94
C PRO B 190 -6.22 -3.01 53.21
N GLY B 191 -5.21 -2.40 53.82
CA GLY B 191 -3.85 -2.47 53.32
C GLY B 191 -3.63 -1.54 52.15
N THR B 192 -2.74 -1.92 51.25
CA THR B 192 -2.34 -1.06 50.12
C THR B 192 -2.46 -1.81 48.82
N TYR B 193 -2.19 -1.14 47.73
CA TYR B 193 -2.13 -1.77 46.40
C TYR B 193 -1.27 -3.04 46.47
N ALA B 194 -0.12 -3.01 47.17
CA ALA B 194 0.81 -4.16 47.20
C ALA B 194 0.14 -5.45 47.69
N ASP B 195 -0.91 -5.37 48.51
CA ASP B 195 -1.61 -6.52 49.12
C ASP B 195 -2.68 -7.06 48.19
N THR B 196 -2.98 -6.39 47.07
CA THR B 196 -4.17 -6.69 46.25
C THR B 196 -3.93 -7.92 45.36
N VAL B 197 -5.04 -8.52 44.95
CA VAL B 197 -5.05 -9.50 43.84
C VAL B 197 -4.43 -8.86 42.60
N THR B 198 -4.78 -7.61 42.29
CA THR B 198 -4.27 -6.91 41.09
C THR B 198 -2.74 -6.89 41.14
N ALA B 199 -2.15 -6.54 42.29
CA ALA B 199 -0.67 -6.47 42.40
C ALA B 199 -0.08 -7.87 42.24
N LYS B 200 -0.74 -8.91 42.74
CA LYS B 200 -0.24 -10.30 42.60
C LYS B 200 -0.22 -10.64 41.10
N GLU B 201 -1.30 -10.31 40.38
CA GLU B 201 -1.42 -10.59 38.94
C GLU B 201 -0.35 -9.81 38.18
N VAL B 202 -0.13 -8.56 38.56
CA VAL B 202 0.98 -7.77 37.97
C VAL B 202 2.30 -8.50 38.21
N ASN B 203 2.57 -8.89 39.46
CA ASN B 203 3.88 -9.50 39.86
C ASN B 203 4.09 -10.79 39.06
N GLU B 204 3.06 -11.60 38.84
CA GLU B 204 3.15 -12.81 37.98
C GLU B 204 3.36 -12.40 36.52
N GLY B 205 2.72 -11.33 36.06
CA GLY B 205 2.94 -10.77 34.72
C GLY B 205 4.40 -10.32 34.54
N LYS B 206 4.98 -9.74 35.59
CA LYS B 206 6.39 -9.28 35.52
C LYS B 206 7.29 -10.50 35.37
N LEU B 207 7.06 -11.53 36.20
CA LEU B 207 7.81 -12.79 36.14
C LEU B 207 7.67 -13.38 34.74
N MET B 208 6.46 -13.35 34.19
CA MET B 208 6.20 -13.91 32.83
C MET B 208 7.09 -13.19 31.82
N LEU B 209 7.13 -11.86 31.87
CA LEU B 209 7.94 -11.04 30.93
C LEU B 209 9.42 -11.29 31.15
N GLN B 210 9.87 -11.35 32.39
CA GLN B 210 11.31 -11.57 32.73
C GLN B 210 11.73 -12.94 32.20
N ASN B 211 10.90 -13.97 32.39
CA ASN B 211 11.18 -15.33 31.89
C ASN B 211 11.14 -15.32 30.36
N ALA B 212 10.21 -14.61 29.74
CA ALA B 212 10.10 -14.59 28.25
C ALA B 212 11.39 -13.98 27.66
N ALA B 213 11.94 -12.97 28.32
CA ALA B 213 13.15 -12.24 27.84
C ALA B 213 14.37 -13.19 27.83
N LYS B 214 14.35 -14.27 28.60
CA LYS B 214 15.47 -15.23 28.71
C LYS B 214 15.33 -16.36 27.68
N SER B 215 14.24 -16.40 26.93
CA SER B 215 13.98 -17.48 25.95
C SER B 215 14.15 -16.91 24.53
N ASP B 216 14.62 -17.71 23.58
CA ASP B 216 14.58 -17.36 22.14
C ASP B 216 13.18 -17.68 21.58
N LYS B 217 12.34 -18.49 22.28
CA LYS B 217 10.99 -18.90 21.79
C LYS B 217 10.00 -17.73 21.80
N PRO B 218 9.13 -17.64 20.79
CA PRO B 218 8.15 -16.56 20.73
C PRO B 218 7.19 -16.74 21.93
N PHE B 219 6.71 -15.62 22.44
N PHE B 219 6.73 -15.65 22.53
CA PHE B 219 5.96 -15.50 23.70
CA PHE B 219 5.83 -15.81 23.69
C PHE B 219 4.51 -15.10 23.41
C PHE B 219 4.51 -15.13 23.41
N PHE B 220 3.53 -15.70 24.07
CA PHE B 220 2.12 -15.25 24.05
C PHE B 220 1.67 -15.23 25.49
N GLY B 221 1.51 -14.05 26.05
CA GLY B 221 1.15 -13.90 27.47
C GLY B 221 -0.21 -13.25 27.60
N ILE B 222 -1.00 -13.76 28.54
CA ILE B 222 -2.35 -13.20 28.86
C ILE B 222 -2.35 -12.90 30.34
N VAL B 223 -2.58 -11.64 30.70
CA VAL B 223 -2.79 -11.23 32.11
C VAL B 223 -4.21 -10.70 32.19
N SER B 224 -5.04 -11.42 32.93
CA SER B 224 -6.51 -11.22 33.02
C SER B 224 -6.89 -10.84 34.44
N PHE B 225 -7.31 -9.60 34.62
CA PHE B 225 -7.60 -8.99 35.94
C PHE B 225 -9.07 -9.11 36.27
N GLU B 226 -9.38 -9.45 37.52
CA GLU B 226 -10.78 -9.42 38.00
C GLU B 226 -11.26 -7.96 38.09
N GLN B 227 -10.36 -7.00 38.32
CA GLN B 227 -10.80 -5.58 38.36
C GLN B 227 -11.24 -5.15 36.97
N PRO B 228 -12.19 -4.20 36.85
CA PRO B 228 -12.95 -3.59 37.96
C PRO B 228 -14.32 -4.21 38.24
N HIS B 229 -14.42 -5.53 38.18
CA HIS B 229 -15.70 -6.24 38.46
C HIS B 229 -16.19 -5.85 39.86
N PRO B 230 -17.51 -5.67 40.02
CA PRO B 230 -18.05 -5.33 41.35
C PRO B 230 -17.94 -6.49 42.33
N PRO B 231 -18.12 -6.24 43.65
CA PRO B 231 -18.30 -4.89 44.19
C PRO B 231 -17.05 -4.04 43.94
N TYR B 232 -17.27 -2.74 43.68
CA TYR B 232 -16.16 -1.83 43.29
C TYR B 232 -15.28 -1.60 44.51
N ARG B 233 -14.08 -2.17 44.49
CA ARG B 233 -13.29 -2.33 45.72
C ARG B 233 -11.85 -1.92 45.44
N VAL B 234 -11.30 -1.10 46.34
CA VAL B 234 -9.91 -0.63 46.17
C VAL B 234 -9.41 -0.32 47.56
N PRO B 235 -8.10 -0.40 47.75
CA PRO B 235 -7.51 0.06 49.00
C PRO B 235 -7.33 1.59 48.87
N GLU B 236 -6.99 2.23 49.98
CA GLU B 236 -6.43 3.59 49.93
C GLU B 236 -5.14 3.53 49.12
N PRO B 237 -4.73 4.62 48.45
CA PRO B 237 -5.50 5.88 48.40
C PRO B 237 -6.61 5.91 47.33
N TYR B 238 -6.72 4.84 46.53
CA TYR B 238 -7.70 4.80 45.42
C TYR B 238 -9.13 4.90 45.95
N ALA B 239 -9.40 4.38 47.15
CA ALA B 239 -10.75 4.33 47.73
C ALA B 239 -11.28 5.74 47.98
N SER B 240 -10.42 6.73 48.20
CA SER B 240 -10.87 8.11 48.53
C SER B 240 -10.40 9.12 47.48
N MET B 241 -9.90 8.67 46.35
CA MET B 241 -9.29 9.54 45.32
C MET B 241 -10.34 10.37 44.58
N TYR B 242 -11.56 9.86 44.37
CA TYR B 242 -12.67 10.53 43.64
C TYR B 242 -13.74 10.89 44.65
N ASP B 243 -13.98 12.17 44.84
CA ASP B 243 -14.98 12.66 45.78
C ASP B 243 -16.37 12.31 45.23
N TYR B 244 -17.16 11.56 45.99
CA TYR B 244 -18.49 11.10 45.51
C TYR B 244 -19.38 12.33 45.26
N LYS B 245 -19.15 13.42 46.00
CA LYS B 245 -20.00 14.64 45.88
C LYS B 245 -19.76 15.34 44.53
N ASP B 246 -18.65 15.07 43.84
CA ASP B 246 -18.26 15.76 42.58
C ASP B 246 -18.50 14.88 41.36
N ILE B 247 -19.04 13.67 41.54
CA ILE B 247 -19.32 12.77 40.39
C ILE B 247 -20.38 13.43 39.50
N LYS B 248 -20.09 13.49 38.20
CA LYS B 248 -21.05 13.93 37.16
C LYS B 248 -21.88 12.69 36.80
N LEU B 249 -23.19 12.74 37.00
CA LEU B 249 -24.11 11.63 36.68
C LEU B 249 -24.68 11.88 35.29
N PRO B 250 -24.82 10.84 34.45
CA PRO B 250 -25.28 11.04 33.08
C PRO B 250 -26.80 11.21 32.99
N LYS B 251 -27.29 11.55 31.80
CA LYS B 251 -28.72 11.91 31.58
C LYS B 251 -29.59 10.69 31.86
N ASN B 252 -29.07 9.48 31.66
CA ASN B 252 -29.90 8.25 31.88
C ASN B 252 -29.70 7.70 33.31
N PHE B 253 -28.96 8.38 34.17
CA PHE B 253 -28.83 7.96 35.60
C PHE B 253 -30.15 8.05 36.35
N GLY B 254 -30.52 6.95 37.00
CA GLY B 254 -31.55 6.89 38.05
C GLY B 254 -32.96 7.09 37.51
N ILE B 255 -33.15 6.97 36.20
CA ILE B 255 -34.48 7.19 35.58
C ILE B 255 -35.36 5.96 35.84
N LYS B 256 -36.68 6.15 35.77
CA LYS B 256 -37.64 5.01 35.75
C LYS B 256 -37.65 4.50 34.30
N ARG B 257 -37.44 3.21 34.11
CA ARG B 257 -37.40 2.65 32.74
C ARG B 257 -38.80 2.73 32.14
N LYS B 258 -38.94 3.29 30.96
CA LYS B 258 -40.24 3.44 30.28
C LYS B 258 -40.31 2.47 29.10
N HIS B 259 -41.30 1.58 29.12
CA HIS B 259 -41.58 0.67 27.99
C HIS B 259 -40.34 -0.16 27.68
N LYS B 260 -39.67 -0.67 28.73
CA LYS B 260 -38.50 -1.54 28.57
C LYS B 260 -38.90 -2.98 28.91
N PRO B 261 -38.16 -3.96 28.35
CA PRO B 261 -38.44 -5.36 28.62
C PRO B 261 -38.36 -5.75 30.11
N MET B 262 -39.14 -6.76 30.49
CA MET B 262 -39.26 -7.16 31.90
C MET B 262 -37.92 -7.73 32.41
N ALA B 263 -37.07 -8.29 31.57
CA ALA B 263 -35.78 -8.81 32.12
C ALA B 263 -34.94 -7.67 32.72
N GLN B 264 -35.18 -6.41 32.39
CA GLN B 264 -34.45 -5.29 33.03
C GLN B 264 -34.95 -5.03 34.45
N ASP B 265 -36.10 -5.58 34.83
CA ASP B 265 -36.71 -5.33 36.16
C ASP B 265 -36.30 -6.40 37.18
N ASP B 266 -36.02 -7.61 36.75
CA ASP B 266 -35.97 -8.76 37.68
C ASP B 266 -34.60 -8.80 38.39
N ILE B 267 -34.58 -9.33 39.58
CA ILE B 267 -33.39 -9.39 40.47
C ILE B 267 -32.65 -10.69 40.17
N TRP B 268 -31.90 -10.70 39.08
CA TRP B 268 -31.26 -11.95 38.63
C TRP B 268 -30.19 -12.40 39.61
N TRP B 269 -29.24 -11.50 39.88
CA TRP B 269 -28.20 -11.71 40.92
C TRP B 269 -28.67 -10.92 42.12
N PRO B 270 -28.42 -11.34 43.37
CA PRO B 270 -29.10 -10.71 44.50
C PRO B 270 -28.84 -9.21 44.63
N TRP B 271 -27.64 -8.75 44.22
CA TRP B 271 -27.29 -7.32 44.33
C TRP B 271 -28.01 -6.46 43.29
N HIS B 272 -28.74 -7.06 42.36
CA HIS B 272 -29.51 -6.28 41.37
C HIS B 272 -30.73 -5.61 42.01
N ASP B 273 -31.07 -5.94 43.23
CA ASP B 273 -32.05 -5.13 44.01
C ASP B 273 -31.35 -3.86 44.46
N VAL B 274 -31.60 -2.75 43.78
CA VAL B 274 -30.99 -1.44 44.06
C VAL B 274 -32.03 -0.50 44.67
N SER B 275 -33.15 -1.04 45.14
CA SER B 275 -34.25 -0.28 45.80
C SER B 275 -33.73 0.46 47.04
N HIS B 276 -32.68 -0.05 47.70
CA HIS B 276 -32.13 0.51 48.97
C HIS B 276 -31.04 1.56 48.68
N MET B 277 -30.65 1.75 47.41
CA MET B 277 -29.51 2.61 47.07
C MET B 277 -29.93 4.06 47.12
N SER B 278 -29.27 4.86 47.94
CA SER B 278 -29.44 6.34 47.90
C SER B 278 -28.65 6.93 46.74
N GLU B 279 -28.87 8.23 46.47
CA GLU B 279 -28.00 8.88 45.48
C GLU B 279 -26.54 8.84 45.96
N THR B 280 -26.27 9.03 47.25
CA THR B 280 -24.90 8.92 47.81
C THR B 280 -24.32 7.53 47.51
N ASP B 281 -25.07 6.48 47.72
CA ASP B 281 -24.59 5.11 47.41
C ASP B 281 -24.25 5.00 45.93
N TRP B 282 -25.09 5.52 45.03
CA TRP B 282 -24.75 5.44 43.59
C TRP B 282 -23.49 6.25 43.27
N ARG B 283 -23.36 7.43 43.91
CA ARG B 283 -22.20 8.32 43.68
C ARG B 283 -20.93 7.58 44.13
N LYS B 284 -21.00 6.92 45.29
CA LYS B 284 -19.86 6.16 45.83
C LYS B 284 -19.55 4.97 44.91
N ALA B 285 -20.56 4.29 44.35
CA ALA B 285 -20.28 3.20 43.39
C ALA B 285 -19.45 3.79 42.24
N HIS B 286 -19.74 5.01 41.81
CA HIS B 286 -18.91 5.70 40.78
C HIS B 286 -17.51 5.98 41.32
N SER B 287 -17.41 6.57 42.51
CA SER B 287 -16.12 6.97 43.12
C SER B 287 -15.19 5.76 43.19
N PHE B 288 -15.73 4.63 43.65
CA PHE B 288 -14.94 3.39 43.82
C PHE B 288 -14.62 2.79 42.45
N TYR B 289 -15.55 2.83 41.49
CA TYR B 289 -15.26 2.37 40.12
C TYR B 289 -14.09 3.18 39.54
N TYR B 290 -14.15 4.49 39.73
CA TYR B 290 -13.07 5.38 39.20
C TYR B 290 -11.75 5.06 39.91
N GLY B 291 -11.76 4.81 41.21
CA GLY B 291 -10.57 4.39 41.98
C GLY B 291 -9.99 3.10 41.43
N ALA B 292 -10.86 2.17 41.06
CA ALA B 292 -10.45 0.90 40.47
C ALA B 292 -9.82 1.15 39.09
N ILE B 293 -10.38 2.02 38.28
CA ILE B 293 -9.76 2.35 36.96
C ILE B 293 -8.40 3.03 37.20
N ALA B 294 -8.29 3.90 38.20
CA ALA B 294 -6.98 4.53 38.54
C ALA B 294 -5.97 3.43 38.91
N MET B 295 -6.39 2.44 39.68
CA MET B 295 -5.45 1.38 40.11
C MET B 295 -5.10 0.52 38.89
N ILE B 296 -6.06 0.29 37.98
CA ILE B 296 -5.77 -0.46 36.74
C ILE B 296 -4.73 0.31 35.96
N ASP B 297 -4.87 1.64 35.85
CA ASP B 297 -3.87 2.39 35.05
C ASP B 297 -2.47 2.16 35.63
N HIS B 298 -2.33 2.14 36.96
CA HIS B 298 -1.05 1.85 37.65
C HIS B 298 -0.53 0.45 37.27
N ALA B 299 -1.41 -0.55 37.31
CA ALA B 299 -1.08 -1.96 36.95
C ALA B 299 -0.57 -2.02 35.51
N VAL B 300 -1.25 -1.33 34.59
CA VAL B 300 -0.86 -1.35 33.17
C VAL B 300 0.54 -0.74 33.06
N GLY B 301 0.75 0.41 33.71
CA GLY B 301 2.08 1.05 33.73
C GLY B 301 3.15 0.08 34.23
N GLU B 302 2.86 -0.69 35.27
CA GLU B 302 3.87 -1.60 35.85
C GLU B 302 4.24 -2.65 34.81
N LEU B 303 3.28 -3.19 34.06
CA LEU B 303 3.62 -4.25 33.07
C LEU B 303 4.30 -3.66 31.86
N ILE B 304 3.86 -2.49 31.37
CA ILE B 304 4.49 -1.86 30.18
C ILE B 304 5.93 -1.48 30.56
N ASN B 305 6.12 -0.93 31.76
CA ASN B 305 7.50 -0.54 32.21
C ASN B 305 8.37 -1.77 32.31
N THR B 306 7.85 -2.90 32.78
CA THR B 306 8.63 -4.15 32.86
C THR B 306 8.98 -4.59 31.44
N ALA B 307 8.03 -4.52 30.51
CA ALA B 307 8.32 -4.92 29.12
C ALA B 307 9.45 -4.05 28.59
N LYS B 308 9.43 -2.75 28.88
CA LYS B 308 10.51 -1.82 28.43
C LYS B 308 11.84 -2.20 29.06
N GLU B 309 11.86 -2.43 30.38
CA GLU B 309 13.11 -2.74 31.11
C GLU B 309 13.69 -4.04 30.59
N GLU B 310 12.86 -5.02 30.18
CA GLU B 310 13.34 -6.34 29.71
C GLU B 310 13.68 -6.32 28.23
N GLY B 311 13.53 -5.20 27.54
CA GLY B 311 13.86 -5.07 26.11
C GLY B 311 12.84 -5.75 25.21
N LEU B 312 11.61 -5.97 25.69
CA LEU B 312 10.54 -6.65 24.88
C LEU B 312 9.57 -5.64 24.28
N TYR B 313 9.48 -4.42 24.82
CA TYR B 313 8.38 -3.51 24.47
C TYR B 313 8.45 -3.12 23.00
N ASP B 314 9.65 -2.88 22.46
CA ASP B 314 9.75 -2.26 21.12
C ASP B 314 9.14 -3.20 20.06
N ASP B 315 9.15 -4.52 20.25
CA ASP B 315 8.57 -5.47 19.25
C ASP B 315 7.28 -6.13 19.78
N LEU B 316 6.76 -5.66 20.91
CA LEU B 316 5.65 -6.37 21.60
C LEU B 316 4.33 -5.95 20.93
N HIS B 317 3.55 -6.94 20.50
CA HIS B 317 2.21 -6.76 19.91
C HIS B 317 1.21 -6.90 21.08
N ILE B 318 0.47 -5.84 21.37
CA ILE B 318 -0.31 -5.69 22.63
C ILE B 318 -1.79 -5.56 22.27
N ILE B 319 -2.64 -6.25 23.03
CA ILE B 319 -4.11 -6.00 23.04
C ILE B 319 -4.48 -5.65 24.47
N LEU B 320 -5.16 -4.53 24.67
CA LEU B 320 -5.78 -4.20 25.95
C LEU B 320 -7.28 -4.16 25.69
N VAL B 321 -8.04 -4.91 26.48
CA VAL B 321 -9.48 -5.01 26.18
C VAL B 321 -10.23 -5.29 27.50
N GLY B 322 -11.46 -4.79 27.58
CA GLY B 322 -12.39 -5.15 28.65
C GLY B 322 -13.38 -6.17 28.14
N ASP B 323 -13.79 -7.16 28.96
CA ASP B 323 -14.67 -8.23 28.40
C ASP B 323 -16.06 -7.66 28.08
N GLN B 324 -16.48 -6.65 28.83
CA GLN B 324 -17.70 -5.84 28.63
C GLN B 324 -17.62 -4.66 29.60
N GLY B 325 -18.61 -3.78 29.57
CA GLY B 325 -18.68 -2.67 30.51
C GLY B 325 -19.30 -3.06 31.85
N SER B 326 -19.94 -2.08 32.46
CA SER B 326 -20.51 -2.16 33.81
C SER B 326 -21.53 -1.04 33.93
N MET B 327 -22.68 -1.37 34.48
CA MET B 327 -23.76 -0.38 34.72
C MET B 327 -23.57 0.28 36.10
N LEU B 328 -23.50 1.61 36.11
CA LEU B 328 -23.36 2.45 37.32
C LEU B 328 -24.64 3.26 37.54
N GLY B 329 -25.82 2.66 37.34
CA GLY B 329 -27.11 3.32 37.61
C GLY B 329 -27.79 3.89 36.39
N GLU B 330 -27.18 3.80 35.22
CA GLU B 330 -27.86 4.11 33.93
C GLU B 330 -29.11 3.23 33.87
N HIS B 331 -30.27 3.83 33.58
CA HIS B 331 -31.56 3.08 33.54
C HIS B 331 -31.84 2.42 34.89
N ASN B 332 -31.25 2.96 35.95
CA ASN B 332 -31.35 2.44 37.34
C ASN B 332 -30.82 1.00 37.43
N LEU B 333 -29.85 0.63 36.60
CA LEU B 333 -29.25 -0.73 36.61
C LEU B 333 -27.85 -0.70 37.20
N TYR B 334 -27.49 -1.78 37.88
CA TYR B 334 -26.15 -1.95 38.47
C TYR B 334 -25.51 -3.21 37.88
N ASP B 335 -24.19 -3.18 37.67
CA ASP B 335 -23.40 -4.36 37.25
C ASP B 335 -23.71 -4.68 35.77
N LYS B 336 -24.49 -5.72 35.56
CA LYS B 336 -24.81 -6.25 34.24
C LYS B 336 -26.03 -7.14 34.42
N GLY B 337 -26.55 -7.52 33.30
CA GLY B 337 -27.77 -8.34 33.16
C GLY B 337 -28.15 -8.53 31.69
N PRO B 338 -29.25 -9.26 31.42
CA PRO B 338 -29.67 -9.54 30.06
C PRO B 338 -30.29 -8.31 29.37
N TYR B 339 -29.44 -7.51 28.75
CA TYR B 339 -29.82 -6.26 28.03
C TYR B 339 -28.59 -5.77 27.25
N ALA B 340 -28.80 -4.71 26.45
CA ALA B 340 -27.86 -4.42 25.34
C ALA B 340 -27.42 -2.95 25.39
N TYR B 341 -27.62 -2.27 26.52
CA TYR B 341 -27.29 -0.82 26.63
C TYR B 341 -25.81 -0.62 26.34
N ASP B 342 -25.50 0.52 25.71
CA ASP B 342 -24.11 0.85 25.32
C ASP B 342 -23.12 0.75 26.50
N GLU B 343 -23.52 1.16 27.70
CA GLU B 343 -22.57 1.18 28.84
C GLU B 343 -22.04 -0.24 29.11
N LEU B 344 -22.82 -1.26 28.79
CA LEU B 344 -22.39 -2.68 28.94
C LEU B 344 -21.83 -3.23 27.62
N MET B 345 -22.49 -2.95 26.50
CA MET B 345 -22.14 -3.51 25.18
C MET B 345 -20.79 -2.97 24.65
N ARG B 346 -20.54 -1.68 24.84
CA ARG B 346 -19.29 -1.09 24.34
C ARG B 346 -18.13 -1.59 25.20
N MET B 347 -16.97 -1.79 24.58
CA MET B 347 -15.78 -2.23 25.31
C MET B 347 -14.62 -1.36 24.88
N PRO B 348 -13.67 -1.14 25.82
CA PRO B 348 -12.41 -0.53 25.47
C PRO B 348 -11.57 -1.53 24.69
N LEU B 349 -10.89 -1.04 23.64
CA LEU B 349 -9.98 -1.88 22.87
C LEU B 349 -8.87 -0.99 22.31
N ILE B 350 -7.65 -1.39 22.61
CA ILE B 350 -6.41 -0.81 22.02
C ILE B 350 -5.64 -1.99 21.51
N ILE B 351 -5.22 -1.92 20.24
CA ILE B 351 -4.30 -2.96 19.68
C ILE B 351 -3.06 -2.23 19.16
N ARG B 352 -1.93 -2.55 19.74
CA ARG B 352 -0.64 -1.91 19.42
C ARG B 352 0.20 -2.90 18.61
N ASP B 353 0.43 -2.57 17.35
CA ASP B 353 1.35 -3.28 16.46
C ASP B 353 2.52 -2.31 16.25
N PRO B 354 3.71 -2.66 16.74
CA PRO B 354 4.83 -1.71 16.78
C PRO B 354 5.28 -1.31 15.36
N SER B 355 4.87 -2.06 14.34
CA SER B 355 5.27 -1.80 12.93
C SER B 355 4.36 -0.76 12.30
N LEU B 356 3.26 -0.32 12.95
CA LEU B 356 2.24 0.52 12.31
C LEU B 356 2.18 1.90 12.95
N GLU B 357 1.82 2.89 12.14
CA GLU B 357 1.52 4.25 12.63
C GLU B 357 0.21 4.18 13.41
N PRO B 358 0.11 4.91 14.54
CA PRO B 358 -1.11 4.92 15.33
C PRO B 358 -2.24 5.57 14.54
N LYS B 359 -3.46 5.07 14.71
CA LYS B 359 -4.67 5.56 14.07
C LYS B 359 -5.83 5.34 15.04
N ILE B 360 -6.84 6.17 14.91
CA ILE B 360 -8.15 6.04 15.59
C ILE B 360 -9.13 5.44 14.58
N ILE B 361 -9.74 4.33 14.98
CA ILE B 361 -10.77 3.61 14.16
C ILE B 361 -12.14 3.89 14.76
N ASN B 362 -13.03 4.47 13.98
CA ASN B 362 -14.41 4.77 14.41
C ASN B 362 -15.40 3.77 13.80
N ARG B 363 -14.97 2.93 12.88
CA ARG B 363 -15.80 1.80 12.41
C ARG B 363 -16.07 0.86 13.60
N GLN B 364 -17.27 0.30 13.67
CA GLN B 364 -17.53 -0.67 14.76
C GLN B 364 -16.69 -1.92 14.53
N VAL B 365 -16.24 -2.49 15.63
CA VAL B 365 -15.54 -3.80 15.61
C VAL B 365 -16.10 -4.61 16.80
N SER B 366 -15.75 -5.89 16.83
CA SER B 366 -16.43 -6.90 17.69
C SER B 366 -15.39 -7.71 18.45
N MET B 367 -15.79 -8.23 19.60
CA MET B 367 -14.98 -9.25 20.30
C MET B 367 -14.66 -10.44 19.38
N LEU B 368 -15.49 -10.73 18.40
CA LEU B 368 -15.22 -11.84 17.44
C LEU B 368 -14.04 -11.51 16.51
N ASP B 369 -13.53 -10.29 16.55
CA ASP B 369 -12.42 -9.87 15.64
C ASP B 369 -11.07 -10.05 16.33
N ILE B 370 -11.05 -10.38 17.61
CA ILE B 370 -9.75 -10.52 18.34
C ILE B 370 -9.02 -11.80 17.89
N ALA B 371 -9.67 -12.97 17.84
CA ALA B 371 -8.99 -14.22 17.44
C ALA B 371 -8.43 -14.10 16.02
N PRO B 372 -9.17 -13.58 15.02
CA PRO B 372 -8.60 -13.48 13.67
C PRO B 372 -7.42 -12.51 13.61
N THR B 373 -7.44 -11.45 14.43
CA THR B 373 -6.30 -10.51 14.52
C THR B 373 -5.09 -11.28 15.06
N LEU B 374 -5.25 -12.04 16.14
CA LEU B 374 -4.16 -12.89 16.67
C LEU B 374 -3.73 -13.91 15.60
N ARG B 375 -4.68 -14.48 14.86
CA ARG B 375 -4.39 -15.53 13.86
C ARG B 375 -3.48 -14.91 12.78
N GLN B 376 -3.80 -13.69 12.34
CA GLN B 376 -2.98 -12.99 11.30
C GLN B 376 -1.60 -12.61 11.88
N TRP B 377 -1.53 -12.02 13.06
CA TRP B 377 -0.23 -11.67 13.70
C TRP B 377 0.66 -12.89 13.77
N MET B 378 0.13 -14.01 14.26
CA MET B 378 0.94 -15.15 14.76
C MET B 378 1.01 -16.26 13.71
N THR B 379 0.32 -16.11 12.59
CA THR B 379 0.09 -17.18 11.58
C THR B 379 -0.44 -18.42 12.32
N LEU B 380 -1.49 -18.26 13.11
CA LEU B 380 -2.11 -19.44 13.78
C LEU B 380 -2.79 -20.31 12.73
N PRO B 381 -2.72 -21.64 12.87
CA PRO B 381 -3.54 -22.53 12.08
C PRO B 381 -5.02 -22.24 12.40
N LEU B 382 -5.89 -22.43 11.41
CA LEU B 382 -7.34 -22.28 11.60
C LEU B 382 -7.88 -23.58 12.18
N ASP B 383 -8.66 -23.52 13.27
CA ASP B 383 -9.21 -24.75 13.88
C ASP B 383 -10.69 -24.88 13.54
N GLY B 384 -11.20 -24.00 12.67
CA GLY B 384 -12.61 -23.94 12.37
C GLY B 384 -13.00 -22.57 11.85
N ASP B 385 -14.29 -22.28 11.97
CA ASP B 385 -14.84 -21.00 11.47
C ASP B 385 -14.15 -19.83 12.19
N GLU B 386 -14.10 -18.69 11.53
CA GLU B 386 -13.81 -17.36 12.10
C GLU B 386 -15.05 -16.52 11.87
N ASP B 387 -15.84 -16.30 12.91
CA ASP B 387 -17.11 -15.53 12.81
C ASP B 387 -16.82 -14.04 12.70
N GLY B 388 -15.60 -13.60 13.05
CA GLY B 388 -15.18 -12.20 12.92
C GLY B 388 -14.17 -12.02 11.79
N ARG B 389 -13.50 -10.89 11.78
CA ARG B 389 -12.54 -10.53 10.72
C ARG B 389 -11.27 -10.00 11.39
N SER B 390 -10.13 -10.19 10.73
CA SER B 390 -8.86 -9.60 11.20
C SER B 390 -8.97 -8.06 11.18
N LEU B 391 -8.42 -7.40 12.20
CA LEU B 391 -8.44 -5.94 12.33
C LEU B 391 -7.18 -5.36 11.69
N LEU B 392 -6.28 -6.17 11.19
CA LEU B 392 -5.01 -5.61 10.61
C LEU B 392 -5.31 -4.62 9.51
N PRO B 393 -6.20 -4.90 8.53
CA PRO B 393 -6.48 -3.91 7.48
C PRO B 393 -6.89 -2.54 8.03
N LEU B 394 -7.77 -2.50 9.04
CA LEU B 394 -8.14 -1.22 9.68
C LEU B 394 -6.90 -0.63 10.38
N MET B 395 -6.08 -1.44 11.05
CA MET B 395 -4.92 -0.91 11.80
C MET B 395 -3.94 -0.27 10.81
N LYS B 396 -3.86 -0.83 9.59
CA LYS B 396 -2.92 -0.35 8.56
C LYS B 396 -3.52 0.89 7.88
N GLN B 397 -4.78 0.85 7.46
CA GLN B 397 -5.34 1.85 6.50
C GLN B 397 -6.20 2.89 7.20
N GLY B 398 -6.69 2.62 8.42
CA GLY B 398 -7.75 3.41 9.04
C GLY B 398 -9.12 3.02 8.53
N ASP B 399 -10.14 3.80 8.86
CA ASP B 399 -11.57 3.53 8.59
C ASP B 399 -11.78 3.17 7.11
N SER B 400 -11.00 3.76 6.17
CA SER B 400 -11.20 3.47 4.73
C SER B 400 -11.05 1.99 4.40
N ALA B 401 -10.41 1.18 5.22
CA ALA B 401 -10.34 -0.29 4.98
C ALA B 401 -11.75 -0.86 4.79
N ASP B 402 -12.74 -0.27 5.44
CA ASP B 402 -14.14 -0.78 5.45
C ASP B 402 -15.01 0.05 4.51
N ALA B 403 -14.43 0.87 3.62
CA ALA B 403 -15.21 1.63 2.62
C ALA B 403 -16.20 0.67 1.93
N GLY B 404 -17.46 1.05 1.84
CA GLY B 404 -18.46 0.22 1.14
C GLY B 404 -18.97 -0.98 1.97
N LYS B 405 -18.51 -1.18 3.20
CA LYS B 405 -19.11 -2.22 4.09
C LYS B 405 -20.17 -1.55 4.96
N ASP B 406 -21.27 -2.24 5.31
CA ASP B 406 -22.22 -1.73 6.32
C ASP B 406 -21.47 -1.65 7.65
N ASP B 407 -21.66 -0.57 8.39
CA ASP B 407 -21.04 -0.38 9.73
C ASP B 407 -22.02 -0.94 10.75
N ILE B 408 -21.90 -2.24 11.04
CA ILE B 408 -22.81 -2.89 12.00
C ILE B 408 -22.00 -3.61 13.07
N SER B 409 -22.63 -3.83 14.21
CA SER B 409 -22.15 -4.80 15.20
C SER B 409 -23.32 -5.68 15.64
N LEU B 410 -23.01 -6.90 15.95
CA LEU B 410 -23.97 -7.95 16.39
C LEU B 410 -23.62 -8.28 17.84
N TYR B 411 -24.63 -8.31 18.68
CA TYR B 411 -24.50 -8.63 20.12
C TYR B 411 -25.51 -9.72 20.49
N ALA B 412 -25.11 -10.65 21.32
CA ALA B 412 -26.04 -11.72 21.78
C ALA B 412 -26.10 -11.71 23.31
N TYR B 413 -27.26 -12.09 23.87
CA TYR B 413 -27.38 -12.32 25.33
C TYR B 413 -28.28 -13.53 25.51
N GLU B 414 -27.70 -14.69 25.17
CA GLU B 414 -28.46 -15.95 25.13
C GLU B 414 -28.97 -16.32 26.52
N TRP B 415 -28.11 -16.17 27.51
CA TRP B 415 -28.32 -16.58 28.91
C TRP B 415 -27.78 -15.53 29.87
N TYR B 416 -28.39 -15.42 31.03
CA TYR B 416 -27.76 -14.76 32.20
C TYR B 416 -27.82 -15.73 33.39
N ASN B 417 -26.71 -16.41 33.64
CA ASN B 417 -26.52 -17.24 34.87
C ASN B 417 -27.74 -18.15 35.04
N GLY B 418 -28.10 -18.87 33.99
CA GLY B 418 -29.18 -19.89 34.09
C GLY B 418 -30.52 -19.40 33.64
N GLY B 419 -30.73 -18.09 33.49
CA GLY B 419 -31.94 -17.56 32.80
C GLY B 419 -31.72 -17.52 31.31
N TRP B 420 -32.65 -18.06 30.54
CA TRP B 420 -32.60 -18.00 29.06
C TRP B 420 -33.30 -16.74 28.57
N PHE B 421 -32.65 -15.97 27.66
CA PHE B 421 -33.26 -14.77 27.09
C PHE B 421 -33.18 -14.76 25.56
N GLY B 422 -32.20 -15.40 24.94
CA GLY B 422 -32.12 -15.43 23.46
C GLY B 422 -31.93 -14.04 22.83
N ILE B 423 -31.46 -13.05 23.58
CA ILE B 423 -31.43 -11.64 23.07
C ILE B 423 -30.44 -11.52 21.90
N ARG B 424 -30.84 -10.77 20.88
CA ARG B 424 -29.92 -10.35 19.79
C ARG B 424 -30.06 -8.85 19.60
N ALA B 425 -28.93 -8.17 19.39
CA ALA B 425 -28.96 -6.71 19.07
C ALA B 425 -28.16 -6.48 17.81
N ILE B 426 -28.64 -5.59 16.96
CA ILE B 426 -27.83 -5.07 15.84
C ILE B 426 -27.68 -3.57 16.08
N ARG B 427 -26.46 -3.08 15.93
CA ARG B 427 -26.13 -1.67 16.24
C ARG B 427 -25.44 -1.08 15.03
N THR B 428 -25.97 0.07 14.61
CA THR B 428 -25.32 0.91 13.57
C THR B 428 -24.88 2.17 14.28
N PRO B 429 -24.14 3.08 13.61
CA PRO B 429 -23.78 4.34 14.25
C PRO B 429 -25.00 5.15 14.68
N GLU B 430 -26.15 4.95 14.04
CA GLU B 430 -27.33 5.80 14.31
C GLU B 430 -28.48 5.09 15.03
N MET B 431 -28.49 3.76 15.02
CA MET B 431 -29.69 3.03 15.49
C MET B 431 -29.27 1.76 16.24
N LYS B 432 -30.14 1.27 17.11
CA LYS B 432 -29.94 -0.07 17.71
C LYS B 432 -31.30 -0.75 17.80
N PHE B 433 -31.34 -1.98 17.31
CA PHE B 433 -32.55 -2.85 17.43
C PHE B 433 -32.20 -4.04 18.30
N VAL B 434 -33.01 -4.25 19.33
CA VAL B 434 -32.83 -5.41 20.26
C VAL B 434 -34.06 -6.30 20.16
N TRP B 435 -33.82 -7.56 19.78
CA TRP B 435 -34.83 -8.63 19.77
C TRP B 435 -34.79 -9.36 21.11
N ASN B 436 -35.92 -9.39 21.79
CA ASN B 436 -36.09 -10.03 23.12
C ASN B 436 -37.10 -11.18 22.98
N PRO B 437 -36.68 -12.34 22.45
CA PRO B 437 -37.65 -13.38 22.08
C PRO B 437 -38.36 -14.06 23.26
N GLY B 438 -37.87 -13.86 24.47
CA GLY B 438 -38.52 -14.30 25.70
C GLY B 438 -39.51 -13.29 26.26
N ASP B 439 -39.81 -12.24 25.52
CA ASP B 439 -40.67 -11.12 25.93
C ASP B 439 -41.59 -10.80 24.76
N SER B 440 -42.54 -9.91 24.98
CA SER B 440 -43.35 -9.30 23.91
C SER B 440 -42.78 -7.93 23.51
N ARG B 441 -41.88 -7.36 24.29
CA ARG B 441 -41.27 -6.04 24.04
C ARG B 441 -39.86 -6.15 23.45
N ASP B 442 -39.68 -5.75 22.21
CA ASP B 442 -38.36 -5.49 21.61
C ASP B 442 -37.97 -4.04 21.92
N GLU B 443 -36.74 -3.68 21.57
CA GLU B 443 -36.26 -2.29 21.78
C GLU B 443 -35.80 -1.72 20.44
N LEU B 444 -36.00 -0.41 20.27
CA LEU B 444 -35.44 0.30 19.12
C LEU B 444 -34.98 1.68 19.60
N TYR B 445 -33.71 1.95 19.48
CA TYR B 445 -33.12 3.24 19.94
C TYR B 445 -32.55 4.00 18.76
N ASP B 446 -32.89 5.30 18.73
CA ASP B 446 -32.26 6.27 17.80
C ASP B 446 -31.04 6.83 18.51
N LEU B 447 -29.85 6.30 18.20
CA LEU B 447 -28.63 6.68 18.92
C LEU B 447 -28.19 8.08 18.52
N LYS B 448 -28.62 8.55 17.36
CA LYS B 448 -28.30 9.95 16.96
C LYS B 448 -29.02 10.94 17.87
N ASN B 449 -30.33 10.80 18.07
CA ASN B 449 -31.15 11.78 18.80
C ASN B 449 -31.27 11.37 20.27
N ASP B 450 -31.00 10.11 20.59
CA ASP B 450 -31.20 9.55 21.96
C ASP B 450 -30.04 8.62 22.28
N PRO B 451 -28.80 9.13 22.34
CA PRO B 451 -27.64 8.26 22.60
C PRO B 451 -27.69 7.62 23.99
N TYR B 452 -28.48 8.13 24.92
CA TYR B 452 -28.65 7.53 26.27
C TYR B 452 -29.69 6.39 26.26
N GLU B 453 -30.35 6.13 25.12
CA GLU B 453 -31.24 4.94 24.95
C GLU B 453 -32.39 5.00 25.96
N ILE B 454 -32.92 6.18 26.21
CA ILE B 454 -34.04 6.39 27.16
C ILE B 454 -35.38 6.01 26.51
N THR B 455 -35.55 6.27 25.21
CA THR B 455 -36.87 6.19 24.57
C THR B 455 -36.95 4.99 23.64
N ASN B 456 -37.72 4.00 24.04
CA ASN B 456 -37.96 2.84 23.14
C ASN B 456 -38.92 3.23 22.01
N GLN B 457 -38.46 3.25 20.76
CA GLN B 457 -39.23 3.70 19.58
C GLN B 457 -39.85 2.50 18.85
N ILE B 458 -39.84 1.30 19.43
CA ILE B 458 -40.22 0.03 18.71
C ILE B 458 -41.61 0.14 18.08
N ASP B 459 -42.53 0.87 18.70
CA ASP B 459 -43.94 1.00 18.25
C ASP B 459 -44.16 2.33 17.52
N ASN B 460 -43.13 3.10 17.26
CA ASN B 460 -43.24 4.42 16.59
C ASN B 460 -43.21 4.23 15.09
N PRO B 461 -44.34 4.44 14.37
CA PRO B 461 -44.35 4.24 12.93
C PRO B 461 -43.41 5.17 12.17
N LYS B 462 -42.94 6.27 12.78
CA LYS B 462 -41.92 7.12 12.14
C LYS B 462 -40.62 6.35 11.95
N TYR B 463 -40.43 5.26 12.68
CA TYR B 463 -39.17 4.50 12.59
C TYR B 463 -39.37 3.18 11.85
N LYS B 464 -40.43 3.07 11.05
CA LYS B 464 -40.73 1.80 10.36
C LYS B 464 -39.62 1.46 9.38
N LYS B 465 -39.07 2.42 8.63
CA LYS B 465 -38.02 2.17 7.62
C LYS B 465 -36.76 1.69 8.34
N GLN B 466 -36.38 2.34 9.44
CA GLN B 466 -35.16 1.96 10.20
C GLN B 466 -35.38 0.55 10.78
N LEU B 467 -36.53 0.26 11.35
CA LEU B 467 -36.76 -1.07 11.97
C LEU B 467 -36.69 -2.14 10.89
N THR B 468 -37.29 -1.87 9.74
CA THR B 468 -37.30 -2.85 8.63
C THR B 468 -35.86 -3.15 8.20
N ASP B 469 -35.04 -2.12 7.99
CA ASP B 469 -33.63 -2.24 7.59
C ASP B 469 -32.87 -3.04 8.65
N LEU B 470 -33.06 -2.75 9.92
CA LEU B 470 -32.30 -3.43 11.01
C LEU B 470 -32.74 -4.89 11.09
N VAL B 471 -34.02 -5.17 10.92
CA VAL B 471 -34.54 -6.56 10.92
C VAL B 471 -33.86 -7.31 9.78
N HIS B 472 -33.78 -6.73 8.58
CA HIS B 472 -33.13 -7.39 7.41
C HIS B 472 -31.66 -7.66 7.73
N LYS B 473 -30.97 -6.68 8.35
CA LYS B 473 -29.53 -6.81 8.67
C LYS B 473 -29.39 -7.94 9.72
N MET B 474 -30.26 -7.96 10.72
CA MET B 474 -30.18 -9.00 11.76
C MET B 474 -30.41 -10.39 11.15
N ALA B 475 -31.41 -10.54 10.27
CA ALA B 475 -31.69 -11.84 9.61
C ALA B 475 -30.45 -12.27 8.85
N GLY B 476 -29.80 -11.34 8.13
CA GLY B 476 -28.59 -11.68 7.37
C GLY B 476 -27.48 -12.17 8.27
N GLU B 477 -27.29 -11.50 9.41
CA GLU B 477 -26.23 -11.88 10.36
C GLU B 477 -26.56 -13.25 10.94
N LEU B 478 -27.79 -13.48 11.37
CA LEU B 478 -28.11 -14.80 11.97
C LEU B 478 -27.88 -15.92 10.94
N ASN B 479 -28.17 -15.66 9.67
CA ASN B 479 -27.97 -16.65 8.59
C ASN B 479 -26.45 -16.89 8.42
N ARG B 480 -25.67 -15.83 8.40
CA ARG B 480 -24.21 -15.89 8.19
C ARG B 480 -23.55 -16.77 9.26
N ILE B 481 -23.96 -16.60 10.52
CA ILE B 481 -23.29 -17.33 11.64
C ILE B 481 -24.04 -18.63 11.93
N ASP B 482 -25.09 -18.95 11.19
CA ASP B 482 -25.86 -20.22 11.34
C ASP B 482 -26.45 -20.32 12.75
N ASP B 483 -27.02 -19.21 13.21
CA ASP B 483 -27.69 -19.14 14.52
C ASP B 483 -29.04 -19.81 14.36
N PRO B 484 -29.33 -20.92 15.10
CA PRO B 484 -30.60 -21.62 14.89
C PRO B 484 -31.83 -20.80 15.28
N SER B 485 -31.64 -19.67 15.95
CA SER B 485 -32.80 -18.83 16.35
C SER B 485 -33.37 -18.07 15.14
N LEU B 486 -32.71 -18.11 13.98
CA LEU B 486 -33.25 -17.49 12.75
C LEU B 486 -34.68 -18.01 12.51
N THR B 487 -35.01 -19.28 12.81
CA THR B 487 -36.38 -19.79 12.57
C THR B 487 -37.39 -18.97 13.39
N LYS B 488 -37.14 -18.82 14.69
CA LYS B 488 -38.04 -18.05 15.56
C LYS B 488 -38.03 -16.57 15.12
N PHE B 489 -36.87 -16.03 14.77
CA PHE B 489 -36.77 -14.63 14.29
C PHE B 489 -37.71 -14.39 13.11
N ASN B 490 -37.74 -15.32 12.16
CA ASN B 490 -38.61 -15.21 10.97
C ASN B 490 -40.09 -15.22 11.36
N HIS B 491 -40.48 -15.93 12.43
CA HIS B 491 -41.86 -15.87 12.97
C HIS B 491 -42.07 -14.50 13.61
N HIS B 492 -41.22 -14.11 14.55
CA HIS B 492 -41.44 -12.87 15.33
C HIS B 492 -41.45 -11.65 14.41
N MET B 493 -40.64 -11.67 13.35
CA MET B 493 -40.42 -10.46 12.52
C MET B 493 -41.16 -10.62 11.18
N LYS B 494 -42.12 -11.53 11.08
CA LYS B 494 -42.81 -11.82 9.80
C LYS B 494 -43.33 -10.51 9.15
N ALA B 495 -43.80 -9.54 9.95
CA ALA B 495 -44.37 -8.29 9.41
C ALA B 495 -43.30 -7.49 8.68
N PHE B 496 -42.02 -7.72 8.99
CA PHE B 496 -40.91 -6.84 8.52
C PHE B 496 -40.05 -7.53 7.47
N LEU B 497 -40.33 -8.78 7.11
CA LEU B 497 -39.54 -9.51 6.09
C LEU B 497 -40.31 -9.54 4.75
N LYS C 26 3.82 22.36 13.11
CA LYS C 26 5.20 22.79 12.93
C LYS C 26 6.00 22.31 14.12
N PRO C 27 6.75 21.19 13.98
CA PRO C 27 7.45 20.59 15.10
C PRO C 27 8.61 21.47 15.56
N ASN C 28 8.94 21.34 16.84
CA ASN C 28 10.18 21.94 17.39
C ASN C 28 11.37 21.10 16.94
N VAL C 29 12.46 21.80 16.56
CA VAL C 29 13.67 21.14 16.05
C VAL C 29 14.88 21.67 16.80
N LEU C 30 15.75 20.75 17.21
CA LEU C 30 17.08 21.09 17.77
C LEU C 30 18.16 20.36 16.98
N ILE C 31 19.14 21.13 16.51
CA ILE C 31 20.36 20.56 15.91
C ILE C 31 21.54 20.76 16.86
N LEU C 32 22.23 19.67 17.17
CA LEU C 32 23.50 19.66 17.91
C LEU C 32 24.60 19.32 16.91
N LEU C 33 25.40 20.32 16.59
CA LEU C 33 26.42 20.25 15.53
C LEU C 33 27.81 20.34 16.19
N PHE C 34 28.70 19.45 15.82
CA PHE C 34 30.06 19.36 16.36
C PHE C 34 31.06 19.48 15.20
N ASP C 35 32.23 19.98 15.55
CA ASP C 35 33.28 20.37 14.59
C ASP C 35 34.38 19.28 14.60
N ASP C 36 34.45 18.46 13.56
CA ASP C 36 35.50 17.42 13.38
C ASP C 36 35.26 16.21 14.31
N MET C 37 34.01 15.93 14.61
CA MET C 37 33.63 14.76 15.46
C MET C 37 33.52 13.51 14.57
N ARG C 38 34.35 12.52 14.82
CA ARG C 38 34.41 11.26 14.06
C ARG C 38 33.15 10.40 14.29
N PHE C 39 32.91 9.46 13.38
CA PHE C 39 31.74 8.56 13.42
C PHE C 39 31.92 7.51 14.52
N ASP C 40 33.15 7.20 14.90
CA ASP C 40 33.49 5.86 15.44
C ASP C 40 33.81 5.89 16.95
N THR C 41 33.83 7.05 17.62
CA THR C 41 34.45 7.12 18.98
C THR C 41 33.46 6.58 20.04
N PHE C 42 32.18 6.70 19.79
CA PHE C 42 31.07 6.55 20.77
C PHE C 42 30.93 5.07 21.15
N SER C 43 30.51 4.84 22.40
CA SER C 43 30.31 3.45 22.87
C SER C 43 29.14 2.79 22.10
N TYR C 44 28.14 3.50 21.60
CA TYR C 44 27.05 2.88 20.80
C TYR C 44 27.62 2.33 19.48
N ARG C 45 28.77 2.81 19.01
CA ARG C 45 29.46 2.25 17.82
C ARG C 45 30.57 1.27 18.21
N ASN C 46 30.58 0.80 19.46
CA ASN C 46 31.64 -0.09 20.01
C ASN C 46 32.98 0.63 20.03
N GLY C 47 32.95 1.95 20.19
CA GLY C 47 34.17 2.75 20.24
C GLY C 47 34.72 2.84 21.65
N PRO C 48 35.89 3.44 21.80
CA PRO C 48 36.62 3.44 23.07
C PRO C 48 36.11 4.40 24.15
N VAL C 49 35.20 5.32 23.82
CA VAL C 49 34.73 6.35 24.79
C VAL C 49 33.31 6.04 25.23
N SER C 50 33.12 5.93 26.54
CA SER C 50 31.79 5.83 27.16
C SER C 50 31.01 7.13 26.93
N THR C 51 29.96 7.08 26.14
CA THR C 51 29.11 8.23 25.77
C THR C 51 27.65 7.92 26.06
N PRO C 52 27.26 7.83 27.36
CA PRO C 52 25.91 7.40 27.66
C PRO C 52 24.78 8.31 27.17
N ASN C 53 25.02 9.62 27.14
CA ASN C 53 23.98 10.58 26.70
C ASN C 53 23.78 10.48 25.19
N ILE C 54 24.86 10.43 24.43
CA ILE C 54 24.73 10.25 22.96
C ILE C 54 24.18 8.85 22.69
N ASP C 55 24.64 7.83 23.40
CA ASP C 55 24.11 6.44 23.21
C ASP C 55 22.59 6.43 23.41
N ALA C 56 22.11 7.12 24.45
CA ALA C 56 20.66 7.16 24.74
C ALA C 56 19.92 7.79 23.56
N LEU C 57 20.47 8.87 23.01
CA LEU C 57 19.82 9.54 21.88
C LEU C 57 19.82 8.58 20.67
N ALA C 58 20.95 7.91 20.43
CA ALA C 58 21.09 6.92 19.32
C ALA C 58 20.02 5.84 19.48
N ASN C 59 19.79 5.40 20.72
CA ASN C 59 18.86 4.26 20.98
C ASN C 59 17.41 4.70 20.84
N GLU C 60 17.15 6.00 21.05
CA GLU C 60 15.81 6.59 20.97
C GLU C 60 15.47 7.01 19.55
N GLY C 61 16.47 7.27 18.71
CA GLY C 61 16.23 7.90 17.38
C GLY C 61 16.57 6.96 16.24
N THR C 62 16.87 7.54 15.08
CA THR C 62 17.35 6.79 13.91
C THR C 62 18.87 6.92 13.82
N ARG C 63 19.59 5.81 13.90
CA ARG C 63 21.06 5.80 13.73
C ARG C 63 21.40 5.74 12.24
N PHE C 64 22.04 6.76 11.70
CA PHE C 64 22.63 6.71 10.33
C PHE C 64 24.08 6.33 10.46
N ASP C 65 24.35 5.02 10.53
CA ASP C 65 25.69 4.48 10.85
C ASP C 65 26.62 4.54 9.63
N GLN C 66 26.09 4.86 8.45
CA GLN C 66 26.93 5.00 7.23
C GLN C 66 26.71 6.40 6.64
N ALA C 67 26.60 7.41 7.50
CA ALA C 67 26.48 8.81 7.06
C ALA C 67 27.85 9.31 6.57
N MET C 68 27.82 10.11 5.54
CA MET C 68 29.02 10.67 4.85
C MET C 68 28.83 12.18 4.77
N THR C 69 29.87 12.92 5.13
CA THR C 69 29.87 14.39 4.90
C THR C 69 29.99 14.64 3.39
N SER C 70 29.75 15.86 2.99
CA SER C 70 29.90 16.36 1.60
C SER C 70 31.36 16.72 1.34
N THR C 71 32.05 17.29 2.33
CA THR C 71 33.46 17.70 2.27
C THR C 71 34.05 17.63 3.67
N GLY C 72 35.32 17.19 3.78
CA GLY C 72 36.06 17.21 5.06
C GLY C 72 36.59 18.58 5.38
N LEU C 73 35.76 19.62 5.31
CA LEU C 73 36.18 21.01 5.59
C LEU C 73 34.94 21.77 6.07
N ALA C 74 35.08 22.68 7.04
CA ALA C 74 33.92 23.27 7.74
C ALA C 74 32.98 24.03 6.81
N SER C 75 33.40 25.15 6.21
CA SER C 75 32.42 26.06 5.60
C SER C 75 31.70 25.32 4.47
N PRO C 76 32.40 24.56 3.59
CA PRO C 76 31.67 23.85 2.53
C PRO C 76 30.64 22.88 3.12
N SER C 77 31.03 22.11 4.15
CA SER C 77 30.12 21.09 4.74
C SER C 77 28.90 21.79 5.34
N ARG C 78 29.09 22.95 5.97
CA ARG C 78 28.02 23.66 6.70
C ARG C 78 27.12 24.37 5.70
N ALA C 79 27.68 24.96 4.64
CA ALA C 79 26.84 25.52 3.55
C ALA C 79 25.96 24.42 2.95
N ALA C 80 26.54 23.24 2.69
CA ALA C 80 25.78 22.10 2.10
C ALA C 80 24.68 21.70 3.11
N MET C 81 25.07 21.57 4.37
CA MET C 81 24.13 21.17 5.43
C MET C 81 22.92 22.12 5.46
N PHE C 82 23.18 23.42 5.55
CA PHE C 82 22.13 24.43 5.81
C PHE C 82 21.41 24.85 4.54
N THR C 83 22.00 24.75 3.35
CA THR C 83 21.29 25.12 2.11
C THR C 83 20.64 23.94 1.39
N GLY C 84 21.23 22.73 1.53
CA GLY C 84 20.79 21.54 0.76
C GLY C 84 21.32 21.54 -0.65
N ARG C 85 22.31 22.38 -0.94
CA ARG C 85 22.93 22.41 -2.30
C ARG C 85 24.45 22.34 -2.19
N TRP C 86 25.06 21.73 -3.20
CA TRP C 86 26.53 21.65 -3.33
C TRP C 86 27.15 23.03 -3.55
N GLY C 87 28.44 23.10 -3.21
CA GLY C 87 29.19 24.37 -3.25
C GLY C 87 29.25 25.02 -4.63
N HIS C 88 29.25 24.26 -5.72
CA HIS C 88 29.31 24.92 -7.06
C HIS C 88 28.02 25.71 -7.28
N LYS C 89 26.92 25.38 -6.58
CA LYS C 89 25.64 26.07 -6.75
C LYS C 89 25.50 27.29 -5.84
N THR C 90 26.06 27.25 -4.65
CA THR C 90 25.95 28.36 -3.67
C THR C 90 27.17 29.30 -3.77
N GLY C 91 28.24 28.82 -4.40
CA GLY C 91 29.56 29.46 -4.47
C GLY C 91 30.37 29.22 -3.21
N LEU C 92 29.84 28.48 -2.24
CA LEU C 92 30.55 28.31 -0.95
C LEU C 92 31.29 26.97 -0.98
N ASP C 93 32.48 26.98 -1.59
CA ASP C 93 33.25 25.76 -1.94
C ASP C 93 34.63 25.74 -1.29
N ASP C 94 34.87 26.63 -0.33
CA ASP C 94 36.10 26.67 0.49
C ASP C 94 35.73 27.17 1.88
N ASN C 95 36.59 26.95 2.85
CA ASN C 95 36.48 27.69 4.13
C ASN C 95 36.40 29.19 3.85
N VAL C 96 35.73 29.93 4.72
CA VAL C 96 35.77 31.41 4.70
C VAL C 96 36.77 31.91 5.76
N GLY C 97 37.35 33.07 5.45
CA GLY C 97 38.06 33.88 6.45
C GLY C 97 39.41 33.28 6.88
N LEU C 98 40.08 32.44 6.07
CA LEU C 98 41.33 31.75 6.44
C LEU C 98 42.33 31.90 5.29
N TYR C 99 43.58 32.18 5.61
CA TYR C 99 44.69 32.10 4.61
C TYR C 99 44.58 30.76 3.90
N HIS C 100 44.63 30.70 2.57
CA HIS C 100 44.55 31.78 1.60
C HIS C 100 43.32 31.60 0.73
N SER C 101 42.18 31.29 1.35
CA SER C 101 40.88 31.19 0.68
C SER C 101 40.49 32.55 0.11
N ARG C 102 39.81 32.53 -1.03
CA ARG C 102 39.26 33.74 -1.67
C ARG C 102 37.94 34.20 -1.03
N LEU C 103 37.35 33.39 -0.14
CA LEU C 103 35.96 33.58 0.31
C LEU C 103 35.87 34.23 1.69
N SER C 104 34.82 35.07 1.87
CA SER C 104 34.50 35.72 3.16
C SER C 104 33.19 35.22 3.74
N GLU C 105 32.19 34.97 2.92
CA GLU C 105 30.84 34.67 3.48
C GLU C 105 30.01 33.93 2.45
N LEU C 106 29.08 33.13 2.95
CA LEU C 106 27.95 32.65 2.14
C LEU C 106 27.10 33.84 1.75
N SER C 107 26.78 33.93 0.47
CA SER C 107 25.92 34.98 -0.10
C SER C 107 24.65 35.12 0.75
N LEU C 108 24.21 36.34 1.01
CA LEU C 108 22.95 36.54 1.77
C LEU C 108 21.76 36.12 0.92
N SER C 109 21.91 35.96 -0.41
CA SER C 109 20.84 35.38 -1.27
C SER C 109 20.57 33.91 -0.87
N GLU C 110 21.52 33.26 -0.21
CA GLU C 110 21.36 31.89 0.31
C GLU C 110 20.85 32.01 1.74
N GLY C 111 19.53 32.08 1.88
CA GLY C 111 18.89 32.29 3.20
C GLY C 111 19.02 31.08 4.09
N SER C 112 19.17 29.90 3.51
CA SER C 112 19.34 28.60 4.20
C SER C 112 18.03 28.21 4.90
N VAL C 113 18.05 27.02 5.50
CA VAL C 113 16.91 26.57 6.36
C VAL C 113 16.64 27.61 7.46
N ILE C 114 17.62 28.43 7.86
CA ILE C 114 17.36 29.49 8.89
C ILE C 114 16.31 30.48 8.40
N LYS C 115 16.52 31.09 7.23
CA LYS C 115 15.58 32.11 6.73
C LYS C 115 14.27 31.44 6.30
N ARG C 116 14.37 30.25 5.70
CA ARG C 116 13.16 29.53 5.21
C ARG C 116 12.24 29.24 6.41
N ALA C 117 12.80 28.82 7.54
CA ALA C 117 12.03 28.51 8.79
C ALA C 117 11.43 29.81 9.32
N THR C 118 12.22 30.88 9.36
CA THR C 118 11.76 32.21 9.82
C THR C 118 10.56 32.61 8.97
N SER C 119 10.58 32.32 7.67
CA SER C 119 9.55 32.84 6.72
C SER C 119 8.18 32.21 7.02
N ILE C 120 8.12 31.06 7.67
CA ILE C 120 6.84 30.40 8.00
C ILE C 120 6.58 30.44 9.50
N GLY C 121 7.25 31.30 10.24
CA GLY C 121 6.90 31.68 11.63
C GLY C 121 7.66 30.97 12.71
N TYR C 122 8.75 30.25 12.38
CA TYR C 122 9.65 29.68 13.41
C TYR C 122 10.45 30.83 14.03
N ASP C 123 10.66 30.74 15.34
CA ASP C 123 11.74 31.48 16.01
C ASP C 123 12.99 30.61 15.91
N VAL C 124 13.96 31.10 15.15
CA VAL C 124 15.25 30.39 14.95
C VAL C 124 16.31 31.02 15.86
N SER C 125 17.05 30.18 16.56
CA SER C 125 18.16 30.62 17.43
C SER C 125 19.43 29.85 17.04
N TYR C 126 20.58 30.52 17.16
CA TYR C 126 21.89 29.97 16.81
C TYR C 126 22.88 30.28 17.94
N VAL C 127 23.66 29.29 18.31
CA VAL C 127 24.78 29.40 19.27
C VAL C 127 26.00 28.70 18.67
N GLY C 128 27.14 29.38 18.73
CA GLY C 128 28.45 28.75 18.59
C GLY C 128 29.03 28.96 17.19
N LYS C 129 29.71 27.95 16.70
CA LYS C 129 30.51 28.05 15.46
C LYS C 129 29.54 28.15 14.27
N TRP C 130 29.77 29.15 13.41
CA TRP C 130 28.98 29.39 12.20
C TRP C 130 29.91 29.20 10.98
N HIS C 131 30.92 30.05 10.85
CA HIS C 131 31.98 29.85 9.83
C HIS C 131 31.36 29.92 8.42
N LEU C 132 30.38 30.77 8.20
CA LEU C 132 29.77 31.04 6.89
C LEU C 132 29.65 32.56 6.69
N GLY C 133 30.38 33.32 7.50
CA GLY C 133 30.46 34.79 7.34
C GLY C 133 29.99 35.48 8.60
N ALA C 134 30.65 36.57 8.97
CA ALA C 134 30.31 37.41 10.13
C ALA C 134 28.79 37.70 10.12
N GLN C 135 28.16 37.58 11.29
CA GLN C 135 26.76 37.92 11.59
C GLN C 135 25.76 37.04 10.84
N GLY C 136 26.21 36.00 10.14
CA GLY C 136 25.37 35.32 9.14
C GLY C 136 24.01 34.85 9.67
N PRO C 137 23.91 34.19 10.85
CA PRO C 137 22.61 33.69 11.32
C PRO C 137 21.63 34.86 11.56
N ALA C 138 22.15 35.95 12.10
CA ALA C 138 21.33 37.13 12.43
C ALA C 138 20.83 37.78 11.13
N LEU C 139 21.68 37.90 10.12
CA LEU C 139 21.30 38.48 8.83
C LEU C 139 20.21 37.64 8.17
N ARG C 140 20.08 36.37 8.52
CA ARG C 140 19.06 35.46 7.94
C ARG C 140 17.86 35.30 8.89
N GLY C 141 17.76 36.11 9.94
CA GLY C 141 16.52 36.17 10.74
C GLY C 141 16.62 35.41 12.07
N ALA C 142 17.72 34.74 12.37
CA ALA C 142 17.90 34.02 13.64
C ALA C 142 18.27 34.99 14.76
N ASN C 143 17.96 34.58 15.98
CA ASN C 143 18.58 35.16 17.21
C ASN C 143 19.95 34.51 17.37
N PHE C 144 20.98 35.22 16.93
CA PHE C 144 22.39 34.74 17.03
C PHE C 144 22.82 35.04 18.46
N MET C 145 22.55 34.09 19.37
CA MET C 145 22.61 34.41 20.82
C MET C 145 24.04 34.63 21.26
N TRP C 146 24.98 33.86 20.70
CA TRP C 146 26.38 33.85 21.19
C TRP C 146 27.22 33.10 20.17
N GLY C 147 28.39 33.64 19.87
CA GLY C 147 29.35 32.89 19.05
C GLY C 147 30.38 33.80 18.44
N HIS C 148 31.47 33.20 17.98
CA HIS C 148 32.62 33.89 17.38
C HIS C 148 32.17 34.95 16.37
N ASP C 149 31.23 34.60 15.50
CA ASP C 149 30.87 35.43 14.33
C ASP C 149 29.84 36.50 14.68
N LYS C 150 29.34 36.53 15.90
CA LYS C 150 28.16 37.36 16.23
C LYS C 150 28.50 38.84 16.07
N ASP C 151 29.61 39.29 16.61
CA ASP C 151 29.80 40.77 16.65
C ASP C 151 30.95 41.18 15.72
N GLU C 152 31.36 40.32 14.80
CA GLU C 152 32.41 40.61 13.82
C GLU C 152 31.92 41.47 12.66
N GLU C 153 32.77 42.36 12.16
CA GLU C 153 32.51 43.09 10.89
C GLU C 153 32.65 42.09 9.75
N ARG C 154 31.87 42.30 8.69
CA ARG C 154 32.00 41.50 7.45
C ARG C 154 33.25 41.90 6.65
N ASN C 155 33.61 41.05 5.71
CA ASN C 155 34.70 41.29 4.71
C ASN C 155 36.06 41.49 5.38
N GLY C 156 36.29 40.83 6.51
CA GLY C 156 37.58 40.91 7.21
C GLY C 156 38.68 40.19 6.43
N ARG C 157 39.93 40.49 6.75
CA ARG C 157 41.08 39.84 6.08
C ARG C 157 41.13 38.39 6.54
N PRO C 158 41.56 37.47 5.67
CA PRO C 158 41.76 36.08 6.07
C PRO C 158 42.71 35.98 7.26
N PHE C 159 42.32 35.17 8.23
CA PHE C 159 43.17 34.84 9.38
C PHE C 159 44.36 34.04 8.86
N THR C 160 45.56 34.55 9.10
CA THR C 160 46.82 33.97 8.56
C THR C 160 47.60 33.43 9.75
N PRO C 161 47.95 32.12 9.73
CA PRO C 161 48.39 31.43 10.96
C PRO C 161 49.88 31.64 11.30
N TYR C 162 50.30 32.89 11.43
CA TYR C 162 51.69 33.27 11.79
C TYR C 162 52.06 32.62 13.13
N GLN C 163 51.14 32.64 14.11
CA GLN C 163 51.47 32.07 15.44
C GLN C 163 51.68 30.55 15.31
N THR C 164 50.77 29.83 14.67
CA THR C 164 50.90 28.37 14.52
C THR C 164 52.20 28.05 13.76
N GLN C 165 52.54 28.85 12.74
CA GLN C 165 53.77 28.64 11.95
C GLN C 165 54.97 28.72 12.90
N LYS C 166 55.00 29.75 13.74
CA LYS C 166 56.11 29.95 14.71
C LYS C 166 56.17 28.76 15.68
N ASN C 167 55.03 28.29 16.18
CA ASN C 167 55.00 27.22 17.21
C ASN C 167 55.35 25.88 16.60
N VAL C 168 54.95 25.62 15.34
CA VAL C 168 55.35 24.35 14.71
C VAL C 168 56.87 24.38 14.46
N ALA C 169 57.43 25.54 14.13
CA ALA C 169 58.91 25.65 13.97
C ALA C 169 59.58 25.30 15.32
N ARG C 170 59.01 25.77 16.43
CA ARG C 170 59.54 25.43 17.79
C ARG C 170 59.48 23.91 17.97
N MET C 171 58.38 23.25 17.56
CA MET C 171 58.28 21.77 17.74
C MET C 171 59.39 21.11 16.93
N ASN C 172 59.64 21.59 15.71
CA ASN C 172 60.68 21.00 14.83
C ASN C 172 62.08 21.25 15.41
N ALA C 173 62.24 22.27 16.24
CA ALA C 173 63.53 22.62 16.87
C ALA C 173 63.70 21.82 18.17
N GLY C 174 62.72 20.99 18.55
CA GLY C 174 62.81 20.09 19.70
C GLY C 174 62.24 20.70 20.96
N GLU C 175 61.56 21.84 20.87
CA GLU C 175 60.87 22.45 22.03
C GLU C 175 59.52 21.77 22.26
N ARG C 176 59.02 21.89 23.48
CA ARG C 176 57.67 21.42 23.87
C ARG C 176 57.02 22.54 24.68
N ASP C 177 55.73 22.42 24.90
CA ASP C 177 54.94 23.37 25.69
C ASP C 177 54.79 22.81 27.11
N LYS C 178 53.93 23.43 27.91
CA LYS C 178 53.70 23.05 29.32
C LYS C 178 53.53 21.54 29.46
N ASN C 179 54.25 20.94 30.43
CA ASN C 179 54.10 19.51 30.82
C ASN C 179 54.49 18.61 29.64
N GLY C 180 55.30 19.13 28.72
CA GLY C 180 55.81 18.32 27.61
C GLY C 180 54.75 18.16 26.52
N GLU C 181 53.66 18.91 26.59
CA GLU C 181 52.59 18.82 25.59
C GLU C 181 53.05 19.53 24.31
N LYS C 182 52.30 19.34 23.22
CA LYS C 182 52.49 20.12 21.98
C LYS C 182 51.16 20.79 21.69
N HIS C 183 51.04 22.06 22.04
CA HIS C 183 49.73 22.75 22.11
C HIS C 183 49.14 23.02 20.74
N ASP C 184 49.85 22.74 19.63
CA ASP C 184 49.20 22.79 18.28
C ASP C 184 48.55 21.44 17.99
N TYR C 185 48.64 20.45 18.88
CA TYR C 185 48.14 19.05 18.67
C TYR C 185 47.26 18.60 19.83
N TYR C 186 47.69 18.83 21.08
CA TYR C 186 46.93 18.43 22.27
C TYR C 186 47.31 19.36 23.41
N LYS C 187 46.34 19.63 24.27
CA LYS C 187 46.57 20.63 25.33
C LYS C 187 45.65 20.38 26.51
N THR C 188 46.20 20.38 27.72
CA THR C 188 45.41 20.47 28.95
C THR C 188 44.96 21.92 29.14
N LEU C 189 43.66 22.18 29.14
CA LEU C 189 43.12 23.54 29.41
C LEU C 189 43.18 23.75 30.90
N PRO C 190 43.54 24.94 31.38
CA PRO C 190 43.46 25.23 32.80
C PRO C 190 41.99 25.35 33.24
N GLY C 191 41.79 25.21 34.53
CA GLY C 191 40.45 25.30 35.12
C GLY C 191 39.65 24.04 34.95
N THR C 192 38.34 24.20 34.83
CA THR C 192 37.39 23.08 34.80
C THR C 192 36.49 23.19 33.58
N TYR C 193 35.63 22.20 33.42
CA TYR C 193 34.57 22.22 32.41
C TYR C 193 33.84 23.57 32.44
N ALA C 194 33.48 24.07 33.63
CA ALA C 194 32.66 25.30 33.76
C ALA C 194 33.30 26.50 33.07
N ASP C 195 34.62 26.53 32.92
CA ASP C 195 35.36 27.65 32.29
C ASP C 195 35.41 27.53 30.77
N THR C 196 35.00 26.41 30.20
CA THR C 196 35.22 26.13 28.76
C THR C 196 34.24 26.89 27.87
N VAL C 197 34.66 27.09 26.63
CA VAL C 197 33.75 27.55 25.55
C VAL C 197 32.59 26.57 25.45
N THR C 198 32.82 25.28 25.53
CA THR C 198 31.75 24.25 25.45
C THR C 198 30.69 24.54 26.54
N ALA C 199 31.10 24.80 27.77
CA ALA C 199 30.12 25.06 28.86
C ALA C 199 29.37 26.35 28.59
N LYS C 200 30.03 27.37 28.02
CA LYS C 200 29.34 28.63 27.69
C LYS C 200 28.28 28.36 26.61
N GLU C 201 28.63 27.57 25.61
CA GLU C 201 27.69 27.22 24.50
C GLU C 201 26.55 26.37 25.07
N VAL C 202 26.85 25.46 25.97
CA VAL C 202 25.77 24.70 26.67
C VAL C 202 24.86 25.71 27.38
N ASN C 203 25.43 26.65 28.16
CA ASN C 203 24.65 27.60 28.99
C ASN C 203 23.73 28.42 28.07
N GLU C 204 24.22 28.85 26.91
CA GLU C 204 23.41 29.58 25.94
C GLU C 204 22.34 28.64 25.34
N GLY C 205 22.70 27.37 25.07
CA GLY C 205 21.72 26.35 24.63
C GLY C 205 20.61 26.17 25.63
N LYS C 206 20.96 26.17 26.92
CA LYS C 206 19.95 26.00 28.00
C LYS C 206 19.00 27.20 27.97
N LEU C 207 19.55 28.41 27.88
CA LEU C 207 18.76 29.64 27.82
C LEU C 207 17.85 29.56 26.59
N MET C 208 18.38 29.08 25.47
CA MET C 208 17.57 28.98 24.21
C MET C 208 16.36 28.07 24.44
N LEU C 209 16.58 26.93 25.07
CA LEU C 209 15.50 25.95 25.35
C LEU C 209 14.51 26.55 26.36
N GLN C 210 15.01 27.19 27.42
CA GLN C 210 14.14 27.82 28.45
C GLN C 210 13.27 28.90 27.82
N ASN C 211 13.85 29.74 26.94
CA ASN C 211 13.12 30.80 26.22
C ASN C 211 12.09 30.15 25.28
N ALA C 212 12.45 29.08 24.58
CA ALA C 212 11.55 28.45 23.58
C ALA C 212 10.30 27.93 24.32
N ALA C 213 10.49 27.39 25.52
CA ALA C 213 9.39 26.75 26.31
C ALA C 213 8.35 27.80 26.67
N LYS C 214 8.71 29.09 26.70
CA LYS C 214 7.80 30.18 27.12
C LYS C 214 7.17 30.86 25.90
N SER C 215 7.52 30.44 24.70
CA SER C 215 7.02 31.02 23.44
C SER C 215 5.93 30.10 22.88
N ASP C 216 4.90 30.66 22.26
CA ASP C 216 3.89 29.84 21.54
C ASP C 216 4.39 29.64 20.09
N LYS C 217 5.48 30.28 19.66
CA LYS C 217 6.01 30.09 18.29
C LYS C 217 6.78 28.77 18.20
N PRO C 218 6.75 28.11 17.04
CA PRO C 218 7.54 26.90 16.87
C PRO C 218 9.02 27.29 16.94
N PHE C 219 9.84 26.37 17.45
CA PHE C 219 11.24 26.62 17.78
C PHE C 219 12.14 25.86 16.80
N PHE C 220 13.19 26.50 16.30
CA PHE C 220 14.28 25.84 15.57
C PHE C 220 15.59 26.34 16.17
N GLY C 221 16.27 25.49 16.89
CA GLY C 221 17.52 25.84 17.58
C GLY C 221 18.69 25.09 17.05
N ILE C 222 19.81 25.79 16.90
CA ILE C 222 21.09 25.18 16.46
C ILE C 222 22.14 25.52 17.52
N VAL C 223 22.77 24.50 18.09
CA VAL C 223 23.92 24.67 19.01
C VAL C 223 25.10 23.99 18.35
N SER C 224 26.07 24.79 17.96
CA SER C 224 27.23 24.37 17.13
C SER C 224 28.52 24.54 17.94
N PHE C 225 29.16 23.44 18.27
CA PHE C 225 30.35 23.40 19.15
C PHE C 225 31.62 23.36 18.33
N GLU C 226 32.63 24.12 18.75
CA GLU C 226 33.99 24.05 18.16
C GLU C 226 34.60 22.71 18.49
N GLN C 227 34.27 22.11 19.65
CA GLN C 227 34.83 20.77 19.97
C GLN C 227 34.28 19.74 18.99
N PRO C 228 35.03 18.66 18.66
CA PRO C 228 36.42 18.42 19.10
C PRO C 228 37.49 18.84 18.09
N HIS C 229 37.32 19.99 17.46
CA HIS C 229 38.33 20.52 16.50
C HIS C 229 39.66 20.66 17.21
N PRO C 230 40.77 20.31 16.52
CA PRO C 230 42.09 20.45 17.11
C PRO C 230 42.49 21.91 17.29
N PRO C 231 43.54 22.19 18.10
CA PRO C 231 44.28 21.19 18.87
C PRO C 231 43.35 20.52 19.91
N TYR C 232 43.54 19.22 20.12
CA TYR C 232 42.62 18.42 20.96
C TYR C 232 42.81 18.85 22.40
N ARG C 233 41.82 19.55 22.95
CA ARG C 233 42.05 20.30 24.21
C ARG C 233 40.87 20.06 25.16
N VAL C 234 41.16 19.83 26.42
CA VAL C 234 40.14 19.62 27.45
C VAL C 234 40.77 20.00 28.77
N PRO C 235 39.94 20.37 29.74
CA PRO C 235 40.44 20.56 31.09
C PRO C 235 40.52 19.18 31.75
N GLU C 236 41.12 19.13 32.92
CA GLU C 236 40.94 17.97 33.83
C GLU C 236 39.46 17.95 34.22
N PRO C 237 38.86 16.78 34.49
CA PRO C 237 39.58 15.50 34.45
C PRO C 237 39.59 14.83 33.08
N TYR C 238 38.93 15.44 32.09
CA TYR C 238 38.87 14.87 30.71
C TYR C 238 40.27 14.69 30.12
N ALA C 239 41.21 15.57 30.43
CA ALA C 239 42.57 15.59 29.85
C ALA C 239 43.33 14.32 30.20
N SER C 240 43.02 13.67 31.33
CA SER C 240 43.81 12.51 31.80
C SER C 240 42.91 11.27 31.93
N MET C 241 41.66 11.32 31.47
CA MET C 241 40.72 10.20 31.74
C MET C 241 41.05 8.98 30.84
N TYR C 242 41.63 9.15 29.65
CA TYR C 242 42.10 8.04 28.79
C TYR C 242 43.63 8.02 28.79
N ASP C 243 44.20 6.95 29.29
CA ASP C 243 45.67 6.81 29.42
C ASP C 243 46.27 6.62 28.02
N TYR C 244 47.16 7.50 27.61
CA TYR C 244 47.78 7.45 26.27
C TYR C 244 48.48 6.10 26.06
N LYS C 245 49.00 5.50 27.15
CA LYS C 245 49.74 4.22 27.05
C LYS C 245 48.82 3.08 26.62
N ASP C 246 47.51 3.20 26.83
CA ASP C 246 46.52 2.11 26.60
C ASP C 246 45.73 2.33 25.30
N ILE C 247 46.03 3.39 24.55
CA ILE C 247 45.32 3.68 23.28
C ILE C 247 45.60 2.56 22.28
N LYS C 248 44.54 2.01 21.68
CA LYS C 248 44.64 1.04 20.56
C LYS C 248 44.82 1.86 19.28
N LEU C 249 45.94 1.70 18.59
CA LEU C 249 46.21 2.40 17.31
C LEU C 249 45.79 1.49 16.16
N PRO C 250 45.12 2.04 15.13
CA PRO C 250 44.61 1.21 14.04
C PRO C 250 45.68 0.76 13.03
N LYS C 251 45.30 -0.16 12.13
CA LYS C 251 46.22 -0.81 11.17
C LYS C 251 46.85 0.26 10.25
N ASN C 252 46.13 1.35 9.95
CA ASN C 252 46.69 2.39 9.05
C ASN C 252 47.41 3.50 9.82
N PHE C 253 47.58 3.38 11.13
CA PHE C 253 48.31 4.39 11.93
C PHE C 253 49.81 4.38 11.56
N GLY C 254 50.33 5.56 11.28
CA GLY C 254 51.77 5.87 11.23
C GLY C 254 52.44 5.23 10.02
N ILE C 255 51.69 4.78 9.02
CA ILE C 255 52.29 4.09 7.85
C ILE C 255 52.91 5.11 6.90
N LYS C 256 53.79 4.64 6.01
CA LYS C 256 54.28 5.47 4.88
C LYS C 256 53.20 5.36 3.78
N ARG C 257 52.71 6.47 3.26
CA ARG C 257 51.71 6.43 2.19
C ARG C 257 52.35 5.88 0.92
N LYS C 258 51.79 4.82 0.37
CA LYS C 258 52.33 4.18 -0.87
C LYS C 258 51.42 4.54 -2.05
N HIS C 259 51.99 5.19 -3.07
CA HIS C 259 51.27 5.47 -4.34
C HIS C 259 50.00 6.29 -4.04
N LYS C 260 50.14 7.28 -3.15
CA LYS C 260 49.03 8.21 -2.83
C LYS C 260 49.30 9.55 -3.48
N PRO C 261 48.25 10.34 -3.73
CA PRO C 261 48.43 11.64 -4.36
C PRO C 261 49.30 12.60 -3.55
N MET C 262 49.90 13.55 -4.25
CA MET C 262 50.89 14.49 -3.66
C MET C 262 50.18 15.44 -2.70
N ALA C 263 48.90 15.75 -2.87
CA ALA C 263 48.23 16.66 -1.92
C ALA C 263 48.18 16.05 -0.51
N GLN C 264 48.38 14.76 -0.34
CA GLN C 264 48.44 14.16 1.01
C GLN C 264 49.82 14.46 1.67
N ASP C 265 50.81 14.90 0.90
CA ASP C 265 52.18 15.09 1.40
C ASP C 265 52.41 16.53 1.87
N ASP C 266 51.73 17.50 1.27
CA ASP C 266 52.12 18.92 1.39
C ASP C 266 51.61 19.51 2.72
N ILE C 267 52.33 20.49 3.23
CA ILE C 267 52.06 21.12 4.55
C ILE C 267 51.09 22.28 4.33
N TRP C 268 49.79 21.98 4.17
CA TRP C 268 48.83 23.04 3.77
C TRP C 268 48.66 24.05 4.92
N TRP C 269 48.29 23.54 6.09
CA TRP C 269 48.22 24.34 7.35
C TRP C 269 49.49 24.03 8.09
N PRO C 270 50.09 24.97 8.84
CA PRO C 270 51.43 24.73 9.40
C PRO C 270 51.55 23.48 10.27
N TRP C 271 50.47 23.11 11.00
CA TRP C 271 50.51 21.95 11.89
C TRP C 271 50.50 20.63 11.13
N HIS C 272 50.29 20.64 9.80
CA HIS C 272 50.32 19.38 9.02
C HIS C 272 51.73 18.78 8.93
N ASP C 273 52.76 19.54 9.27
CA ASP C 273 54.13 18.99 9.44
C ASP C 273 54.13 18.18 10.74
N VAL C 274 54.04 16.85 10.61
CA VAL C 274 53.98 15.93 11.78
C VAL C 274 55.31 15.16 11.88
N SER C 275 56.36 15.67 11.23
CA SER C 275 57.70 15.01 11.19
C SER C 275 58.29 14.93 12.61
N HIS C 276 57.90 15.85 13.50
CA HIS C 276 58.37 15.96 14.89
C HIS C 276 57.55 15.10 15.85
N MET C 277 56.46 14.47 15.40
CA MET C 277 55.53 13.78 16.31
C MET C 277 56.11 12.42 16.70
N SER C 278 56.28 12.16 17.98
CA SER C 278 56.63 10.80 18.49
C SER C 278 55.38 9.94 18.56
N GLU C 279 55.54 8.63 18.74
CA GLU C 279 54.37 7.78 19.00
C GLU C 279 53.62 8.28 20.25
N THR C 280 54.33 8.70 21.31
CA THR C 280 53.72 9.28 22.49
C THR C 280 52.84 10.49 22.13
N ASP C 281 53.35 11.39 21.30
CA ASP C 281 52.58 12.57 20.83
C ASP C 281 51.31 12.09 20.13
N TRP C 282 51.40 11.10 19.24
CA TRP C 282 50.17 10.63 18.55
C TRP C 282 49.21 9.97 19.55
N ARG C 283 49.73 9.21 20.51
CA ARG C 283 48.89 8.54 21.52
C ARG C 283 48.14 9.62 22.35
N LYS C 284 48.85 10.69 22.69
CA LYS C 284 48.23 11.80 23.46
C LYS C 284 47.20 12.52 22.59
N ALA C 285 47.45 12.69 21.30
CA ALA C 285 46.42 13.25 20.40
C ALA C 285 45.13 12.43 20.53
N HIS C 286 45.26 11.10 20.59
CA HIS C 286 44.09 10.21 20.78
C HIS C 286 43.50 10.43 22.19
N SER C 287 44.32 10.42 23.23
CA SER C 287 43.74 10.45 24.60
CA SER C 287 43.88 10.53 24.66
C SER C 287 43.03 11.79 24.82
N PHE C 288 43.55 12.89 24.28
CA PHE C 288 42.89 14.21 24.41
C PHE C 288 41.63 14.26 23.54
N TYR C 289 41.66 13.70 22.33
CA TYR C 289 40.45 13.60 21.48
C TYR C 289 39.36 12.81 22.21
N TYR C 290 39.75 11.71 22.86
CA TYR C 290 38.77 10.86 23.58
C TYR C 290 38.19 11.64 24.77
N GLY C 291 39.02 12.38 25.49
CA GLY C 291 38.60 13.28 26.58
C GLY C 291 37.60 14.31 26.07
N ALA C 292 37.85 14.87 24.90
CA ALA C 292 36.96 15.85 24.23
C ALA C 292 35.61 15.19 23.93
N ILE C 293 35.60 13.96 23.43
CA ILE C 293 34.32 13.27 23.15
C ILE C 293 33.60 13.04 24.49
N ALA C 294 34.32 12.67 25.54
CA ALA C 294 33.69 12.46 26.87
C ALA C 294 33.04 13.79 27.34
N MET C 295 33.72 14.92 27.12
CA MET C 295 33.20 16.21 27.55
C MET C 295 31.99 16.55 26.66
N ILE C 296 32.03 16.21 25.38
CA ILE C 296 30.87 16.46 24.48
C ILE C 296 29.70 15.64 24.99
N ASP C 297 29.92 14.40 25.43
CA ASP C 297 28.80 13.58 25.92
C ASP C 297 28.13 14.29 27.12
N HIS C 298 28.93 14.86 28.02
CA HIS C 298 28.45 15.63 29.21
C HIS C 298 27.60 16.81 28.72
N ALA C 299 28.09 17.57 27.75
CA ALA C 299 27.37 18.73 27.16
C ALA C 299 26.02 18.29 26.60
N VAL C 300 26.00 17.18 25.83
CA VAL C 300 24.75 16.70 25.21
C VAL C 300 23.78 16.33 26.34
N GLY C 301 24.26 15.65 27.37
CA GLY C 301 23.38 15.29 28.50
C GLY C 301 22.78 16.54 29.15
N GLU C 302 23.57 17.60 29.30
CA GLU C 302 23.10 18.84 29.93
C GLU C 302 21.96 19.42 29.10
N LEU C 303 22.11 19.44 27.77
CA LEU C 303 21.08 20.07 26.91
C LEU C 303 19.83 19.18 26.84
N ILE C 304 19.99 17.86 26.74
CA ILE C 304 18.83 16.93 26.68
C ILE C 304 18.08 17.01 28.02
N ASN C 305 18.81 17.06 29.13
CA ASN C 305 18.16 17.16 30.48
C ASN C 305 17.37 18.46 30.54
N THR C 306 17.91 19.57 30.02
CA THR C 306 17.18 20.86 30.03
C THR C 306 15.95 20.74 29.12
N ALA C 307 16.05 20.11 27.96
CA ALA C 307 14.87 19.94 27.10
C ALA C 307 13.79 19.14 27.89
N LYS C 308 14.20 18.12 28.64
CA LYS C 308 13.25 17.30 29.45
C LYS C 308 12.63 18.19 30.56
N GLU C 309 13.45 18.93 31.29
CA GLU C 309 13.00 19.81 32.40
C GLU C 309 12.02 20.85 31.87
N GLU C 310 12.23 21.37 30.66
CA GLU C 310 11.40 22.45 30.09
C GLU C 310 10.15 21.89 29.39
N GLY C 311 9.98 20.58 29.34
CA GLY C 311 8.81 19.94 28.72
C GLY C 311 8.84 20.02 27.21
N LEU C 312 10.03 20.18 26.61
CA LEU C 312 10.18 20.17 25.13
C LEU C 312 10.61 18.81 24.59
N TYR C 313 11.19 17.94 25.40
CA TYR C 313 11.90 16.77 24.86
C TYR C 313 10.93 15.83 24.15
N ASP C 314 9.73 15.61 24.69
CA ASP C 314 8.91 14.48 24.21
C ASP C 314 8.47 14.70 22.76
N ASP C 315 8.37 15.96 22.29
CA ASP C 315 8.01 16.26 20.88
C ASP C 315 9.19 16.88 20.13
N LEU C 316 10.39 16.83 20.68
CA LEU C 316 11.57 17.50 20.08
C LEU C 316 12.13 16.62 18.98
N HIS C 317 12.25 17.19 17.78
CA HIS C 317 12.86 16.57 16.60
C HIS C 317 14.34 16.97 16.61
N ILE C 318 15.24 16.01 16.77
CA ILE C 318 16.67 16.27 17.11
C ILE C 318 17.55 15.74 15.98
N ILE C 319 18.58 16.51 15.61
CA ILE C 319 19.68 16.04 14.74
C ILE C 319 20.96 16.23 15.51
N LEU C 320 21.76 15.19 15.66
CA LEU C 320 23.13 15.31 16.18
C LEU C 320 24.05 14.90 15.04
N VAL C 321 25.01 15.75 14.71
CA VAL C 321 25.85 15.45 13.52
C VAL C 321 27.21 16.12 13.72
N GLY C 322 28.25 15.47 13.16
CA GLY C 322 29.59 16.11 13.08
C GLY C 322 29.80 16.62 11.66
N ASP C 323 30.45 17.77 11.47
CA ASP C 323 30.58 18.35 10.10
C ASP C 323 31.45 17.46 9.21
N GLN C 324 32.40 16.77 9.82
CA GLN C 324 33.31 15.77 9.23
C GLN C 324 34.09 15.13 10.38
N GLY C 325 34.92 14.15 10.07
CA GLY C 325 35.79 13.55 11.07
C GLY C 325 37.07 14.31 11.31
N SER C 326 38.09 13.56 11.66
CA SER C 326 39.40 14.10 12.07
C SER C 326 40.41 12.97 11.95
N MET C 327 41.58 13.30 11.40
CA MET C 327 42.69 12.32 11.23
C MET C 327 43.58 12.36 12.50
N LEU C 328 43.77 11.18 13.12
CA LEU C 328 44.59 10.98 14.33
C LEU C 328 45.81 10.12 13.97
N GLY C 329 46.43 10.36 12.81
CA GLY C 329 47.67 9.67 12.39
C GLY C 329 47.44 8.54 11.42
N GLU C 330 46.20 8.25 11.05
CA GLU C 330 45.89 7.30 9.95
C GLU C 330 46.59 7.84 8.69
N HIS C 331 47.34 6.99 8.01
CA HIS C 331 48.12 7.42 6.81
C HIS C 331 49.11 8.51 7.18
N ASN C 332 49.50 8.56 8.46
CA ASN C 332 50.42 9.58 9.01
C ASN C 332 49.87 11.00 8.79
N LEU C 333 48.56 11.16 8.79
CA LEU C 333 47.89 12.48 8.61
C LEU C 333 47.26 12.94 9.93
N TYR C 334 47.29 14.26 10.13
CA TYR C 334 46.69 14.91 11.34
C TYR C 334 45.64 15.92 10.88
N ASP C 335 44.54 16.00 11.64
CA ASP C 335 43.46 17.02 11.43
C ASP C 335 42.65 16.64 10.19
N LYS C 336 42.94 17.28 9.08
CA LYS C 336 42.20 17.14 7.83
C LYS C 336 43.02 17.82 6.74
N GLY C 337 42.55 17.62 5.55
CA GLY C 337 43.18 18.12 4.32
C GLY C 337 42.47 17.63 3.07
N PRO C 338 42.97 17.93 1.86
CA PRO C 338 42.31 17.52 0.62
C PRO C 338 42.51 16.04 0.28
N TYR C 339 41.61 15.22 0.82
CA TYR C 339 41.62 13.75 0.67
C TYR C 339 40.30 13.20 1.21
N ALA C 340 40.06 11.90 1.03
CA ALA C 340 38.71 11.31 1.08
C ALA C 340 38.66 10.08 2.00
N TYR C 341 39.67 9.91 2.85
CA TYR C 341 39.75 8.74 3.74
C TYR C 341 38.52 8.72 4.65
N ASP C 342 38.05 7.50 4.93
CA ASP C 342 36.85 7.28 5.75
C ASP C 342 36.92 8.02 7.10
N GLU C 343 38.07 8.08 7.75
CA GLU C 343 38.12 8.71 9.10
C GLU C 343 37.68 10.18 9.01
N LEU C 344 37.88 10.83 7.87
CA LEU C 344 37.45 12.23 7.64
C LEU C 344 36.07 12.28 6.98
N MET C 345 35.84 11.44 5.98
CA MET C 345 34.61 11.49 5.13
C MET C 345 33.38 11.01 5.94
N ARG C 346 33.54 9.99 6.77
CA ARG C 346 32.41 9.46 7.55
C ARG C 346 32.05 10.47 8.64
N MET C 347 30.76 10.59 8.92
CA MET C 347 30.31 11.50 9.99
C MET C 347 29.31 10.77 10.86
N PRO C 348 29.28 11.11 12.15
CA PRO C 348 28.23 10.60 13.03
C PRO C 348 26.94 11.34 12.71
N LEU C 349 25.82 10.59 12.72
CA LEU C 349 24.50 11.20 12.49
C LEU C 349 23.46 10.39 13.22
N ILE C 350 22.71 11.07 14.05
CA ILE C 350 21.50 10.55 14.72
C ILE C 350 20.41 11.54 14.41
N ILE C 351 19.27 11.06 13.92
CA ILE C 351 18.08 11.89 13.74
C ILE C 351 16.95 11.25 14.57
N ARG C 352 16.47 11.98 15.55
CA ARG C 352 15.40 11.51 16.45
C ARG C 352 14.09 12.19 16.10
N ASP C 353 13.16 11.38 15.61
CA ASP C 353 11.77 11.80 15.34
C ASP C 353 10.92 11.11 16.40
N PRO C 354 10.31 11.86 17.31
CA PRO C 354 9.63 11.25 18.48
C PRO C 354 8.42 10.41 18.05
N SER C 355 7.94 10.55 16.81
CA SER C 355 6.77 9.81 16.29
C SER C 355 7.17 8.42 15.78
N LEU C 356 8.45 8.10 15.67
CA LEU C 356 8.94 6.90 14.97
C LEU C 356 9.63 5.96 15.93
N GLU C 357 9.52 4.67 15.62
CA GLU C 357 10.27 3.62 16.31
C GLU C 357 11.74 3.74 15.89
N PRO C 358 12.66 3.52 16.82
CA PRO C 358 14.09 3.57 16.51
C PRO C 358 14.51 2.51 15.50
N LYS C 359 15.43 2.85 14.61
CA LYS C 359 16.01 1.91 13.63
C LYS C 359 17.47 2.26 13.40
N ILE C 360 18.24 1.27 12.96
CA ILE C 360 19.63 1.45 12.49
C ILE C 360 19.61 1.41 10.97
N ILE C 361 20.12 2.48 10.35
CA ILE C 361 20.18 2.62 8.87
C ILE C 361 21.61 2.38 8.43
N ASN C 362 21.83 1.35 7.61
CA ASN C 362 23.18 1.00 7.13
C ASN C 362 23.33 1.42 5.65
N ARG C 363 22.26 1.88 5.00
CA ARG C 363 22.37 2.54 3.69
C ARG C 363 23.21 3.81 3.87
N GLN C 364 24.04 4.12 2.89
CA GLN C 364 24.77 5.41 2.98
C GLN C 364 23.80 6.57 2.86
N VAL C 365 24.11 7.64 3.59
CA VAL C 365 23.39 8.92 3.49
C VAL C 365 24.46 10.03 3.50
N SER C 366 24.03 11.25 3.25
CA SER C 366 24.93 12.39 2.94
C SER C 366 24.53 13.62 3.74
N MET C 367 25.48 14.49 3.95
CA MET C 367 25.20 15.83 4.51
C MET C 367 24.15 16.54 3.66
N LEU C 368 24.05 16.26 2.35
CA LEU C 368 23.05 16.94 1.49
C LEU C 368 21.63 16.47 1.83
N ASP C 369 21.48 15.47 2.72
CA ASP C 369 20.16 14.91 3.05
C ASP C 369 19.59 15.60 4.31
N ILE C 370 20.37 16.44 4.97
CA ILE C 370 19.90 17.09 6.23
C ILE C 370 18.85 18.17 5.89
N ALA C 371 19.11 19.07 4.97
CA ALA C 371 18.16 20.14 4.61
C ALA C 371 16.81 19.56 4.15
N PRO C 372 16.76 18.53 3.26
CA PRO C 372 15.47 18.00 2.84
C PRO C 372 14.71 17.31 4.00
N THR C 373 15.44 16.72 4.94
CA THR C 373 14.83 16.09 6.14
C THR C 373 14.17 17.21 6.96
N LEU C 374 14.89 18.31 7.19
CA LEU C 374 14.32 19.50 7.86
C LEU C 374 13.14 20.04 7.08
N ARG C 375 13.24 20.08 5.76
CA ARG C 375 12.18 20.65 4.90
C ARG C 375 10.90 19.80 5.09
N GLN C 376 11.04 18.48 5.11
CA GLN C 376 9.87 17.58 5.29
C GLN C 376 9.31 17.74 6.71
N TRP C 377 10.13 17.69 7.75
CA TRP C 377 9.67 17.88 9.14
C TRP C 377 8.87 19.17 9.27
N MET C 378 9.43 20.28 8.76
CA MET C 378 8.99 21.65 9.12
C MET C 378 8.06 22.23 8.05
N THR C 379 7.81 21.50 6.97
CA THR C 379 7.15 21.99 5.75
C THR C 379 7.82 23.30 5.32
N LEU C 380 9.16 23.30 5.22
CA LEU C 380 9.85 24.52 4.74
C LEU C 380 9.51 24.76 3.27
N PRO C 381 9.34 26.03 2.86
CA PRO C 381 9.26 26.35 1.44
C PRO C 381 10.59 25.95 0.79
N LEU C 382 10.51 25.53 -0.47
CA LEU C 382 11.73 25.19 -1.26
C LEU C 382 12.29 26.51 -1.79
N ASP C 383 13.59 26.77 -1.58
CA ASP C 383 14.19 28.03 -2.10
C ASP C 383 15.01 27.72 -3.36
N GLY C 384 14.95 26.49 -3.85
CA GLY C 384 15.75 26.05 -4.98
C GLY C 384 15.92 24.55 -4.97
N ASP C 385 16.97 24.08 -5.65
CA ASP C 385 17.27 22.65 -5.75
C ASP C 385 17.44 22.02 -4.38
N GLU C 386 17.13 20.73 -4.28
CA GLU C 386 17.58 19.84 -3.18
C GLU C 386 18.47 18.79 -3.82
N ASP C 387 19.79 18.91 -3.63
CA ASP C 387 20.76 17.94 -4.18
C ASP C 387 20.72 16.60 -3.44
N GLY C 388 20.14 16.56 -2.24
CA GLY C 388 19.96 15.34 -1.44
C GLY C 388 18.52 14.87 -1.42
N ARG C 389 18.21 14.00 -0.48
CA ARG C 389 16.86 13.42 -0.35
C ARG C 389 16.46 13.45 1.13
N SER C 390 15.16 13.59 1.37
CA SER C 390 14.64 13.47 2.75
C SER C 390 14.95 12.07 3.30
N LEU C 391 15.31 11.99 4.57
CA LEU C 391 15.66 10.72 5.22
C LEU C 391 14.39 10.15 5.90
N LEU C 392 13.25 10.84 5.83
CA LEU C 392 12.06 10.33 6.56
C LEU C 392 11.70 8.92 6.10
N PRO C 393 11.68 8.60 4.78
CA PRO C 393 11.35 7.21 4.36
C PRO C 393 12.24 6.17 5.03
N LEU C 394 13.56 6.40 5.09
CA LEU C 394 14.49 5.49 5.79
C LEU C 394 14.14 5.47 7.28
N MET C 395 13.84 6.61 7.89
CA MET C 395 13.58 6.66 9.35
C MET C 395 12.32 5.85 9.65
N LYS C 396 11.37 5.85 8.71
CA LYS C 396 10.07 5.14 8.90
C LYS C 396 10.28 3.65 8.64
N GLN C 397 10.90 3.29 7.52
CA GLN C 397 10.84 1.91 6.97
C GLN C 397 12.11 1.13 7.24
N GLY C 398 13.22 1.80 7.54
CA GLY C 398 14.53 1.14 7.59
C GLY C 398 15.14 1.06 6.19
N ASP C 399 16.22 0.31 6.06
CA ASP C 399 17.04 0.17 4.82
C ASP C 399 16.15 -0.18 3.63
N SER C 400 15.07 -0.93 3.81
CA SER C 400 14.20 -1.34 2.70
C SER C 400 13.62 -0.13 1.95
N ALA C 401 13.55 1.07 2.55
CA ALA C 401 13.09 2.27 1.81
C ALA C 401 13.91 2.44 0.53
N ASP C 402 15.16 2.02 0.53
CA ASP C 402 16.09 2.22 -0.63
C ASP C 402 16.23 0.91 -1.42
N ALA C 403 15.31 -0.06 -1.24
CA ALA C 403 15.34 -1.31 -2.04
C ALA C 403 15.45 -0.94 -3.52
N GLY C 404 16.34 -1.58 -4.25
CA GLY C 404 16.44 -1.33 -5.71
C GLY C 404 17.30 -0.12 -6.06
N LYS C 405 17.72 0.72 -5.10
CA LYS C 405 18.56 1.91 -5.41
C LYS C 405 20.04 1.53 -5.23
N ASP C 406 20.94 2.14 -6.00
CA ASP C 406 22.40 1.93 -5.80
C ASP C 406 22.75 2.55 -4.44
N ASP C 407 23.58 1.87 -3.67
CA ASP C 407 24.04 2.37 -2.35
C ASP C 407 25.34 3.14 -2.58
N ILE C 408 25.21 4.44 -2.87
CA ILE C 408 26.41 5.27 -3.17
C ILE C 408 26.41 6.50 -2.27
N SER C 409 27.59 7.08 -2.11
CA SER C 409 27.71 8.45 -1.56
C SER C 409 28.71 9.21 -2.42
N LEU C 410 28.48 10.51 -2.54
CA LEU C 410 29.33 11.43 -3.30
C LEU C 410 29.99 12.38 -2.32
N TYR C 411 31.29 12.59 -2.48
CA TYR C 411 32.08 13.50 -1.63
C TYR C 411 32.89 14.42 -2.53
N ALA C 412 33.00 15.69 -2.17
CA ALA C 412 33.82 16.65 -2.96
C ALA C 412 34.90 17.24 -2.05
N TYR C 413 36.02 17.62 -2.63
CA TYR C 413 37.03 18.43 -1.92
C TYR C 413 37.59 19.43 -2.94
N GLU C 414 36.76 20.43 -3.22
CA GLU C 414 37.06 21.39 -4.28
C GLU C 414 38.30 22.21 -3.90
N TRP C 415 38.37 22.63 -2.65
CA TRP C 415 39.40 23.56 -2.12
C TRP C 415 39.82 23.15 -0.73
N TYR C 416 41.08 23.41 -0.39
CA TYR C 416 41.53 23.42 1.03
C TYR C 416 42.19 24.77 1.29
N ASN C 417 41.45 25.70 1.91
CA ASN C 417 42.01 26.97 2.42
C ASN C 417 42.86 27.62 1.34
N GLY C 418 42.29 27.77 0.14
CA GLY C 418 42.99 28.52 -0.91
C GLY C 418 43.73 27.65 -1.91
N GLY C 419 43.95 26.37 -1.60
CA GLY C 419 44.47 25.40 -2.58
C GLY C 419 43.32 24.80 -3.35
N TRP C 420 43.35 24.81 -4.69
CA TRP C 420 42.32 24.14 -5.50
C TRP C 420 42.70 22.67 -5.74
N PHE C 421 41.78 21.73 -5.55
CA PHE C 421 42.03 20.29 -5.78
C PHE C 421 40.97 19.64 -6.66
N GLY C 422 39.72 20.11 -6.64
CA GLY C 422 38.66 19.55 -7.52
C GLY C 422 38.35 18.09 -7.23
N ILE C 423 38.66 17.60 -6.04
CA ILE C 423 38.55 16.15 -5.73
C ILE C 423 37.08 15.74 -5.76
N ARG C 424 36.81 14.55 -6.31
CA ARG C 424 35.49 13.89 -6.17
C ARG C 424 35.72 12.45 -5.76
N ALA C 425 34.89 11.96 -4.85
CA ALA C 425 34.94 10.53 -4.48
C ALA C 425 33.53 9.96 -4.62
N ILE C 426 33.47 8.72 -5.09
CA ILE C 426 32.22 7.94 -5.04
C ILE C 426 32.52 6.71 -4.19
N ARG C 427 31.64 6.43 -3.24
CA ARG C 427 31.84 5.35 -2.25
C ARG C 427 30.63 4.42 -2.27
N THR C 428 30.91 3.13 -2.38
CA THR C 428 29.92 2.05 -2.24
C THR C 428 30.28 1.30 -0.98
N PRO C 429 29.44 0.35 -0.52
CA PRO C 429 29.80 -0.47 0.63
C PRO C 429 31.12 -1.20 0.43
N GLU C 430 31.51 -1.51 -0.80
CA GLU C 430 32.71 -2.36 -1.03
C GLU C 430 33.87 -1.61 -1.68
N MET C 431 33.65 -0.42 -2.27
CA MET C 431 34.72 0.21 -3.08
C MET C 431 34.67 1.73 -2.88
N LYS C 432 35.80 2.39 -3.12
CA LYS C 432 35.83 3.87 -3.18
C LYS C 432 36.75 4.27 -4.34
N PHE C 433 36.25 5.16 -5.18
CA PHE C 433 37.06 5.74 -6.27
C PHE C 433 37.20 7.24 -6.00
N VAL C 434 38.42 7.72 -6.01
CA VAL C 434 38.72 9.17 -5.79
C VAL C 434 39.41 9.71 -7.03
N TRP C 435 38.79 10.72 -7.61
CA TRP C 435 39.32 11.48 -8.76
C TRP C 435 40.06 12.69 -8.23
N ASN C 436 41.32 12.81 -8.61
CA ASN C 436 42.22 13.92 -8.17
C ASN C 436 42.67 14.68 -9.41
N PRO C 437 41.81 15.58 -9.95
CA PRO C 437 42.07 16.17 -11.26
C PRO C 437 43.26 17.16 -11.29
N GLY C 438 43.78 17.54 -10.11
CA GLY C 438 44.98 18.39 -9.99
C GLY C 438 46.24 17.53 -9.86
N ASP C 439 46.15 16.25 -10.12
CA ASP C 439 47.23 15.25 -9.95
C ASP C 439 47.16 14.31 -11.14
N SER C 440 48.14 13.45 -11.30
CA SER C 440 48.10 12.32 -12.24
C SER C 440 47.65 11.04 -11.53
N ARG C 441 47.65 11.01 -10.20
CA ARG C 441 47.27 9.81 -9.40
C ARG C 441 45.82 9.94 -8.87
N ASP C 442 44.95 9.07 -9.33
CA ASP C 442 43.64 8.80 -8.70
C ASP C 442 43.81 7.74 -7.61
N GLU C 443 42.78 7.49 -6.83
CA GLU C 443 42.78 6.44 -5.81
C GLU C 443 41.64 5.45 -6.09
N LEU C 444 41.90 4.18 -5.81
CA LEU C 444 40.84 3.16 -5.85
C LEU C 444 41.07 2.23 -4.65
N TYR C 445 40.10 2.14 -3.77
CA TYR C 445 40.21 1.30 -2.55
C TYR C 445 39.14 0.23 -2.56
N ASP C 446 39.57 -1.01 -2.27
CA ASP C 446 38.68 -2.16 -2.00
C ASP C 446 38.35 -2.15 -0.51
N LEU C 447 37.20 -1.61 -0.15
CA LEU C 447 36.84 -1.41 1.28
C LEU C 447 36.52 -2.75 1.92
N LYS C 448 36.15 -3.75 1.12
CA LYS C 448 35.84 -5.09 1.68
C LYS C 448 37.15 -5.73 2.17
N ASN C 449 38.20 -5.76 1.36
CA ASN C 449 39.46 -6.46 1.69
C ASN C 449 40.47 -5.51 2.31
N ASP C 450 40.27 -4.19 2.19
CA ASP C 450 41.24 -3.17 2.64
C ASP C 450 40.45 -2.00 3.23
N PRO C 451 39.67 -2.21 4.31
CA PRO C 451 38.86 -1.13 4.86
C PRO C 451 39.70 0.05 5.38
N TYR C 452 40.98 -0.14 5.65
CA TYR C 452 41.90 0.92 6.12
C TYR C 452 42.48 1.72 4.95
N GLU C 453 42.13 1.41 3.70
CA GLU C 453 42.49 2.23 2.51
C GLU C 453 44.00 2.37 2.37
N ILE C 454 44.75 1.29 2.66
CA ILE C 454 46.22 1.32 2.60
C ILE C 454 46.70 1.16 1.16
N THR C 455 46.02 0.35 0.36
CA THR C 455 46.53 -0.07 -0.96
C THR C 455 45.75 0.61 -2.07
N ASN C 456 46.42 1.51 -2.78
CA ASN C 456 45.81 2.11 -3.99
C ASN C 456 45.80 1.13 -5.15
N GLN C 457 44.62 0.68 -5.57
CA GLN C 457 44.44 -0.35 -6.64
C GLN C 457 44.20 0.31 -8.01
N ILE C 458 44.40 1.62 -8.16
CA ILE C 458 43.99 2.38 -9.38
C ILE C 458 44.59 1.75 -10.66
N ASP C 459 45.81 1.20 -10.58
CA ASP C 459 46.53 0.62 -11.73
C ASP C 459 46.41 -0.91 -11.77
N ASN C 460 45.61 -1.52 -10.90
CA ASN C 460 45.45 -2.99 -10.85
C ASN C 460 44.38 -3.44 -11.84
N PRO C 461 44.73 -4.12 -12.93
CA PRO C 461 43.74 -4.56 -13.91
C PRO C 461 42.71 -5.56 -13.37
N LYS C 462 42.96 -6.18 -12.22
CA LYS C 462 41.95 -7.04 -11.56
C LYS C 462 40.76 -6.19 -11.12
N TYR C 463 40.94 -4.88 -11.01
CA TYR C 463 39.84 -4.00 -10.57
C TYR C 463 39.28 -3.18 -11.72
N LYS C 464 39.50 -3.58 -12.97
CA LYS C 464 39.04 -2.80 -14.14
C LYS C 464 37.50 -2.69 -14.10
N LYS C 465 36.77 -3.76 -13.78
CA LYS C 465 35.29 -3.77 -13.80
C LYS C 465 34.80 -2.81 -12.72
N GLN C 466 35.38 -2.88 -11.52
CA GLN C 466 34.95 -2.01 -10.40
C GLN C 466 35.22 -0.54 -10.78
N LEU C 467 36.40 -0.25 -11.32
CA LEU C 467 36.75 1.16 -11.65
C LEU C 467 35.78 1.65 -12.74
N THR C 468 35.50 0.83 -13.74
CA THR C 468 34.61 1.24 -14.85
C THR C 468 33.22 1.59 -14.29
N ASP C 469 32.67 0.75 -13.42
CA ASP C 469 31.36 0.94 -12.78
C ASP C 469 31.39 2.24 -11.97
N LEU C 470 32.42 2.46 -11.18
CA LEU C 470 32.51 3.66 -10.29
C LEU C 470 32.63 4.93 -11.14
N VAL C 471 33.41 4.87 -12.22
CA VAL C 471 33.53 6.01 -13.16
C VAL C 471 32.15 6.34 -13.74
N HIS C 472 31.37 5.34 -14.17
CA HIS C 472 30.02 5.57 -14.74
C HIS C 472 29.11 6.18 -13.66
N LYS C 473 29.23 5.70 -12.41
CA LYS C 473 28.38 6.19 -11.31
C LYS C 473 28.76 7.65 -11.02
N MET C 474 30.06 7.96 -11.01
CA MET C 474 30.53 9.33 -10.74
C MET C 474 30.05 10.25 -11.87
N ALA C 475 30.14 9.84 -13.13
CA ALA C 475 29.68 10.66 -14.27
C ALA C 475 28.19 10.96 -14.09
N GLY C 476 27.40 9.97 -13.71
CA GLY C 476 25.97 10.19 -13.51
C GLY C 476 25.69 11.15 -12.38
N GLU C 477 26.44 11.06 -11.28
CA GLU C 477 26.25 11.99 -10.14
C GLU C 477 26.62 13.40 -10.59
N LEU C 478 27.76 13.56 -11.25
CA LEU C 478 28.17 14.93 -11.66
C LEU C 478 27.13 15.51 -12.62
N ASN C 479 26.53 14.69 -13.48
CA ASN C 479 25.49 15.16 -14.41
C ASN C 479 24.25 15.58 -13.60
N ARG C 480 23.86 14.76 -12.64
CA ARG C 480 22.62 14.99 -11.83
C ARG C 480 22.74 16.34 -11.09
N ILE C 481 23.90 16.63 -10.50
CA ILE C 481 24.03 17.87 -9.67
C ILE C 481 24.57 19.02 -10.55
N ASP C 482 24.77 18.82 -11.85
CA ASP C 482 25.19 19.88 -12.79
CA ASP C 482 25.19 19.89 -12.79
C ASP C 482 26.56 20.44 -12.37
N ASP C 483 27.46 19.55 -11.99
CA ASP C 483 28.85 19.94 -11.64
C ASP C 483 29.58 20.21 -12.94
N PRO C 484 30.09 21.44 -13.17
CA PRO C 484 30.74 21.76 -14.43
C PRO C 484 32.05 20.98 -14.65
N SER C 485 32.56 20.30 -13.63
CA SER C 485 33.80 19.51 -13.81
C SER C 485 33.53 18.21 -14.57
N LEU C 486 32.26 17.89 -14.89
CA LEU C 486 31.94 16.72 -15.72
C LEU C 486 32.70 16.82 -17.05
N THR C 487 32.92 18.01 -17.62
CA THR C 487 33.66 18.12 -18.90
C THR C 487 35.08 17.56 -18.73
N LYS C 488 35.79 18.01 -17.72
CA LYS C 488 37.16 17.53 -17.45
C LYS C 488 37.13 16.05 -17.09
N PHE C 489 36.14 15.63 -16.31
CA PHE C 489 35.98 14.20 -15.92
C PHE C 489 35.91 13.32 -17.19
N ASN C 490 35.12 13.72 -18.15
CA ASN C 490 34.93 12.93 -19.42
C ASN C 490 36.28 12.87 -20.17
N HIS C 491 37.13 13.90 -20.11
CA HIS C 491 38.48 13.83 -20.69
C HIS C 491 39.34 12.86 -19.87
N HIS C 492 39.44 13.08 -18.57
CA HIS C 492 40.35 12.26 -17.73
C HIS C 492 39.95 10.78 -17.77
N MET C 493 38.66 10.49 -17.85
CA MET C 493 38.16 9.08 -17.73
C MET C 493 37.80 8.51 -19.10
N LYS C 494 38.25 9.12 -20.20
CA LYS C 494 37.83 8.70 -21.56
C LYS C 494 38.01 7.18 -21.76
N ALA C 495 39.08 6.57 -21.22
CA ALA C 495 39.33 5.12 -21.40
C ALA C 495 38.18 4.31 -20.78
N PHE C 496 37.44 4.86 -19.82
CA PHE C 496 36.46 4.10 -19.00
C PHE C 496 35.02 4.44 -19.36
N LEU C 497 34.78 5.28 -20.36
CA LEU C 497 33.42 5.47 -20.94
C LEU C 497 33.24 4.57 -22.19
N LYS D 26 12.04 -2.73 -17.28
CA LYS D 26 11.99 -1.54 -18.08
C LYS D 26 10.73 -1.62 -18.95
N PRO D 27 9.67 -0.88 -18.57
CA PRO D 27 8.41 -0.95 -19.33
C PRO D 27 8.52 -0.32 -20.70
N ASN D 28 7.75 -0.83 -21.65
CA ASN D 28 7.59 -0.16 -22.96
C ASN D 28 6.69 1.08 -22.78
N VAL D 29 7.06 2.15 -23.46
CA VAL D 29 6.37 3.47 -23.34
C VAL D 29 6.02 3.99 -24.71
N LEU D 30 4.80 4.46 -24.87
CA LEU D 30 4.34 5.19 -26.09
C LEU D 30 3.79 6.55 -25.67
N ILE D 31 4.30 7.60 -26.29
CA ILE D 31 3.72 8.96 -26.15
C ILE D 31 3.03 9.33 -27.45
N LEU D 32 1.77 9.73 -27.34
CA LEU D 32 0.99 10.31 -28.44
C LEU D 32 0.82 11.80 -28.12
N LEU D 33 1.50 12.63 -28.89
CA LEU D 33 1.58 14.10 -28.63
C LEU D 33 0.89 14.80 -29.78
N PHE D 34 0.05 15.77 -29.46
CA PHE D 34 -0.74 16.54 -30.43
C PHE D 34 -0.44 18.03 -30.26
N ASP D 35 -0.62 18.76 -31.34
CA ASP D 35 -0.19 20.20 -31.46
C ASP D 35 -1.45 21.06 -31.39
N ASP D 36 -1.66 21.73 -30.26
CA ASP D 36 -2.78 22.70 -30.04
C ASP D 36 -4.10 21.95 -29.83
N MET D 37 -4.04 20.75 -29.27
CA MET D 37 -5.25 19.97 -28.94
C MET D 37 -5.80 20.43 -27.58
N ARG D 38 -7.01 20.98 -27.59
CA ARG D 38 -7.69 21.48 -26.39
C ARG D 38 -8.11 20.32 -25.45
N PHE D 39 -8.34 20.67 -24.19
CA PHE D 39 -8.70 19.72 -23.11
C PHE D 39 -10.15 19.22 -23.32
N ASP D 40 -10.99 20.00 -23.99
CA ASP D 40 -12.47 19.94 -23.76
C ASP D 40 -13.25 19.31 -24.92
N THR D 41 -12.64 18.91 -26.01
CA THR D 41 -13.43 18.57 -27.26
C THR D 41 -14.01 17.15 -27.16
N PHE D 42 -13.35 16.27 -26.42
CA PHE D 42 -13.57 14.81 -26.40
C PHE D 42 -14.93 14.47 -25.73
N SER D 43 -15.53 13.39 -26.19
CA SER D 43 -16.81 12.94 -25.61
C SER D 43 -16.62 12.50 -24.16
N TYR D 44 -15.45 11.99 -23.75
CA TYR D 44 -15.22 11.65 -22.31
C TYR D 44 -15.26 12.88 -21.42
N ARG D 45 -15.04 14.07 -21.97
CA ARG D 45 -15.14 15.36 -21.22
C ARG D 45 -16.48 16.02 -21.50
N ASN D 46 -17.47 15.29 -22.05
CA ASN D 46 -18.82 15.83 -22.42
C ASN D 46 -18.67 16.86 -23.51
N GLY D 47 -17.65 16.73 -24.34
CA GLY D 47 -17.46 17.65 -25.48
C GLY D 47 -18.19 17.18 -26.72
N PRO D 48 -18.16 18.01 -27.77
CA PRO D 48 -19.03 17.83 -28.92
C PRO D 48 -18.59 16.81 -29.97
N VAL D 49 -17.40 16.24 -29.82
CA VAL D 49 -16.85 15.27 -30.81
C VAL D 49 -16.84 13.89 -30.18
N SER D 50 -17.51 12.94 -30.86
CA SER D 50 -17.43 11.50 -30.48
C SER D 50 -16.01 10.99 -30.71
N THR D 51 -15.30 10.66 -29.64
CA THR D 51 -13.88 10.23 -29.68
C THR D 51 -13.76 8.89 -28.96
N PRO D 52 -14.29 7.80 -29.54
CA PRO D 52 -14.30 6.53 -28.83
C PRO D 52 -12.93 5.92 -28.50
N ASN D 53 -11.93 6.14 -29.34
CA ASN D 53 -10.58 5.56 -29.13
C ASN D 53 -9.91 6.31 -27.97
N ILE D 54 -10.00 7.62 -27.98
CA ILE D 54 -9.40 8.39 -26.85
C ILE D 54 -10.22 8.14 -25.59
N ASP D 55 -11.54 8.10 -25.69
CA ASP D 55 -12.38 7.83 -24.49
C ASP D 55 -12.01 6.47 -23.90
N ALA D 56 -11.75 5.47 -24.73
CA ALA D 56 -11.41 4.12 -24.22
C ALA D 56 -10.09 4.20 -23.46
N LEU D 57 -9.13 4.95 -23.99
CA LEU D 57 -7.82 5.09 -23.31
C LEU D 57 -8.05 5.82 -21.98
N ALA D 58 -8.85 6.87 -21.97
CA ALA D 58 -9.21 7.64 -20.77
C ALA D 58 -9.83 6.70 -19.73
N ASN D 59 -10.68 5.79 -20.17
CA ASN D 59 -11.42 4.89 -19.25
C ASN D 59 -10.48 3.79 -18.71
N GLU D 60 -9.42 3.47 -19.44
CA GLU D 60 -8.47 2.41 -19.09
C GLU D 60 -7.32 2.98 -18.25
N GLY D 61 -7.07 4.29 -18.33
CA GLY D 61 -5.88 4.89 -17.74
C GLY D 61 -6.22 5.87 -16.65
N THR D 62 -5.31 6.79 -16.38
CA THR D 62 -5.49 7.87 -15.38
C THR D 62 -5.86 9.14 -16.11
N ARG D 63 -7.06 9.67 -15.88
CA ARG D 63 -7.49 10.97 -16.48
C ARG D 63 -6.96 12.12 -15.64
N PHE D 64 -6.09 12.95 -16.22
CA PHE D 64 -5.67 14.22 -15.57
C PHE D 64 -6.53 15.33 -16.13
N ASP D 65 -7.70 15.52 -15.53
CA ASP D 65 -8.74 16.40 -16.10
C ASP D 65 -8.44 17.87 -15.80
N GLN D 66 -7.43 18.17 -15.00
CA GLN D 66 -7.07 19.58 -14.67
C GLN D 66 -5.58 19.73 -14.98
N ALA D 67 -5.13 19.12 -16.09
CA ALA D 67 -3.74 19.29 -16.56
C ALA D 67 -3.57 20.67 -17.16
N MET D 68 -2.40 21.25 -16.93
CA MET D 68 -2.06 22.62 -17.41
C MET D 68 -0.70 22.52 -18.12
N THR D 69 -0.61 23.11 -19.29
CA THR D 69 0.70 23.21 -19.97
C THR D 69 1.57 24.24 -19.22
N SER D 70 2.84 24.26 -19.56
CA SER D 70 3.86 25.19 -19.02
C SER D 70 3.80 26.52 -19.77
N THR D 71 3.53 26.50 -21.07
CA THR D 71 3.42 27.66 -21.96
C THR D 71 2.51 27.31 -23.14
N GLY D 72 1.66 28.24 -23.55
CA GLY D 72 0.80 28.08 -24.74
C GLY D 72 1.58 28.34 -26.02
N LEU D 73 2.71 27.69 -26.20
CA LEU D 73 3.57 27.82 -27.40
C LEU D 73 4.38 26.54 -27.56
N ALA D 74 4.63 26.09 -28.78
CA ALA D 74 5.16 24.72 -29.01
C ALA D 74 6.54 24.51 -28.36
N SER D 75 7.60 25.17 -28.85
CA SER D 75 8.97 24.76 -28.49
C SER D 75 9.12 24.86 -26.96
N PRO D 76 8.67 25.94 -26.30
CA PRO D 76 8.88 26.00 -24.84
C PRO D 76 8.14 24.86 -24.13
N SER D 77 6.91 24.56 -24.55
CA SER D 77 6.10 23.50 -23.91
C SER D 77 6.80 22.13 -24.10
N ARG D 78 7.35 21.89 -25.29
CA ARG D 78 7.95 20.59 -25.65
C ARG D 78 9.32 20.46 -24.97
N ALA D 79 10.12 21.53 -24.89
CA ALA D 79 11.38 21.48 -24.12
C ALA D 79 11.06 21.16 -22.66
N ALA D 80 10.04 21.76 -22.07
CA ALA D 80 9.64 21.52 -20.68
C ALA D 80 9.21 20.05 -20.57
N MET D 81 8.38 19.60 -21.50
CA MET D 81 7.85 18.22 -21.47
C MET D 81 9.01 17.23 -21.48
N PHE D 82 9.95 17.39 -22.41
CA PHE D 82 10.97 16.34 -22.63
C PHE D 82 12.17 16.52 -21.70
N THR D 83 12.45 17.71 -21.13
CA THR D 83 13.60 17.87 -20.19
C THR D 83 13.18 17.81 -18.74
N GLY D 84 11.96 18.22 -18.41
CA GLY D 84 11.51 18.35 -17.01
C GLY D 84 11.98 19.62 -16.36
N ARG D 85 12.47 20.57 -17.14
CA ARG D 85 12.93 21.88 -16.61
C ARG D 85 12.28 23.03 -17.35
N TRP D 86 12.11 24.13 -16.63
CA TRP D 86 11.62 25.40 -17.19
C TRP D 86 12.62 25.99 -18.18
N GLY D 87 12.12 26.80 -19.11
CA GLY D 87 12.86 27.44 -20.17
C GLY D 87 14.01 28.29 -19.68
N HIS D 88 13.91 28.97 -18.55
CA HIS D 88 15.08 29.81 -18.11
C HIS D 88 16.24 28.90 -17.78
N LYS D 89 16.02 27.63 -17.52
CA LYS D 89 17.09 26.66 -17.17
C LYS D 89 17.70 26.00 -18.40
N THR D 90 16.92 25.72 -19.43
CA THR D 90 17.39 25.05 -20.66
C THR D 90 17.78 26.08 -21.72
N GLY D 91 17.33 27.33 -21.56
CA GLY D 91 17.46 28.38 -22.56
C GLY D 91 16.39 28.31 -23.61
N LEU D 92 15.49 27.31 -23.55
CA LEU D 92 14.51 27.13 -24.67
C LEU D 92 13.20 27.77 -24.20
N ASP D 93 13.10 29.09 -24.39
CA ASP D 93 11.99 29.90 -23.81
C ASP D 93 11.19 30.62 -24.90
N ASP D 94 11.38 30.24 -26.16
CA ASP D 94 10.62 30.75 -27.32
C ASP D 94 10.50 29.61 -28.30
N ASN D 95 9.58 29.73 -29.25
CA ASN D 95 9.61 28.86 -30.45
C ASN D 95 10.97 28.94 -31.11
N VAL D 96 11.38 27.85 -31.76
CA VAL D 96 12.57 27.89 -32.64
C VAL D 96 12.13 28.08 -34.10
N GLY D 97 12.98 28.74 -34.86
CA GLY D 97 12.94 28.69 -36.33
C GLY D 97 11.78 29.48 -36.91
N LEU D 98 11.28 30.51 -36.22
CA LEU D 98 10.15 31.34 -36.67
C LEU D 98 10.48 32.81 -36.50
N TYR D 99 10.12 33.64 -37.47
CA TYR D 99 10.13 35.12 -37.32
C TYR D 99 9.42 35.47 -36.01
N HIS D 100 9.98 36.30 -35.13
CA HIS D 100 11.35 36.80 -35.12
C HIS D 100 12.06 36.32 -33.85
N SER D 101 11.88 35.05 -33.51
CA SER D 101 12.60 34.39 -32.43
C SER D 101 14.11 34.41 -32.65
N ARG D 102 14.85 34.53 -31.57
CA ARG D 102 16.33 34.47 -31.57
C ARG D 102 16.82 33.03 -31.57
N LEU D 103 15.94 32.04 -31.38
CA LEU D 103 16.35 30.66 -31.13
C LEU D 103 16.24 29.76 -32.35
N SER D 104 17.15 28.78 -32.40
CA SER D 104 17.24 27.79 -33.50
CA SER D 104 17.12 27.80 -33.51
C SER D 104 17.04 26.37 -32.97
N GLU D 105 17.58 26.06 -31.79
CA GLU D 105 17.50 24.66 -31.33
C GLU D 105 17.61 24.61 -29.80
N LEU D 106 17.05 23.55 -29.24
CA LEU D 106 17.40 23.13 -27.88
C LEU D 106 18.86 22.66 -27.91
N SER D 107 19.65 23.16 -26.96
CA SER D 107 21.07 22.79 -26.82
C SER D 107 21.24 21.26 -26.84
N LEU D 108 22.25 20.76 -27.54
CA LEU D 108 22.51 19.29 -27.52
C LEU D 108 22.97 18.81 -26.13
N SER D 109 23.38 19.71 -25.24
CA SER D 109 23.67 19.35 -23.82
C SER D 109 22.39 18.93 -23.11
N GLU D 110 21.21 19.34 -23.64
CA GLU D 110 19.90 18.92 -23.09
C GLU D 110 19.51 17.65 -23.84
N GLY D 111 19.95 16.51 -23.33
CA GLY D 111 19.72 15.21 -23.97
C GLY D 111 18.25 14.84 -23.92
N SER D 112 17.55 15.32 -22.89
CA SER D 112 16.09 15.06 -22.64
C SER D 112 15.89 13.59 -22.26
N VAL D 113 14.63 13.23 -22.00
CA VAL D 113 14.25 11.82 -21.75
C VAL D 113 14.70 10.95 -22.92
N ILE D 114 14.80 11.49 -24.15
CA ILE D 114 15.26 10.64 -25.30
C ILE D 114 16.66 10.08 -25.03
N LYS D 115 17.64 10.94 -24.75
CA LYS D 115 19.02 10.47 -24.53
C LYS D 115 19.10 9.67 -23.22
N ARG D 116 18.40 10.10 -22.19
CA ARG D 116 18.43 9.42 -20.87
C ARG D 116 17.94 7.98 -21.03
N ALA D 117 16.86 7.77 -21.78
CA ALA D 117 16.31 6.41 -22.04
C ALA D 117 17.31 5.59 -22.86
N THR D 118 17.91 6.20 -23.90
CA THR D 118 18.91 5.53 -24.74
C THR D 118 20.07 5.09 -23.83
N SER D 119 20.45 5.90 -22.84
CA SER D 119 21.65 5.62 -22.00
C SER D 119 21.44 4.36 -21.15
N ILE D 120 20.21 3.91 -20.89
CA ILE D 120 19.97 2.69 -20.09
C ILE D 120 19.39 1.58 -20.97
N GLY D 121 19.49 1.71 -22.29
CA GLY D 121 19.31 0.58 -23.23
C GLY D 121 17.94 0.54 -23.87
N TYR D 122 17.15 1.62 -23.82
CA TYR D 122 15.90 1.70 -24.58
C TYR D 122 16.27 1.93 -26.04
N ASP D 123 15.49 1.33 -26.92
CA ASP D 123 15.38 1.76 -28.33
C ASP D 123 14.34 2.86 -28.40
N VAL D 124 14.78 4.08 -28.65
CA VAL D 124 13.87 5.26 -28.73
C VAL D 124 13.62 5.56 -30.21
N SER D 125 12.35 5.80 -30.53
CA SER D 125 11.94 6.19 -31.89
C SER D 125 11.05 7.44 -31.82
N TYR D 126 11.15 8.27 -32.84
CA TYR D 126 10.45 9.56 -32.93
C TYR D 126 9.84 9.69 -34.32
N VAL D 127 8.58 10.09 -34.35
CA VAL D 127 7.86 10.43 -35.60
C VAL D 127 7.18 11.77 -35.43
N GLY D 128 7.31 12.63 -36.42
CA GLY D 128 6.43 13.79 -36.56
C GLY D 128 7.03 15.07 -36.07
N LYS D 129 6.18 15.92 -35.49
CA LYS D 129 6.57 17.31 -35.13
C LYS D 129 7.57 17.23 -33.98
N TRP D 130 8.71 17.94 -34.12
CA TRP D 130 9.74 18.04 -33.09
C TRP D 130 9.81 19.50 -32.64
N HIS D 131 10.25 20.39 -33.53
CA HIS D 131 10.21 21.86 -33.29
C HIS D 131 11.11 22.18 -32.08
N LEU D 132 12.26 21.48 -31.94
CA LEU D 132 13.29 21.79 -30.94
C LEU D 132 14.67 21.81 -31.64
N GLY D 133 14.68 21.92 -32.97
CA GLY D 133 15.91 22.06 -33.75
C GLY D 133 16.10 20.90 -34.71
N ALA D 134 16.58 21.19 -35.91
CA ALA D 134 16.81 20.19 -36.98
C ALA D 134 17.55 18.99 -36.43
N GLN D 135 17.11 17.78 -36.80
CA GLN D 135 17.77 16.48 -36.49
C GLN D 135 17.73 16.15 -35.01
N GLY D 136 17.06 16.95 -34.17
CA GLY D 136 17.22 16.85 -32.72
C GLY D 136 17.04 15.45 -32.15
N PRO D 137 15.98 14.68 -32.51
CA PRO D 137 15.80 13.37 -31.88
C PRO D 137 16.93 12.40 -32.24
N ALA D 138 17.40 12.48 -33.48
CA ALA D 138 18.47 11.62 -33.99
C ALA D 138 19.78 11.97 -33.27
N LEU D 139 20.06 13.26 -33.06
CA LEU D 139 21.31 13.67 -32.39
C LEU D 139 21.30 13.19 -30.94
N ARG D 140 20.14 12.89 -30.37
CA ARG D 140 20.01 12.42 -28.96
C ARG D 140 19.83 10.90 -28.89
N GLY D 141 20.01 10.21 -30.01
CA GLY D 141 20.12 8.72 -30.00
C GLY D 141 18.84 8.06 -30.44
N ALA D 142 17.77 8.78 -30.80
CA ALA D 142 16.53 8.16 -31.28
C ALA D 142 16.69 7.79 -32.76
N ASN D 143 15.91 6.80 -33.19
CA ASN D 143 15.57 6.60 -34.62
C ASN D 143 14.50 7.63 -34.98
N PHE D 144 14.92 8.72 -35.61
CA PHE D 144 14.02 9.78 -36.10
C PHE D 144 13.46 9.27 -37.41
N MET D 145 12.36 8.53 -37.33
CA MET D 145 11.90 7.70 -38.47
C MET D 145 11.44 8.60 -39.62
N TRP D 146 10.75 9.68 -39.30
CA TRP D 146 10.08 10.54 -40.29
C TRP D 146 9.65 11.81 -39.56
N GLY D 147 9.80 12.95 -40.22
CA GLY D 147 9.26 14.21 -39.72
C GLY D 147 9.94 15.39 -40.37
N HIS D 148 9.29 16.54 -40.29
CA HIS D 148 9.76 17.80 -40.88
C HIS D 148 11.25 18.03 -40.59
N ASP D 149 11.67 17.81 -39.35
CA ASP D 149 13.05 18.22 -38.91
C ASP D 149 14.10 17.15 -39.24
N LYS D 150 13.71 16.02 -39.82
CA LYS D 150 14.63 14.87 -39.93
C LYS D 150 15.81 15.21 -40.85
N ASP D 151 15.56 15.81 -42.01
CA ASP D 151 16.73 15.88 -42.94
C ASP D 151 17.25 17.33 -43.08
N GLU D 152 16.84 18.21 -42.20
CA GLU D 152 17.10 19.66 -42.31
C GLU D 152 18.47 20.02 -41.74
N GLU D 153 19.12 21.01 -42.34
CA GLU D 153 20.35 21.62 -41.77
C GLU D 153 19.99 22.38 -40.50
N ARG D 154 20.89 22.36 -39.54
CA ARG D 154 20.76 23.17 -38.31
C ARG D 154 21.07 24.64 -38.62
N ASN D 155 20.65 25.52 -37.73
CA ASN D 155 20.96 26.98 -37.80
C ASN D 155 20.39 27.64 -39.07
N GLY D 156 19.26 27.14 -39.55
CA GLY D 156 18.55 27.72 -40.69
C GLY D 156 17.94 29.07 -40.33
N ARG D 157 17.60 29.85 -41.33
CA ARG D 157 16.94 31.16 -41.13
C ARG D 157 15.52 30.95 -40.62
N PRO D 158 15.04 31.82 -39.74
CA PRO D 158 13.67 31.72 -39.23
C PRO D 158 12.66 31.79 -40.37
N PHE D 159 11.66 30.90 -40.33
CA PHE D 159 10.53 30.94 -41.27
C PHE D 159 9.73 32.23 -41.02
N THR D 160 9.63 33.04 -42.05
CA THR D 160 8.99 34.37 -41.99
C THR D 160 7.69 34.33 -42.80
N PRO D 161 6.54 34.64 -42.17
CA PRO D 161 5.23 34.30 -42.79
C PRO D 161 4.73 35.29 -43.85
N TYR D 162 5.52 35.50 -44.90
CA TYR D 162 5.21 36.37 -46.05
C TYR D 162 3.89 35.90 -46.70
N GLN D 163 3.69 34.59 -46.85
CA GLN D 163 2.48 34.01 -47.50
C GLN D 163 1.26 34.33 -46.62
N THR D 164 1.32 34.03 -45.32
CA THR D 164 0.17 34.30 -44.43
C THR D 164 -0.14 35.81 -44.47
N GLN D 165 0.89 36.64 -44.44
CA GLN D 165 0.72 38.12 -44.44
C GLN D 165 -0.07 38.53 -45.69
N LYS D 166 0.34 38.01 -46.83
CA LYS D 166 -0.28 38.37 -48.13
C LYS D 166 -1.74 37.90 -48.12
N ASN D 167 -2.00 36.70 -47.64
CA ASN D 167 -3.36 36.10 -47.69
C ASN D 167 -4.26 36.75 -46.66
N VAL D 168 -3.77 37.16 -45.51
CA VAL D 168 -4.64 37.89 -44.55
C VAL D 168 -4.98 39.24 -45.13
N ALA D 169 -4.07 39.88 -45.88
CA ALA D 169 -4.41 41.16 -46.54
C ALA D 169 -5.54 40.91 -47.55
N ARG D 170 -5.51 39.78 -48.26
CA ARG D 170 -6.59 39.41 -49.22
C ARG D 170 -7.89 39.25 -48.43
N MET D 171 -7.87 38.61 -47.26
CA MET D 171 -9.11 38.45 -46.47
C MET D 171 -9.65 39.82 -46.09
N ASN D 172 -8.77 40.74 -45.72
CA ASN D 172 -9.18 42.11 -45.27
C ASN D 172 -9.72 42.89 -46.47
N ALA D 173 -9.32 42.52 -47.68
CA ALA D 173 -9.77 43.19 -48.92
C ALA D 173 -11.09 42.58 -49.39
N GLY D 174 -11.62 41.58 -48.69
CA GLY D 174 -12.93 40.98 -48.96
C GLY D 174 -12.82 39.79 -49.90
N GLU D 175 -11.63 39.26 -50.13
CA GLU D 175 -11.46 38.00 -50.91
C GLU D 175 -11.68 36.78 -50.03
N ARG D 176 -12.01 35.66 -50.66
CA ARG D 176 -12.10 34.35 -49.98
C ARG D 176 -11.36 33.32 -50.82
N ASP D 177 -11.12 32.15 -50.25
CA ASP D 177 -10.46 31.03 -50.94
C ASP D 177 -11.53 30.08 -51.49
N LYS D 178 -11.11 28.91 -51.92
CA LYS D 178 -11.98 27.91 -52.58
C LYS D 178 -13.21 27.67 -51.70
N ASN D 179 -14.40 27.67 -52.32
CA ASN D 179 -15.68 27.33 -51.66
C ASN D 179 -16.01 28.36 -50.58
N GLY D 180 -15.43 29.55 -50.66
CA GLY D 180 -15.72 30.63 -49.72
C GLY D 180 -15.00 30.42 -48.40
N GLU D 181 -14.05 29.48 -48.35
CA GLU D 181 -13.29 29.21 -47.11
C GLU D 181 -12.26 30.34 -46.91
N LYS D 182 -11.67 30.39 -45.74
CA LYS D 182 -10.50 31.28 -45.45
C LYS D 182 -9.36 30.38 -44.99
N HIS D 183 -8.45 30.08 -45.89
CA HIS D 183 -7.47 28.97 -45.72
C HIS D 183 -6.39 29.31 -44.69
N ASP D 184 -6.33 30.53 -44.17
CA ASP D 184 -5.48 30.83 -42.99
C ASP D 184 -6.18 30.46 -41.69
N TYR D 185 -7.43 29.97 -41.75
CA TYR D 185 -8.28 29.68 -40.57
C TYR D 185 -8.86 28.28 -40.65
N TYR D 186 -9.41 27.91 -41.80
CA TYR D 186 -10.04 26.59 -42.00
C TYR D 186 -9.98 26.23 -43.47
N LYS D 187 -9.81 24.95 -43.74
CA LYS D 187 -9.52 24.50 -45.11
C LYS D 187 -9.94 23.06 -45.31
N THR D 188 -10.67 22.81 -46.41
CA THR D 188 -10.88 21.42 -46.87
C THR D 188 -9.64 20.94 -47.64
N LEU D 189 -8.99 19.87 -47.19
CA LEU D 189 -7.87 19.27 -47.93
C LEU D 189 -8.45 18.40 -49.02
N PRO D 190 -7.81 18.33 -50.19
CA PRO D 190 -8.19 17.36 -51.22
C PRO D 190 -7.82 15.94 -50.77
N GLY D 191 -8.36 14.96 -51.46
CA GLY D 191 -8.01 13.54 -51.25
C GLY D 191 -8.69 12.96 -50.02
N THR D 192 -8.05 12.01 -49.37
CA THR D 192 -8.65 11.31 -48.21
C THR D 192 -7.68 11.32 -47.05
N TYR D 193 -8.12 10.80 -45.92
CA TYR D 193 -7.26 10.59 -44.76
C TYR D 193 -5.96 9.89 -45.17
N ALA D 194 -5.99 8.88 -46.03
CA ALA D 194 -4.78 8.11 -46.41
C ALA D 194 -3.69 9.01 -47.01
N ASP D 195 -4.03 10.16 -47.60
CA ASP D 195 -3.06 11.09 -48.25
C ASP D 195 -2.47 12.07 -47.24
N THR D 196 -2.96 12.09 -46.01
CA THR D 196 -2.61 13.16 -45.02
C THR D 196 -1.23 12.94 -44.39
N VAL D 197 -0.68 14.03 -43.89
CA VAL D 197 0.48 13.96 -42.95
C VAL D 197 0.14 13.07 -41.77
N THR D 198 -1.06 13.22 -41.20
CA THR D 198 -1.50 12.42 -40.03
C THR D 198 -1.39 10.94 -40.36
N ALA D 199 -1.85 10.51 -41.54
CA ALA D 199 -1.84 9.07 -41.89
C ALA D 199 -0.41 8.61 -42.07
N LYS D 200 0.49 9.45 -42.59
CA LYS D 200 1.90 9.07 -42.76
C LYS D 200 2.51 8.88 -41.38
N GLU D 201 2.21 9.78 -40.45
CA GLU D 201 2.70 9.68 -39.06
C GLU D 201 2.17 8.42 -38.40
N VAL D 202 0.89 8.14 -38.60
CA VAL D 202 0.33 6.84 -38.11
C VAL D 202 1.11 5.66 -38.72
N ASN D 203 1.29 5.67 -40.02
CA ASN D 203 1.91 4.52 -40.77
C ASN D 203 3.32 4.30 -40.25
N GLU D 204 4.08 5.39 -40.00
CA GLU D 204 5.44 5.27 -39.39
C GLU D 204 5.34 4.77 -37.96
N GLY D 205 4.33 5.19 -37.20
CA GLY D 205 4.06 4.70 -35.85
C GLY D 205 3.76 3.20 -35.87
N LYS D 206 3.01 2.75 -36.86
CA LYS D 206 2.67 1.30 -36.98
C LYS D 206 3.96 0.51 -37.23
N LEU D 207 4.80 0.99 -38.14
CA LEU D 207 6.10 0.37 -38.45
C LEU D 207 6.93 0.34 -37.16
N MET D 208 6.95 1.45 -36.43
CA MET D 208 7.69 1.52 -35.14
C MET D 208 7.23 0.39 -34.20
N LEU D 209 5.91 0.22 -34.06
CA LEU D 209 5.35 -0.81 -33.15
C LEU D 209 5.67 -2.23 -33.67
N GLN D 210 5.55 -2.44 -34.98
CA GLN D 210 5.81 -3.76 -35.62
C GLN D 210 7.29 -4.12 -35.39
N ASN D 211 8.18 -3.15 -35.58
CA ASN D 211 9.64 -3.35 -35.40
C ASN D 211 9.92 -3.59 -33.91
N ALA D 212 9.26 -2.87 -33.02
CA ALA D 212 9.51 -3.01 -31.56
C ALA D 212 9.14 -4.43 -31.14
N ALA D 213 8.08 -4.98 -31.68
CA ALA D 213 7.55 -6.32 -31.28
C ALA D 213 8.57 -7.41 -31.65
N LYS D 214 9.49 -7.16 -32.58
CA LYS D 214 10.51 -8.14 -33.02
C LYS D 214 11.78 -8.06 -32.18
N SER D 215 11.89 -7.07 -31.29
CA SER D 215 13.09 -6.87 -30.45
C SER D 215 12.78 -7.29 -29.01
N ASP D 216 13.76 -7.83 -28.27
CA ASP D 216 13.62 -8.07 -26.82
C ASP D 216 13.93 -6.76 -26.07
N LYS D 217 14.57 -5.79 -26.72
CA LYS D 217 14.95 -4.50 -26.07
C LYS D 217 13.70 -3.69 -25.71
N PRO D 218 13.69 -2.96 -24.56
CA PRO D 218 12.56 -2.12 -24.19
C PRO D 218 12.46 -0.96 -25.20
N PHE D 219 11.25 -0.51 -25.50
CA PHE D 219 11.15 0.58 -26.50
C PHE D 219 10.44 1.80 -25.92
N PHE D 220 10.83 2.95 -26.45
CA PHE D 220 10.25 4.25 -26.06
C PHE D 220 9.88 4.93 -27.39
N GLY D 221 8.59 5.01 -27.67
CA GLY D 221 8.17 5.59 -28.95
C GLY D 221 7.39 6.87 -28.74
N ILE D 222 7.66 7.86 -29.55
CA ILE D 222 6.97 9.17 -29.54
C ILE D 222 6.40 9.38 -30.94
N VAL D 223 5.09 9.53 -31.02
CA VAL D 223 4.45 9.93 -32.28
C VAL D 223 3.79 11.28 -32.02
N SER D 224 4.31 12.31 -32.71
CA SER D 224 3.94 13.72 -32.47
C SER D 224 3.26 14.30 -33.70
N PHE D 225 1.97 14.60 -33.60
CA PHE D 225 1.16 15.05 -34.74
C PHE D 225 1.09 16.58 -34.82
N GLU D 226 1.19 17.12 -36.04
CA GLU D 226 0.94 18.55 -36.28
C GLU D 226 -0.53 18.87 -35.99
N GLN D 227 -1.45 17.95 -36.25
CA GLN D 227 -2.87 18.21 -35.97
C GLN D 227 -3.09 18.37 -34.46
N PRO D 228 -4.08 19.18 -34.02
CA PRO D 228 -4.94 20.02 -34.87
C PRO D 228 -4.49 21.50 -34.96
N HIS D 229 -3.21 21.73 -35.15
CA HIS D 229 -2.66 23.10 -35.28
C HIS D 229 -3.32 23.77 -36.48
N PRO D 230 -3.65 25.08 -36.35
CA PRO D 230 -4.26 25.79 -37.46
C PRO D 230 -3.30 25.99 -38.62
N PRO D 231 -3.82 26.35 -39.82
CA PRO D 231 -5.24 26.48 -40.08
C PRO D 231 -5.93 25.11 -39.95
N TYR D 232 -7.16 25.12 -39.43
CA TYR D 232 -7.87 23.86 -39.09
C TYR D 232 -8.27 23.20 -40.40
N ARG D 233 -7.62 22.08 -40.71
CA ARG D 233 -7.63 21.53 -42.07
C ARG D 233 -7.84 20.02 -41.98
N VAL D 234 -8.74 19.51 -42.83
CA VAL D 234 -9.02 18.05 -42.86
C VAL D 234 -9.55 17.76 -44.24
N PRO D 235 -9.37 16.51 -44.69
CA PRO D 235 -10.00 16.07 -45.92
C PRO D 235 -11.45 15.69 -45.58
N GLU D 236 -12.24 15.46 -46.63
CA GLU D 236 -13.53 14.72 -46.44
C GLU D 236 -13.21 13.34 -45.90
N PRO D 237 -14.10 12.73 -45.11
CA PRO D 237 -15.38 13.29 -44.74
C PRO D 237 -15.36 14.21 -43.50
N TYR D 238 -14.18 14.34 -42.89
CA TYR D 238 -14.03 15.14 -41.65
C TYR D 238 -14.36 16.61 -41.90
N ALA D 239 -14.07 17.13 -43.10
CA ALA D 239 -14.23 18.57 -43.42
C ALA D 239 -15.70 18.97 -43.34
N SER D 240 -16.64 18.04 -43.57
CA SER D 240 -18.07 18.43 -43.62
C SER D 240 -18.88 17.69 -42.54
N MET D 241 -18.21 17.05 -41.59
CA MET D 241 -18.84 16.18 -40.57
C MET D 241 -19.64 17.02 -39.56
N TYR D 242 -19.17 18.20 -39.18
CA TYR D 242 -19.79 19.04 -38.12
C TYR D 242 -20.41 20.26 -38.80
N ASP D 243 -21.71 20.42 -38.69
CA ASP D 243 -22.43 21.53 -39.35
C ASP D 243 -22.09 22.82 -38.60
N TYR D 244 -21.51 23.80 -39.28
CA TYR D 244 -21.12 25.09 -38.65
C TYR D 244 -22.35 25.78 -38.06
N LYS D 245 -23.54 25.56 -38.63
CA LYS D 245 -24.78 26.24 -38.15
C LYS D 245 -25.18 25.72 -36.76
N ASP D 246 -24.73 24.53 -36.36
CA ASP D 246 -25.14 23.85 -35.10
C ASP D 246 -24.06 23.97 -34.03
N ILE D 247 -22.95 24.66 -34.31
CA ILE D 247 -21.89 24.82 -33.29
C ILE D 247 -22.44 25.65 -32.11
N LYS D 248 -22.24 25.15 -30.90
CA LYS D 248 -22.54 25.87 -29.65
C LYS D 248 -21.35 26.79 -29.35
N LEU D 249 -21.56 28.09 -29.29
CA LEU D 249 -20.49 29.07 -29.01
C LEU D 249 -20.53 29.41 -27.53
N PRO D 250 -19.37 29.53 -26.85
CA PRO D 250 -19.35 29.75 -25.41
C PRO D 250 -19.63 31.23 -25.03
N LYS D 251 -19.82 31.47 -23.73
CA LYS D 251 -20.17 32.79 -23.16
C LYS D 251 -19.09 33.81 -23.50
N ASN D 252 -17.83 33.41 -23.63
CA ASN D 252 -16.76 34.41 -23.88
C ASN D 252 -16.46 34.51 -25.39
N PHE D 253 -17.21 33.85 -26.25
CA PHE D 253 -17.04 33.99 -27.71
C PHE D 253 -17.37 35.39 -28.20
N GLY D 254 -16.44 35.97 -28.97
CA GLY D 254 -16.65 37.14 -29.83
C GLY D 254 -16.84 38.41 -29.02
N ILE D 255 -16.49 38.42 -27.73
CA ILE D 255 -16.72 39.62 -26.87
C ILE D 255 -15.63 40.67 -27.17
N LYS D 256 -15.89 41.92 -26.82
CA LYS D 256 -14.85 42.99 -26.79
C LYS D 256 -14.08 42.80 -25.49
N ARG D 257 -12.76 42.68 -25.53
CA ARG D 257 -11.98 42.52 -24.30
C ARG D 257 -12.05 43.80 -23.48
N LYS D 258 -12.45 43.70 -22.22
CA LYS D 258 -12.55 44.86 -21.31
C LYS D 258 -11.39 44.82 -20.31
N HIS D 259 -10.59 45.88 -20.30
CA HIS D 259 -9.52 46.04 -19.28
C HIS D 259 -8.58 44.84 -19.31
N LYS D 260 -8.20 44.41 -20.50
CA LYS D 260 -7.21 43.32 -20.70
C LYS D 260 -5.91 43.95 -21.20
N PRO D 261 -4.80 43.24 -20.98
CA PRO D 261 -3.49 43.73 -21.42
C PRO D 261 -3.37 43.95 -22.93
N MET D 262 -2.49 44.88 -23.31
CA MET D 262 -2.29 45.27 -24.72
C MET D 262 -1.78 44.11 -25.54
N ALA D 263 -1.03 43.15 -24.99
CA ALA D 263 -0.51 42.07 -25.85
C ALA D 263 -1.65 41.23 -26.41
N GLN D 264 -2.85 41.28 -25.85
CA GLN D 264 -4.01 40.55 -26.39
C GLN D 264 -4.55 41.28 -27.63
N ASP D 265 -4.17 42.54 -27.85
CA ASP D 265 -4.69 43.33 -28.99
C ASP D 265 -3.81 43.18 -30.24
N ASP D 266 -2.52 42.95 -30.08
CA ASP D 266 -1.56 43.20 -31.17
C ASP D 266 -1.52 42.00 -32.12
N ILE D 267 -1.23 42.27 -33.39
CA ILE D 267 -1.29 41.24 -34.46
C ILE D 267 0.09 40.58 -34.53
N TRP D 268 0.39 39.67 -33.61
CA TRP D 268 1.75 39.10 -33.49
C TRP D 268 2.08 38.26 -34.74
N TRP D 269 1.24 37.28 -35.03
CA TRP D 269 1.31 36.46 -36.26
C TRP D 269 0.26 37.03 -37.20
N PRO D 270 0.49 37.06 -38.52
CA PRO D 270 -0.42 37.83 -39.37
C PRO D 270 -1.88 37.41 -39.29
N TRP D 271 -2.17 36.15 -39.05
CA TRP D 271 -3.56 35.64 -38.96
C TRP D 271 -4.27 36.07 -37.68
N HIS D 272 -3.58 36.71 -36.72
CA HIS D 272 -4.25 37.22 -35.49
C HIS D 272 -5.13 38.45 -35.82
N ASP D 273 -5.04 39.02 -37.00
CA ASP D 273 -6.01 40.04 -37.44
C ASP D 273 -7.30 39.29 -37.83
N VAL D 274 -8.28 39.30 -36.92
CA VAL D 274 -9.56 38.58 -37.08
C VAL D 274 -10.67 39.60 -37.30
N SER D 275 -10.31 40.84 -37.65
CA SER D 275 -11.28 41.93 -37.92
C SER D 275 -12.18 41.54 -39.12
N HIS D 276 -11.74 40.70 -40.03
CA HIS D 276 -12.49 40.28 -41.25
C HIS D 276 -13.38 39.05 -40.97
N MET D 277 -13.27 38.43 -39.79
CA MET D 277 -13.96 37.14 -39.52
C MET D 277 -15.44 37.39 -39.27
N SER D 278 -16.30 36.75 -40.03
CA SER D 278 -17.76 36.73 -39.75
C SER D 278 -18.07 35.70 -38.69
N GLU D 279 -19.30 35.72 -38.19
CA GLU D 279 -19.73 34.64 -37.27
C GLU D 279 -19.62 33.28 -37.98
N THR D 280 -19.99 33.23 -39.26
CA THR D 280 -19.90 32.00 -40.07
C THR D 280 -18.45 31.51 -40.13
N ASP D 281 -17.51 32.42 -40.33
CA ASP D 281 -16.06 32.07 -40.36
C ASP D 281 -15.67 31.48 -39.01
N TRP D 282 -16.07 32.07 -37.91
CA TRP D 282 -15.71 31.49 -36.59
C TRP D 282 -16.36 30.12 -36.39
N ARG D 283 -17.61 29.97 -36.82
CA ARG D 283 -18.34 28.69 -36.70
C ARG D 283 -17.59 27.63 -37.51
N LYS D 284 -17.17 27.97 -38.73
CA LYS D 284 -16.44 27.02 -39.58
C LYS D 284 -15.08 26.70 -38.94
N ALA D 285 -14.42 27.67 -38.30
CA ALA D 285 -13.16 27.36 -37.58
C ALA D 285 -13.47 26.26 -36.57
N HIS D 286 -14.60 26.33 -35.87
CA HIS D 286 -15.00 25.28 -34.91
C HIS D 286 -15.29 23.97 -35.66
N SER D 287 -16.07 24.01 -36.73
CA SER D 287 -16.49 22.76 -37.42
C SER D 287 -15.27 22.04 -37.98
N PHE D 288 -14.27 22.77 -38.50
CA PHE D 288 -13.03 22.15 -39.02
C PHE D 288 -12.15 21.68 -37.85
N TYR D 289 -12.08 22.43 -36.75
CA TYR D 289 -11.35 21.95 -35.54
C TYR D 289 -11.96 20.63 -35.06
N TYR D 290 -13.29 20.56 -35.05
CA TYR D 290 -13.96 19.33 -34.55
C TYR D 290 -13.66 18.17 -35.52
N GLY D 291 -13.65 18.44 -36.83
CA GLY D 291 -13.28 17.46 -37.86
C GLY D 291 -11.88 16.94 -37.62
N ALA D 292 -10.96 17.86 -37.29
CA ALA D 292 -9.56 17.50 -36.97
C ALA D 292 -9.52 16.60 -35.73
N ILE D 293 -10.26 16.93 -34.69
CA ILE D 293 -10.29 16.06 -33.47
C ILE D 293 -10.88 14.66 -33.85
N ALA D 294 -11.90 14.63 -34.69
CA ALA D 294 -12.47 13.33 -35.14
C ALA D 294 -11.40 12.53 -35.88
N MET D 295 -10.61 13.19 -36.73
CA MET D 295 -9.55 12.49 -37.48
C MET D 295 -8.45 12.03 -36.51
N ILE D 296 -8.13 12.85 -35.50
CA ILE D 296 -7.16 12.44 -34.46
C ILE D 296 -7.69 11.18 -33.77
N ASP D 297 -8.98 11.12 -33.46
CA ASP D 297 -9.48 9.94 -32.72
C ASP D 297 -9.24 8.67 -33.57
N HIS D 298 -9.47 8.79 -34.90
CA HIS D 298 -9.20 7.69 -35.86
C HIS D 298 -7.73 7.28 -35.80
N ALA D 299 -6.82 8.24 -35.85
CA ALA D 299 -5.36 8.00 -35.84
C ALA D 299 -4.97 7.28 -34.54
N VAL D 300 -5.50 7.72 -33.40
CA VAL D 300 -5.20 7.07 -32.09
C VAL D 300 -5.69 5.62 -32.15
N GLY D 301 -6.89 5.41 -32.65
CA GLY D 301 -7.39 4.02 -32.78
C GLY D 301 -6.48 3.17 -33.63
N GLU D 302 -5.97 3.71 -34.72
CA GLU D 302 -5.08 2.93 -35.61
C GLU D 302 -3.82 2.50 -34.85
N LEU D 303 -3.24 3.39 -34.04
CA LEU D 303 -2.00 3.02 -33.32
C LEU D 303 -2.29 2.06 -32.17
N ILE D 304 -3.37 2.28 -31.42
CA ILE D 304 -3.75 1.40 -30.29
C ILE D 304 -4.06 0.00 -30.87
N ASN D 305 -4.78 -0.07 -31.97
CA ASN D 305 -5.15 -1.38 -32.60
C ASN D 305 -3.87 -2.07 -33.07
N THR D 306 -2.90 -1.35 -33.59
CA THR D 306 -1.61 -1.97 -34.01
C THR D 306 -0.90 -2.47 -32.77
N ALA D 307 -0.87 -1.70 -31.69
CA ALA D 307 -0.22 -2.18 -30.44
C ALA D 307 -0.92 -3.49 -30.00
N LYS D 308 -2.25 -3.54 -30.09
CA LYS D 308 -3.00 -4.78 -29.68
C LYS D 308 -2.63 -5.95 -30.59
N GLU D 309 -2.63 -5.74 -31.90
CA GLU D 309 -2.35 -6.81 -32.89
C GLU D 309 -0.92 -7.32 -32.69
N GLU D 310 0.04 -6.46 -32.31
CA GLU D 310 1.45 -6.87 -32.15
C GLU D 310 1.72 -7.43 -30.74
N GLY D 311 0.71 -7.50 -29.88
CA GLY D 311 0.84 -8.09 -28.53
C GLY D 311 1.60 -7.16 -27.57
N LEU D 312 1.65 -5.86 -27.85
CA LEU D 312 2.37 -4.86 -27.02
C LEU D 312 1.42 -4.10 -26.09
N TYR D 313 0.12 -4.06 -26.41
CA TYR D 313 -0.80 -3.14 -25.72
C TYR D 313 -0.92 -3.51 -24.24
N ASP D 314 -0.97 -4.80 -23.89
CA ASP D 314 -1.35 -5.20 -22.52
C ASP D 314 -0.35 -4.63 -21.49
N ASP D 315 0.92 -4.47 -21.85
CA ASP D 315 1.97 -3.96 -20.93
C ASP D 315 2.44 -2.56 -21.35
N LEU D 316 1.73 -1.91 -22.27
CA LEU D 316 2.21 -0.62 -22.82
C LEU D 316 1.83 0.51 -21.88
N HIS D 317 2.83 1.30 -21.47
CA HIS D 317 2.65 2.52 -20.65
C HIS D 317 2.47 3.70 -21.60
N ILE D 318 1.31 4.36 -21.56
CA ILE D 318 0.91 5.32 -22.63
C ILE D 318 0.71 6.71 -22.03
N ILE D 319 1.19 7.76 -22.73
CA ILE D 319 0.82 9.16 -22.43
C ILE D 319 0.18 9.75 -23.67
N LEU D 320 -1.00 10.32 -23.53
CA LEU D 320 -1.61 11.12 -24.61
C LEU D 320 -1.75 12.54 -24.08
N VAL D 321 -1.21 13.50 -24.81
CA VAL D 321 -1.14 14.87 -24.29
C VAL D 321 -1.19 15.83 -25.47
N GLY D 322 -1.77 17.00 -25.25
CA GLY D 322 -1.67 18.12 -26.21
C GLY D 322 -0.66 19.12 -25.68
N ASP D 323 0.11 19.77 -26.55
CA ASP D 323 1.20 20.65 -26.03
C ASP D 323 0.59 21.89 -25.36
N GLN D 324 -0.58 22.32 -25.82
CA GLN D 324 -1.43 23.40 -25.27
C GLN D 324 -2.75 23.32 -26.04
N GLY D 325 -3.67 24.22 -25.70
CA GLY D 325 -4.94 24.34 -26.41
C GLY D 325 -4.86 25.20 -27.64
N SER D 326 -5.98 25.84 -27.94
CA SER D 326 -6.18 26.64 -29.15
C SER D 326 -7.38 27.54 -28.93
N MET D 327 -7.25 28.81 -29.30
CA MET D 327 -8.33 29.81 -29.17
C MET D 327 -9.22 29.78 -30.42
N LEU D 328 -10.52 29.57 -30.21
CA LEU D 328 -11.54 29.52 -31.29
C LEU D 328 -12.49 30.72 -31.15
N GLY D 329 -11.96 31.90 -30.86
CA GLY D 329 -12.74 33.14 -30.78
C GLY D 329 -13.13 33.54 -29.36
N GLU D 330 -12.77 32.77 -28.35
CA GLU D 330 -12.91 33.19 -26.93
C GLU D 330 -12.12 34.50 -26.78
N HIS D 331 -12.74 35.53 -26.21
CA HIS D 331 -12.08 36.84 -26.06
C HIS D 331 -11.72 37.43 -27.41
N ASN D 332 -12.39 36.96 -28.46
CA ASN D 332 -12.17 37.38 -29.87
C ASN D 332 -10.72 37.05 -30.30
N LEU D 333 -10.15 35.98 -29.76
CA LEU D 333 -8.76 35.55 -30.08
C LEU D 333 -8.79 34.26 -30.88
N TYR D 334 -7.84 34.16 -31.81
CA TYR D 334 -7.70 32.96 -32.67
C TYR D 334 -6.31 32.37 -32.40
N ASP D 335 -6.21 31.04 -32.42
CA ASP D 335 -4.91 30.31 -32.36
C ASP D 335 -4.31 30.36 -30.95
N LYS D 336 -3.36 31.25 -30.75
CA LYS D 336 -2.61 31.39 -29.51
C LYS D 336 -1.85 32.69 -29.63
N GLY D 337 -1.32 33.07 -28.46
CA GLY D 337 -0.53 34.30 -28.26
C GLY D 337 -0.11 34.48 -26.82
N PRO D 338 0.54 35.60 -26.47
CA PRO D 338 1.02 35.82 -25.11
C PRO D 338 -0.11 36.16 -24.12
N TYR D 339 -0.72 35.11 -23.56
CA TYR D 339 -1.82 35.22 -22.59
C TYR D 339 -2.07 33.86 -21.95
N ALA D 340 -2.97 33.80 -20.97
CA ALA D 340 -3.02 32.69 -19.99
C ALA D 340 -4.43 32.10 -19.88
N TYR D 341 -5.30 32.40 -20.84
CA TYR D 341 -6.70 31.92 -20.81
C TYR D 341 -6.73 30.41 -20.75
N ASP D 342 -7.72 29.87 -20.02
CA ASP D 342 -7.85 28.42 -19.83
C ASP D 342 -7.91 27.67 -21.16
N GLU D 343 -8.57 28.18 -22.17
CA GLU D 343 -8.72 27.44 -23.46
C GLU D 343 -7.33 27.12 -24.04
N LEU D 344 -6.32 27.95 -23.77
CA LEU D 344 -4.94 27.71 -24.22
C LEU D 344 -4.13 26.99 -23.14
N MET D 345 -4.24 27.43 -21.88
CA MET D 345 -3.41 26.93 -20.76
C MET D 345 -3.74 25.47 -20.40
N ARG D 346 -5.02 25.10 -20.43
CA ARG D 346 -5.44 23.72 -20.10
C ARG D 346 -5.00 22.79 -21.22
N MET D 347 -4.61 21.59 -20.86
CA MET D 347 -4.21 20.57 -21.86
C MET D 347 -4.88 19.26 -21.50
N PRO D 348 -5.21 18.46 -22.53
CA PRO D 348 -5.67 17.09 -22.33
C PRO D 348 -4.47 16.25 -21.89
N LEU D 349 -4.70 15.36 -20.92
CA LEU D 349 -3.66 14.43 -20.44
C LEU D 349 -4.31 13.15 -19.96
N ILE D 350 -3.88 12.05 -20.52
CA ILE D 350 -4.23 10.68 -20.08
C ILE D 350 -2.91 9.95 -19.93
N ILE D 351 -2.70 9.32 -18.78
CA ILE D 351 -1.52 8.47 -18.56
C ILE D 351 -2.04 7.08 -18.16
N ARG D 352 -1.72 6.10 -18.98
CA ARG D 352 -2.21 4.71 -18.81
C ARG D 352 -1.05 3.85 -18.35
N ASP D 353 -1.14 3.40 -17.12
CA ASP D 353 -0.23 2.41 -16.52
C ASP D 353 -1.05 1.12 -16.42
N PRO D 354 -0.68 0.08 -17.18
CA PRO D 354 -1.51 -1.13 -17.25
C PRO D 354 -1.63 -1.86 -15.92
N SER D 355 -0.79 -1.54 -14.94
CA SER D 355 -0.78 -2.20 -13.62
C SER D 355 -1.76 -1.54 -12.66
N LEU D 356 -2.37 -0.41 -13.00
CA LEU D 356 -3.16 0.42 -12.08
C LEU D 356 -4.63 0.43 -12.44
N GLU D 357 -5.49 0.53 -11.43
CA GLU D 357 -6.93 0.76 -11.64
C GLU D 357 -7.12 2.17 -12.15
N PRO D 358 -8.04 2.40 -13.10
CA PRO D 358 -8.28 3.74 -13.62
C PRO D 358 -8.84 4.66 -12.54
N LYS D 359 -8.42 5.93 -12.59
CA LYS D 359 -8.87 6.99 -11.68
C LYS D 359 -8.95 8.30 -12.44
N ILE D 360 -9.82 9.18 -11.97
CA ILE D 360 -9.95 10.58 -12.42
C ILE D 360 -9.24 11.46 -11.39
N ILE D 361 -8.26 12.23 -11.87
CA ILE D 361 -7.50 13.18 -11.02
C ILE D 361 -7.98 14.59 -11.31
N ASN D 362 -8.49 15.27 -10.30
CA ASN D 362 -8.98 16.66 -10.42
C ASN D 362 -7.98 17.64 -9.80
N ARG D 363 -6.95 17.15 -9.12
CA ARG D 363 -5.82 18.01 -8.70
C ARG D 363 -5.18 18.57 -9.95
N GLN D 364 -4.78 19.85 -9.92
CA GLN D 364 -4.01 20.38 -11.07
C GLN D 364 -2.66 19.66 -11.17
N VAL D 365 -2.25 19.46 -12.41
CA VAL D 365 -0.93 18.91 -12.77
C VAL D 365 -0.40 19.74 -13.93
N SER D 366 0.86 19.55 -14.25
CA SER D 366 1.66 20.45 -15.13
C SER D 366 2.39 19.65 -16.19
N MET D 367 2.70 20.29 -17.31
CA MET D 367 3.62 19.72 -18.31
C MET D 367 4.96 19.38 -17.64
N LEU D 368 5.36 20.08 -16.59
CA LEU D 368 6.65 19.77 -15.89
C LEU D 368 6.59 18.41 -15.17
N ASP D 369 5.42 17.78 -15.09
CA ASP D 369 5.24 16.52 -14.35
C ASP D 369 5.41 15.31 -15.31
N ILE D 370 5.52 15.55 -16.61
CA ILE D 370 5.62 14.43 -17.58
C ILE D 370 7.00 13.75 -17.46
N ALA D 371 8.09 14.52 -17.54
CA ALA D 371 9.45 13.93 -17.47
C ALA D 371 9.64 13.13 -16.17
N PRO D 372 9.28 13.64 -14.98
CA PRO D 372 9.46 12.87 -13.77
C PRO D 372 8.61 11.57 -13.74
N THR D 373 7.44 11.60 -14.36
CA THR D 373 6.58 10.39 -14.47
C THR D 373 7.32 9.37 -15.35
N LEU D 374 7.84 9.77 -16.51
CA LEU D 374 8.69 8.90 -17.35
C LEU D 374 9.89 8.41 -16.56
N ARG D 375 10.52 9.31 -15.78
CA ARG D 375 11.74 8.95 -15.03
C ARG D 375 11.41 7.82 -14.04
N GLN D 376 10.28 7.93 -13.33
CA GLN D 376 9.85 6.88 -12.37
C GLN D 376 9.49 5.57 -13.12
N TRP D 377 8.68 5.62 -14.18
CA TRP D 377 8.34 4.40 -14.97
C TRP D 377 9.60 3.69 -15.41
N MET D 378 10.56 4.43 -15.99
CA MET D 378 11.66 3.86 -16.80
C MET D 378 12.95 3.76 -15.99
N THR D 379 12.93 4.20 -14.73
CA THR D 379 14.13 4.39 -13.89
C THR D 379 15.18 5.15 -14.72
N LEU D 380 14.78 6.27 -15.32
CA LEU D 380 15.75 7.13 -16.05
C LEU D 380 16.74 7.72 -15.04
N PRO D 381 18.02 7.83 -15.45
CA PRO D 381 18.99 8.62 -14.68
C PRO D 381 18.50 10.07 -14.67
N LEU D 382 18.76 10.77 -13.57
CA LEU D 382 18.48 12.23 -13.46
C LEU D 382 19.61 12.98 -14.15
N ASP D 383 19.29 13.89 -15.07
CA ASP D 383 20.35 14.66 -15.78
C ASP D 383 20.44 16.06 -15.21
N GLY D 384 19.72 16.35 -14.12
CA GLY D 384 19.58 17.70 -13.58
C GLY D 384 18.35 17.83 -12.73
N ASP D 385 17.93 19.07 -12.54
CA ASP D 385 16.72 19.39 -11.77
C ASP D 385 15.48 18.72 -12.36
N GLU D 386 14.51 18.41 -11.50
CA GLU D 386 13.11 18.12 -11.90
C GLU D 386 12.24 19.22 -11.31
N ASP D 387 11.79 20.16 -12.14
CA ASP D 387 10.94 21.28 -11.69
C ASP D 387 9.51 20.81 -11.41
N GLY D 388 9.11 19.64 -11.90
CA GLY D 388 7.81 19.05 -11.57
C GLY D 388 7.92 17.87 -10.64
N ARG D 389 6.87 17.06 -10.57
CA ARG D 389 6.78 15.90 -9.67
C ARG D 389 6.23 14.71 -10.46
N SER D 390 6.61 13.52 -10.07
CA SER D 390 6.08 12.27 -10.65
C SER D 390 4.58 12.18 -10.35
N LEU D 391 3.80 11.75 -11.33
CA LEU D 391 2.35 11.63 -11.19
C LEU D 391 1.99 10.22 -10.70
N LEU D 392 2.96 9.34 -10.51
CA LEU D 392 2.60 7.95 -10.10
C LEU D 392 1.80 7.96 -8.82
N PRO D 393 2.18 8.70 -7.74
CA PRO D 393 1.38 8.69 -6.51
C PRO D 393 -0.10 9.03 -6.77
N LEU D 394 -0.37 10.06 -7.56
CA LEU D 394 -1.77 10.39 -7.93
C LEU D 394 -2.39 9.23 -8.72
N MET D 395 -1.65 8.63 -9.64
CA MET D 395 -2.20 7.56 -10.52
C MET D 395 -2.58 6.36 -9.62
N LYS D 396 -1.79 6.14 -8.56
CA LYS D 396 -2.01 4.99 -7.65
C LYS D 396 -3.13 5.30 -6.67
N GLN D 397 -3.13 6.48 -6.04
CA GLN D 397 -3.98 6.74 -4.86
C GLN D 397 -5.18 7.61 -5.18
N GLY D 398 -5.19 8.31 -6.32
CA GLY D 398 -6.16 9.39 -6.59
C GLY D 398 -5.77 10.69 -5.90
N ASP D 399 -6.66 11.67 -5.94
CA ASP D 399 -6.47 13.05 -5.46
C ASP D 399 -5.88 13.07 -4.04
N SER D 400 -6.25 12.13 -3.18
CA SER D 400 -5.76 12.11 -1.78
C SER D 400 -4.22 12.05 -1.72
N ALA D 401 -3.52 11.62 -2.77
CA ALA D 401 -2.03 11.66 -2.80
C ALA D 401 -1.54 13.07 -2.50
N ASP D 402 -2.31 14.10 -2.81
CA ASP D 402 -1.90 15.53 -2.65
C ASP D 402 -2.58 16.13 -1.41
N ALA D 403 -3.15 15.31 -0.53
CA ALA D 403 -3.86 15.84 0.67
C ALA D 403 -2.92 16.81 1.40
N GLY D 404 -3.46 17.94 1.82
N LYS D 405 -1.46 19.52 0.36
CA LYS D 405 -0.65 20.38 -0.57
C LYS D 405 -1.56 21.46 -1.18
N ASP D 406 -1.03 22.64 -1.45
CA ASP D 406 -1.78 23.70 -2.15
C ASP D 406 -2.04 23.20 -3.56
N ASP D 407 -3.26 23.40 -4.06
CA ASP D 407 -3.64 22.99 -5.43
C ASP D 407 -3.34 24.16 -6.35
N ILE D 408 -2.13 24.22 -6.89
CA ILE D 408 -1.75 25.35 -7.77
C ILE D 408 -1.16 24.82 -9.07
N SER D 409 -1.17 25.66 -10.10
CA SER D 409 -0.37 25.43 -11.31
C SER D 409 0.34 26.75 -11.66
N LEU D 410 1.52 26.60 -12.24
CA LEU D 410 2.36 27.72 -12.68
C LEU D 410 2.48 27.68 -14.20
N TYR D 411 2.27 28.82 -14.83
CA TYR D 411 2.32 28.98 -16.30
C TYR D 411 3.24 30.14 -16.64
N ALA D 412 4.05 30.01 -17.68
CA ALA D 412 4.92 31.10 -18.12
C ALA D 412 4.62 31.41 -19.58
N TYR D 413 4.77 32.68 -19.96
CA TYR D 413 4.76 33.04 -21.40
C TYR D 413 5.85 34.10 -21.57
N GLU D 414 7.07 33.61 -21.55
CA GLU D 414 8.27 34.47 -21.61
C GLU D 414 8.33 35.22 -22.93
N TRP D 415 8.07 34.51 -24.02
CA TRP D 415 8.21 35.01 -25.40
C TRP D 415 7.06 34.54 -26.26
N TYR D 416 6.68 35.33 -27.24
CA TYR D 416 5.87 34.83 -28.39
C TYR D 416 6.61 35.22 -29.68
N ASN D 417 7.33 34.25 -30.27
CA ASN D 417 7.91 34.36 -31.61
C ASN D 417 8.70 35.67 -31.73
N GLY D 418 9.58 35.91 -30.76
CA GLY D 418 10.50 37.07 -30.83
C GLY D 418 9.96 38.29 -30.06
N GLY D 419 8.69 38.31 -29.64
CA GLY D 419 8.21 39.31 -28.66
C GLY D 419 8.47 38.84 -27.24
N TRP D 420 9.07 39.68 -26.42
CA TRP D 420 9.28 39.38 -24.98
C TRP D 420 8.09 39.86 -24.15
N PHE D 421 7.54 39.00 -23.29
CA PHE D 421 6.41 39.37 -22.40
C PHE D 421 6.66 39.03 -20.93
N GLY D 422 7.48 38.01 -20.61
CA GLY D 422 7.81 37.70 -19.20
C GLY D 422 6.58 37.30 -18.38
N ILE D 423 5.53 36.81 -19.02
CA ILE D 423 4.22 36.58 -18.32
C ILE D 423 4.41 35.41 -17.35
N ARG D 424 3.82 35.53 -16.16
CA ARG D 424 3.67 34.40 -15.24
C ARG D 424 2.24 34.34 -14.76
N ALA D 425 1.66 33.15 -14.68
CA ALA D 425 0.30 32.98 -14.13
C ALA D 425 0.37 31.92 -13.02
N ILE D 426 -0.39 32.17 -11.95
CA ILE D 426 -0.64 31.15 -10.91
C ILE D 426 -2.15 30.90 -10.93
N ARG D 427 -2.51 29.62 -10.97
CA ARG D 427 -3.92 29.20 -11.10
C ARG D 427 -4.23 28.27 -9.93
N THR D 428 -5.31 28.58 -9.21
CA THR D 428 -5.90 27.68 -8.19
C THR D 428 -7.24 27.23 -8.74
N PRO D 429 -7.94 26.28 -8.08
CA PRO D 429 -9.27 25.91 -8.57
C PRO D 429 -10.22 27.10 -8.64
N GLU D 430 -10.02 28.14 -7.83
CA GLU D 430 -10.98 29.26 -7.75
C GLU D 430 -10.50 30.57 -8.33
N MET D 431 -9.19 30.73 -8.54
CA MET D 431 -8.66 32.07 -8.90
C MET D 431 -7.50 31.91 -9.88
N LYS D 432 -7.25 32.95 -10.66
CA LYS D 432 -6.03 33.01 -11.50
C LYS D 432 -5.46 34.42 -11.42
N PHE D 433 -4.16 34.53 -11.16
CA PHE D 433 -3.44 35.81 -11.20
C PHE D 433 -2.39 35.75 -12.31
N VAL D 434 -2.43 36.74 -13.19
CA VAL D 434 -1.46 36.81 -14.34
C VAL D 434 -0.68 38.11 -14.18
N TRP D 435 0.64 37.93 -14.07
CA TRP D 435 1.62 39.04 -14.04
C TRP D 435 2.09 39.30 -15.46
N ASN D 436 1.94 40.52 -15.92
CA ASN D 436 2.33 40.94 -17.29
C ASN D 436 3.40 42.04 -17.13
N PRO D 437 4.66 41.68 -16.87
CA PRO D 437 5.66 42.70 -16.50
C PRO D 437 6.07 43.63 -17.66
N GLY D 438 5.68 43.32 -18.89
CA GLY D 438 5.87 44.21 -20.04
C GLY D 438 4.70 45.14 -20.26
N ASP D 439 3.79 45.23 -19.30
CA ASP D 439 2.56 46.05 -19.37
C ASP D 439 2.42 46.72 -18.00
N SER D 440 1.45 47.61 -17.86
CA SER D 440 1.02 48.16 -16.55
C SER D 440 -0.19 47.37 -16.03
N ARG D 441 -0.85 46.58 -16.86
CA ARG D 441 -2.10 45.85 -16.51
C ARG D 441 -1.82 44.35 -16.28
N ASP D 442 -1.98 43.93 -15.05
CA ASP D 442 -2.06 42.50 -14.66
C ASP D 442 -3.48 42.00 -14.86
N GLU D 443 -3.68 40.71 -14.68
CA GLU D 443 -5.05 40.12 -14.73
C GLU D 443 -5.34 39.39 -13.42
N LEU D 444 -6.60 39.45 -13.00
CA LEU D 444 -7.04 38.64 -11.85
C LEU D 444 -8.44 38.10 -12.17
N TYR D 445 -8.56 36.78 -12.23
CA TYR D 445 -9.87 36.16 -12.58
C TYR D 445 -10.39 35.35 -11.41
N ASP D 446 -11.67 35.52 -11.11
CA ASP D 446 -12.40 34.65 -10.14
C ASP D 446 -13.01 33.51 -10.95
N LEU D 447 -12.36 32.35 -10.97
CA LEU D 447 -12.75 31.24 -11.83
C LEU D 447 -14.03 30.60 -11.29
N LYS D 448 -14.34 30.77 -10.01
CA LYS D 448 -15.58 30.24 -9.41
C LYS D 448 -16.78 31.01 -9.99
N ASN D 449 -16.77 32.33 -9.96
CA ASN D 449 -17.91 33.16 -10.38
C ASN D 449 -17.79 33.57 -11.85
N ASP D 450 -16.60 33.48 -12.43
CA ASP D 450 -16.33 33.95 -13.81
C ASP D 450 -15.41 32.95 -14.50
N PRO D 451 -15.82 31.70 -14.70
CA PRO D 451 -14.94 30.70 -15.28
C PRO D 451 -14.53 31.02 -16.71
N TYR D 452 -15.24 31.90 -17.39
CA TYR D 452 -14.90 32.33 -18.77
C TYR D 452 -13.88 33.48 -18.77
N GLU D 453 -13.43 33.96 -17.60
CA GLU D 453 -12.32 34.95 -17.51
C GLU D 453 -12.67 36.23 -18.25
N ILE D 454 -13.94 36.67 -18.19
CA ILE D 454 -14.40 37.88 -18.88
C ILE D 454 -13.98 39.13 -18.09
N THR D 455 -14.02 39.06 -16.76
CA THR D 455 -13.89 40.28 -15.93
C THR D 455 -12.55 40.33 -15.23
N ASN D 456 -11.72 41.28 -15.65
CA ASN D 456 -10.44 41.49 -14.92
C ASN D 456 -10.68 42.20 -13.59
N GLN D 457 -10.45 41.53 -12.47
CA GLN D 457 -10.73 42.06 -11.10
C GLN D 457 -9.46 42.67 -10.47
N ILE D 458 -8.39 42.87 -11.25
CA ILE D 458 -7.07 43.31 -10.73
C ILE D 458 -7.20 44.60 -9.89
N ASP D 459 -8.13 45.49 -10.24
CA ASP D 459 -8.30 46.79 -9.54
C ASP D 459 -9.45 46.74 -8.50
N ASN D 460 -10.04 45.58 -8.29
CA ASN D 460 -11.24 45.46 -7.41
C ASN D 460 -10.79 45.21 -5.98
N PRO D 461 -10.95 46.18 -5.06
CA PRO D 461 -10.53 45.99 -3.68
C PRO D 461 -11.22 44.83 -2.96
N LYS D 462 -12.35 44.34 -3.47
CA LYS D 462 -13.01 43.16 -2.88
C LYS D 462 -12.11 41.94 -3.03
N TYR D 463 -11.13 41.98 -3.95
CA TYR D 463 -10.26 40.81 -4.16
C TYR D 463 -8.86 41.02 -3.56
N LYS D 464 -8.71 41.94 -2.61
CA LYS D 464 -7.39 42.25 -2.01
C LYS D 464 -6.79 40.98 -1.37
N LYS D 465 -7.59 40.20 -0.62
CA LYS D 465 -7.08 39.01 0.11
C LYS D 465 -6.64 37.95 -0.92
N GLN D 466 -7.44 37.73 -1.95
CA GLN D 466 -7.12 36.73 -3.00
C GLN D 466 -5.82 37.14 -3.72
N LEU D 467 -5.69 38.40 -4.07
CA LEU D 467 -4.49 38.86 -4.85
C LEU D 467 -3.27 38.73 -3.95
N THR D 468 -3.39 39.08 -2.68
CA THR D 468 -2.26 38.99 -1.74
C THR D 468 -1.77 37.54 -1.66
N ASP D 469 -2.70 36.59 -1.47
CA ASP D 469 -2.40 35.15 -1.37
C ASP D 469 -1.71 34.70 -2.66
N LEU D 470 -2.25 35.08 -3.81
CA LEU D 470 -1.72 34.58 -5.11
C LEU D 470 -0.33 35.18 -5.35
N VAL D 471 -0.12 36.43 -4.97
CA VAL D 471 1.20 37.09 -5.12
C VAL D 471 2.21 36.34 -4.27
N HIS D 472 1.86 35.97 -3.03
CA HIS D 472 2.78 35.23 -2.14
C HIS D 472 3.08 33.85 -2.75
N LYS D 473 2.07 33.18 -3.32
CA LYS D 473 2.26 31.83 -3.91
C LYS D 473 3.16 31.98 -5.15
N MET D 474 2.95 33.01 -5.96
CA MET D 474 3.78 33.25 -7.16
C MET D 474 5.25 33.50 -6.73
N ALA D 475 5.47 34.34 -5.72
CA ALA D 475 6.84 34.64 -5.25
C ALA D 475 7.51 33.33 -4.82
N GLY D 476 6.78 32.49 -4.07
CA GLY D 476 7.33 31.19 -3.63
C GLY D 476 7.74 30.30 -4.79
N GLU D 477 6.90 30.24 -5.82
CA GLU D 477 7.17 29.39 -6.99
C GLU D 477 8.41 29.95 -7.73
N LEU D 478 8.47 31.25 -7.95
CA LEU D 478 9.62 31.83 -8.68
C LEU D 478 10.91 31.53 -7.90
N ASN D 479 10.87 31.58 -6.58
CA ASN D 479 12.05 31.31 -5.73
C ASN D 479 12.43 29.83 -5.91
N ARG D 480 11.44 28.94 -5.82
CA ARG D 480 11.66 27.49 -5.91
C ARG D 480 12.37 27.13 -7.24
N ILE D 481 11.93 27.70 -8.36
CA ILE D 481 12.47 27.32 -9.69
C ILE D 481 13.66 28.22 -10.05
N ASP D 482 14.03 29.18 -9.18
CA ASP D 482 15.21 30.06 -9.43
C ASP D 482 14.98 30.87 -10.72
N ASP D 483 13.78 31.41 -10.85
CA ASP D 483 13.41 32.28 -11.96
C ASP D 483 14.00 33.67 -11.64
N PRO D 484 14.93 34.20 -12.46
CA PRO D 484 15.55 35.47 -12.12
C PRO D 484 14.57 36.65 -12.14
N SER D 485 13.35 36.43 -12.65
CA SER D 485 12.36 37.54 -12.69
C SER D 485 11.76 37.79 -11.30
N LEU D 486 12.10 37.00 -10.30
CA LEU D 486 11.64 37.24 -8.91
C LEU D 486 12.03 38.67 -8.49
N THR D 487 13.20 39.19 -8.92
CA THR D 487 13.62 40.55 -8.51
C THR D 487 12.60 41.58 -8.99
N LYS D 488 12.28 41.51 -10.28
CA LYS D 488 11.29 42.46 -10.86
C LYS D 488 9.92 42.23 -10.20
N PHE D 489 9.55 40.98 -9.99
CA PHE D 489 8.27 40.64 -9.32
C PHE D 489 8.14 41.36 -7.97
N ASN D 490 9.20 41.32 -7.18
CA ASN D 490 9.21 41.91 -5.82
C ASN D 490 9.05 43.43 -5.93
N HIS D 491 9.57 44.06 -6.99
CA HIS D 491 9.32 45.51 -7.21
C HIS D 491 7.85 45.72 -7.58
N HIS D 492 7.37 45.02 -8.61
CA HIS D 492 6.03 45.28 -9.16
C HIS D 492 4.96 45.02 -8.09
N MET D 493 5.17 44.01 -7.25
CA MET D 493 4.11 43.54 -6.33
C MET D 493 4.42 44.00 -4.89
N LYS D 494 5.23 45.03 -4.72
CA LYS D 494 5.73 45.41 -3.38
C LYS D 494 4.56 45.71 -2.43
N ALA D 495 3.48 46.28 -2.94
CA ALA D 495 2.28 46.65 -2.13
C ALA D 495 1.69 45.39 -1.49
N PHE D 496 1.93 44.21 -2.05
CA PHE D 496 1.25 42.95 -1.61
C PHE D 496 2.19 42.02 -0.89
N LEU D 497 3.45 42.42 -0.69
CA LEU D 497 4.51 41.60 -0.06
#